data_8UAI
#
_entry.id   8UAI
#
_cell.length_a   149.168
_cell.length_b   91.093
_cell.length_c   74.854
_cell.angle_alpha   90.000
_cell.angle_beta   90.320
_cell.angle_gamma   90.000
#
_symmetry.space_group_name_H-M   'P 1 21 1'
#
loop_
_entity.id
_entity.type
_entity.pdbx_description
1 polymer '11S globulin 1'
2 polymer '11S globulin 2'
3 polymer '11S globulin 3'
4 non-polymer GLYCEROL
5 non-polymer 'CHLORIDE ION'
6 water water
#
loop_
_entity_poly.entity_id
_entity_poly.type
_entity_poly.pdbx_seq_one_letter_code
_entity_poly.pdbx_strand_id
1 'polypeptide(L)'
;IDVGLRRQQQRHFGECNLDRLNALEPTNRIEAEAGQIESWDHNDQQFQCAGVAVIRRTIEPNGLLLPQYSNAPKLIYIER
GRGITGVLFPGCPETFEDPQQQSQQGQRQGQGQSQRSEQDRHQKIRHFREGDIIALPAGVAHWIYNDGDSPVVTVSLLHT
NNYANQLDENPRHFYLAGNPDDEHQRQGQQQFGQRRRQQQHSHGEQGEQEQQGEGNNVFSGFDAEFLADAFNVDVDTARR
LQSNQDKRRNIVKVEGRLQQVRPERSRQEWERQERQERESEQERERQRRQGGRGRDVNGFEETICSLRLRENIGTRSRAD
IYTEQVGRINTVNSNTLPVLRWLQLSAERGDLQREGLYVPHWNLNAHSVVYAIRGRARVQVVDDNGNTVFDDELRQGQVL
TIPQNFAVAKRAESEGFEWVAFKTNDNAQISPLAGRTSAIRALPDDVLANAFQISRSEARRLKYNRQETTLVRSSRSSSE
RKRRSESEGRAEA
;
A,D
2 'polypeptide(L)'
;IDVGLRRQQQRHFGECNLDRLNALEPTNRKESEAGTVEKWDKNDQQFQCAGVALIRHFIERRGLLLPSFSNAPELIYVIK
GRGFQGAVIPGCPETFESNSNRSQQGQGQNSNQSQREEQDQHQKVRQIREGDILALPAGQAHWIYNDGDSQLVNVTLLDT
SNAANQLDENPRKFYLAGNPDDEHQGTGQQQFGQRRRQQQHSRGKEGEQEQQGEGTNIFSGFDQETLADSFNVDVDLARR
LQSNQDKRGKIVKVEQRLQILIPERQQQEWERQERQERESEQERERQRCQGGRGRDVNGFEETICSLRLMENIANPRNAD
IYNPQGGRISTLNSNILPVLRYLQLSAERGTLYREAIQAPHYNLNSHSVIFAIRGNGRIQVVKDNGQNIFDGELRQGQAL
TIPQNFAVIKRAGSEGFEWVAFKTNDNAQRLPLAGRNSAIRAIPEDVLINSYRISRSEARRLKFIRNETTIFSSGRSSSE
RMRRRSESEGRAEA
;
B,E
3 'polypeptide(L)'
;IDVGLRRQQQRHFGECNLDRLNVVEPTNRITSEGGTVEKWDTNQQQFQCAGVAAIRRTIEPNSEVQPNYQPAPMLIYIEK
GRGLLGVVIPGCAETYESQSHQQNKGQRASQGQSQREEQDQHQRVHRIREGDILAIPAGVVHWIYNDGDQQLVAFAVVNQ
NNKANQLDEEYRPFLLAGGQPDEHGQQGQGQKGQKQQQQAHSHGKGQKQQQQAESQNIFSGFDVELLAEAYNIPVDIVRR
QQQQDKRGNLVKLEQQQIKIIRAEQRAQEWERQERQERESEQERERQRRQGGRGRDVNGFEETICSLRLRENMTTRSQSD
IVSRQAGRINIVNQQKLPVLRYLNMSAERGHLFPDALYVPHWAQNNHRVIYVIRGNAQVQISDDNGNNVFDREIRQGNVF
TIPQFFAAISRAGSEGFEYVSIKTAGNPNKSTLAGRTSVIRAIPADVLANSFQISPEEAQRLKHNRGKQTLVLSSSRISE
RKRRSESEGRAEA
;
C,F
#
# COMPACT_ATOMS: atom_id res chain seq x y z
N HIS A 12 -16.40 5.18 -22.25
CA HIS A 12 -17.60 4.38 -22.50
C HIS A 12 -18.17 4.64 -23.91
N PHE A 13 -19.45 4.26 -24.09
CA PHE A 13 -20.17 4.50 -25.34
C PHE A 13 -21.69 4.32 -25.18
N GLY A 14 -22.26 4.89 -24.12
CA GLY A 14 -23.71 4.88 -23.94
C GLY A 14 -24.34 3.56 -23.53
N GLU A 15 -23.55 2.62 -23.00
CA GLU A 15 -24.04 1.27 -22.80
C GLU A 15 -25.13 1.18 -21.73
N CYS A 16 -25.18 2.12 -20.79
CA CYS A 16 -26.09 1.98 -19.65
C CYS A 16 -27.32 2.87 -19.76
N ASN A 17 -27.68 3.30 -20.98
CA ASN A 17 -28.88 4.09 -21.21
C ASN A 17 -30.07 3.13 -21.37
N LEU A 18 -30.58 2.65 -20.23
CA LEU A 18 -31.49 1.51 -20.20
C LEU A 18 -32.88 1.99 -19.79
N ASP A 19 -33.82 1.99 -20.74
CA ASP A 19 -35.21 2.33 -20.41
C ASP A 19 -35.91 1.21 -19.67
N ARG A 20 -35.54 -0.04 -19.94
CA ARG A 20 -36.21 -1.19 -19.35
C ARG A 20 -35.19 -2.26 -19.03
N LEU A 21 -35.37 -2.95 -17.91
CA LEU A 21 -34.59 -4.14 -17.59
C LEU A 21 -35.47 -5.37 -17.77
N ASN A 22 -34.85 -6.50 -18.07
CA ASN A 22 -35.58 -7.77 -18.21
C ASN A 22 -34.96 -8.84 -17.33
N ALA A 23 -35.83 -9.69 -16.77
CA ALA A 23 -35.39 -10.97 -16.24
C ALA A 23 -34.83 -11.82 -17.37
N LEU A 24 -33.62 -12.31 -17.19
CA LEU A 24 -32.85 -12.86 -18.29
C LEU A 24 -32.60 -14.34 -18.05
N GLU A 25 -32.77 -15.18 -19.09
CA GLU A 25 -32.43 -16.59 -18.95
C GLU A 25 -31.32 -17.02 -19.91
N PRO A 26 -30.75 -18.20 -19.72
CA PRO A 26 -29.67 -18.65 -20.62
C PRO A 26 -30.14 -18.72 -22.07
N THR A 27 -29.23 -18.35 -22.97
CA THR A 27 -29.45 -18.41 -24.41
C THR A 27 -28.58 -19.47 -25.12
N ASN A 28 -27.50 -19.91 -24.51
CA ASN A 28 -26.59 -20.88 -25.08
C ASN A 28 -26.52 -22.11 -24.18
N ARG A 29 -26.48 -23.30 -24.77
CA ARG A 29 -26.41 -24.54 -24.01
C ARG A 29 -25.50 -25.56 -24.70
N ILE A 30 -24.43 -25.96 -24.01
CA ILE A 30 -23.61 -27.13 -24.39
C ILE A 30 -24.09 -28.31 -23.57
N GLU A 31 -24.30 -29.45 -24.25
CA GLU A 31 -24.60 -30.73 -23.59
C GLU A 31 -23.39 -31.64 -23.71
N ALA A 32 -22.81 -32.00 -22.57
CA ALA A 32 -21.64 -32.86 -22.56
C ALA A 32 -21.99 -34.24 -22.02
N GLU A 33 -21.00 -35.12 -22.06
CA GLU A 33 -21.20 -36.52 -21.68
C GLU A 33 -21.69 -36.60 -20.23
N ALA A 34 -21.16 -35.73 -19.37
CA ALA A 34 -21.39 -35.83 -17.93
C ALA A 34 -21.89 -34.52 -17.34
N GLY A 35 -22.59 -33.71 -18.11
CA GLY A 35 -23.12 -32.47 -17.57
C GLY A 35 -23.41 -31.50 -18.69
N GLN A 36 -23.59 -30.24 -18.32
CA GLN A 36 -24.02 -29.25 -19.29
C GLN A 36 -23.53 -27.87 -18.85
N ILE A 37 -23.32 -26.99 -19.83
CA ILE A 37 -22.91 -25.62 -19.53
C ILE A 37 -23.88 -24.68 -20.22
N GLU A 38 -24.44 -23.76 -19.44
CA GLU A 38 -25.44 -22.83 -19.91
C GLU A 38 -24.86 -21.43 -19.78
N SER A 39 -25.13 -20.58 -20.76
CA SER A 39 -24.65 -19.21 -20.66
C SER A 39 -25.77 -18.23 -21.02
N TRP A 40 -25.82 -17.13 -20.27
CA TRP A 40 -26.66 -15.98 -20.60
C TRP A 40 -26.00 -15.19 -21.72
N ASP A 41 -26.79 -14.39 -22.44
CA ASP A 41 -26.28 -13.73 -23.64
C ASP A 41 -25.42 -12.53 -23.25
N HIS A 42 -24.09 -12.69 -23.29
CA HIS A 42 -23.22 -11.60 -22.83
C HIS A 42 -23.33 -10.35 -23.70
N ASN A 43 -23.99 -10.43 -24.86
CA ASN A 43 -24.17 -9.26 -25.70
C ASN A 43 -25.45 -8.50 -25.42
N ASP A 44 -26.28 -8.98 -24.49
CA ASP A 44 -27.44 -8.22 -24.07
C ASP A 44 -26.96 -6.90 -23.46
N GLN A 45 -27.66 -5.82 -23.80
CA GLN A 45 -27.29 -4.49 -23.31
C GLN A 45 -27.08 -4.48 -21.80
N GLN A 46 -27.92 -5.20 -21.07
CA GLN A 46 -27.82 -5.24 -19.61
C GLN A 46 -26.48 -5.77 -19.14
N PHE A 47 -25.99 -6.84 -19.76
CA PHE A 47 -24.70 -7.42 -19.38
C PHE A 47 -23.54 -6.58 -19.90
N GLN A 48 -23.72 -5.91 -21.03
CA GLN A 48 -22.66 -5.05 -21.52
C GLN A 48 -22.55 -3.79 -20.67
N CYS A 49 -23.69 -3.30 -20.16
CA CYS A 49 -23.64 -2.20 -19.21
C CYS A 49 -22.84 -2.59 -17.97
N ALA A 50 -23.03 -3.81 -17.48
CA ALA A 50 -22.34 -4.28 -16.29
C ALA A 50 -20.92 -4.77 -16.56
N GLY A 51 -20.61 -5.17 -17.80
CA GLY A 51 -19.29 -5.71 -18.11
C GLY A 51 -19.07 -7.13 -17.63
N VAL A 52 -20.06 -8.00 -17.81
CA VAL A 52 -20.04 -9.33 -17.21
C VAL A 52 -20.61 -10.34 -18.19
N ALA A 53 -20.28 -11.60 -17.96
CA ALA A 53 -20.99 -12.71 -18.57
C ALA A 53 -21.37 -13.67 -17.44
N VAL A 54 -22.44 -14.42 -17.63
CA VAL A 54 -22.93 -15.33 -16.60
C VAL A 54 -23.02 -16.73 -17.18
N ILE A 55 -22.55 -17.71 -16.40
CA ILE A 55 -22.51 -19.11 -16.79
C ILE A 55 -23.10 -19.96 -15.66
N ARG A 56 -23.75 -21.07 -16.03
CA ARG A 56 -24.21 -22.07 -15.08
C ARG A 56 -23.72 -23.43 -15.55
N ARG A 57 -22.89 -24.09 -14.74
CA ARG A 57 -22.41 -25.42 -15.07
C ARG A 57 -23.11 -26.46 -14.19
N THR A 58 -23.55 -27.55 -14.82
CA THR A 58 -24.16 -28.67 -14.11
C THR A 58 -23.28 -29.89 -14.34
N ILE A 59 -22.70 -30.42 -13.27
CA ILE A 59 -21.83 -31.58 -13.33
C ILE A 59 -22.54 -32.76 -12.69
N GLU A 60 -22.76 -33.81 -13.48
CA GLU A 60 -23.40 -35.00 -12.92
C GLU A 60 -22.44 -35.75 -12.01
N PRO A 61 -22.97 -36.59 -11.13
CA PRO A 61 -22.10 -37.46 -10.31
C PRO A 61 -21.07 -38.16 -11.17
N ASN A 62 -19.83 -38.14 -10.70
CA ASN A 62 -18.68 -38.66 -11.43
C ASN A 62 -18.35 -37.87 -12.70
N GLY A 63 -18.88 -36.67 -12.85
CA GLY A 63 -18.50 -35.83 -13.95
C GLY A 63 -17.26 -35.01 -13.63
N LEU A 64 -16.43 -34.79 -14.66
CA LEU A 64 -15.18 -34.05 -14.53
C LEU A 64 -15.20 -32.86 -15.48
N LEU A 65 -15.15 -31.65 -14.93
CA LEU A 65 -15.01 -30.45 -15.73
C LEU A 65 -13.54 -30.36 -16.12
N LEU A 66 -13.26 -30.37 -17.42
CA LEU A 66 -11.88 -30.47 -17.91
C LEU A 66 -11.03 -29.29 -17.45
N PRO A 67 -9.74 -29.53 -17.17
CA PRO A 67 -8.80 -28.44 -16.89
C PRO A 67 -8.89 -27.34 -17.93
N GLN A 68 -9.02 -26.09 -17.48
CA GLN A 68 -9.20 -24.92 -18.34
C GLN A 68 -8.90 -23.65 -17.57
N TYR A 69 -8.71 -22.56 -18.32
CA TYR A 69 -8.60 -21.21 -17.77
C TYR A 69 -9.37 -20.23 -18.65
N SER A 70 -9.67 -19.04 -18.10
CA SER A 70 -10.46 -18.08 -18.83
C SER A 70 -9.71 -16.75 -18.92
N ASN A 71 -10.12 -15.88 -19.86
CA ASN A 71 -9.56 -14.53 -19.89
C ASN A 71 -10.15 -13.61 -18.82
N ALA A 72 -11.09 -14.10 -18.02
CA ALA A 72 -11.86 -13.26 -17.12
C ALA A 72 -11.74 -13.81 -15.71
N PRO A 73 -11.58 -12.97 -14.69
CA PRO A 73 -11.82 -13.44 -13.32
C PRO A 73 -13.22 -14.01 -13.22
N LYS A 74 -13.36 -15.05 -12.40
CA LYS A 74 -14.64 -15.73 -12.25
C LYS A 74 -14.93 -15.85 -10.77
N LEU A 75 -16.16 -15.49 -10.38
CA LEU A 75 -16.66 -15.77 -9.05
C LEU A 75 -17.76 -16.82 -9.20
N ILE A 76 -17.62 -17.93 -8.48
CA ILE A 76 -18.45 -19.14 -8.68
C ILE A 76 -19.27 -19.36 -7.43
N TYR A 77 -20.59 -19.51 -7.59
CA TYR A 77 -21.47 -19.88 -6.48
C TYR A 77 -21.94 -21.31 -6.67
N ILE A 78 -21.73 -22.15 -5.65
CA ILE A 78 -22.18 -23.54 -5.69
C ILE A 78 -23.63 -23.55 -5.22
N GLU A 79 -24.55 -23.66 -6.18
CA GLU A 79 -25.96 -23.66 -5.85
C GLU A 79 -26.40 -24.99 -5.24
N ARG A 80 -25.88 -26.10 -5.76
CA ARG A 80 -26.26 -27.45 -5.38
C ARG A 80 -25.01 -28.32 -5.40
N GLY A 81 -24.94 -29.30 -4.50
CA GLY A 81 -24.01 -30.40 -4.62
C GLY A 81 -22.70 -30.18 -3.86
N ARG A 82 -21.78 -31.11 -4.07
CA ARG A 82 -20.46 -31.04 -3.45
C ARG A 82 -19.45 -31.72 -4.36
N GLY A 83 -18.20 -31.32 -4.25
CA GLY A 83 -17.17 -31.94 -5.06
C GLY A 83 -15.83 -31.36 -4.73
N ILE A 84 -14.92 -31.48 -5.68
CA ILE A 84 -13.56 -31.04 -5.44
C ILE A 84 -13.08 -30.24 -6.64
N THR A 85 -12.17 -29.32 -6.37
CA THR A 85 -11.62 -28.49 -7.43
C THR A 85 -10.11 -28.46 -7.25
N GLY A 86 -9.41 -28.57 -8.37
CA GLY A 86 -7.97 -28.43 -8.39
C GLY A 86 -7.66 -27.14 -9.11
N VAL A 87 -7.22 -26.13 -8.37
CA VAL A 87 -6.78 -24.86 -8.94
C VAL A 87 -5.27 -24.92 -9.09
N LEU A 88 -4.77 -24.54 -10.25
CA LEU A 88 -3.41 -24.82 -10.66
C LEU A 88 -2.62 -23.52 -10.64
N PHE A 89 -1.83 -23.33 -9.59
CA PHE A 89 -1.04 -22.10 -9.46
C PHE A 89 0.36 -22.32 -10.02
N PRO A 90 0.82 -21.50 -10.98
CA PRO A 90 2.08 -21.80 -11.65
C PRO A 90 3.26 -21.70 -10.69
N GLY A 91 4.11 -22.71 -10.70
CA GLY A 91 5.33 -22.63 -9.93
C GLY A 91 5.19 -22.95 -8.45
N CYS A 92 3.96 -23.08 -7.93
CA CYS A 92 3.79 -23.47 -6.54
C CYS A 92 4.09 -24.96 -6.38
N PRO A 93 4.59 -25.37 -5.22
CA PRO A 93 4.97 -26.78 -5.07
C PRO A 93 3.73 -27.65 -4.93
N GLU A 94 3.87 -28.90 -5.38
CA GLU A 94 2.85 -29.91 -5.16
C GLU A 94 2.99 -30.42 -3.74
N THR A 95 1.95 -30.21 -2.91
CA THR A 95 2.05 -30.56 -1.49
C THR A 95 1.08 -31.66 -1.08
N PHE A 96 0.35 -32.26 -2.01
CA PHE A 96 -0.47 -33.44 -1.72
C PHE A 96 0.23 -34.62 -2.40
N GLU A 97 0.75 -35.55 -1.61
CA GLU A 97 1.55 -36.61 -2.22
C GLU A 97 1.35 -37.95 -1.53
N ASP A 98 1.35 -39.00 -2.35
CA ASP A 98 1.37 -40.36 -1.87
C ASP A 98 2.66 -40.62 -1.08
N PRO A 99 2.63 -41.49 -0.08
CA PRO A 99 3.83 -41.70 0.72
C PRO A 99 4.93 -42.31 -0.13
N GLN A 100 6.15 -41.91 0.18
CA GLN A 100 7.30 -42.37 -0.56
C GLN A 100 7.49 -43.87 -0.34
N GLN A 101 7.62 -44.60 -1.45
CA GLN A 101 7.75 -46.06 -1.39
C GLN A 101 9.21 -46.44 -1.56
N GLN A 119 1.50 -44.32 -6.95
CA GLN A 119 2.22 -43.17 -6.40
C GLN A 119 1.98 -41.91 -7.23
N ASP A 120 1.43 -40.88 -6.60
CA ASP A 120 1.15 -39.62 -7.26
C ASP A 120 1.41 -38.48 -6.30
N ARG A 121 1.61 -37.30 -6.89
CA ARG A 121 1.76 -36.04 -6.18
C ARG A 121 1.15 -34.95 -7.04
N HIS A 122 0.40 -34.04 -6.43
CA HIS A 122 -0.20 -32.93 -7.17
C HIS A 122 -0.43 -31.76 -6.22
N GLN A 123 -1.03 -30.69 -6.75
CA GLN A 123 -1.28 -29.53 -5.91
C GLN A 123 -2.48 -29.79 -5.00
N LYS A 124 -2.67 -28.92 -4.02
CA LYS A 124 -3.67 -29.19 -3.01
C LYS A 124 -5.07 -29.25 -3.63
N ILE A 125 -5.89 -30.10 -3.06
CA ILE A 125 -7.27 -30.28 -3.45
C ILE A 125 -8.14 -29.42 -2.56
N ARG A 126 -9.12 -28.73 -3.14
CA ARG A 126 -10.11 -27.99 -2.36
C ARG A 126 -11.47 -28.66 -2.51
N HIS A 127 -12.19 -28.78 -1.40
CA HIS A 127 -13.54 -29.34 -1.43
C HIS A 127 -14.55 -28.21 -1.29
N PHE A 128 -15.58 -28.24 -2.13
CA PHE A 128 -16.63 -27.25 -2.07
C PHE A 128 -17.95 -27.95 -1.80
N ARG A 129 -18.93 -27.15 -1.36
CA ARG A 129 -20.27 -27.65 -1.11
C ARG A 129 -21.25 -26.50 -1.31
N GLU A 130 -22.53 -26.85 -1.27
CA GLU A 130 -23.60 -25.88 -1.50
C GLU A 130 -23.39 -24.65 -0.62
N GLY A 131 -23.51 -23.47 -1.22
CA GLY A 131 -23.32 -22.21 -0.51
C GLY A 131 -21.91 -21.64 -0.59
N ASP A 132 -20.95 -22.39 -1.12
CA ASP A 132 -19.59 -21.89 -1.20
C ASP A 132 -19.47 -20.93 -2.36
N ILE A 133 -18.59 -19.95 -2.19
CA ILE A 133 -18.18 -19.03 -3.23
C ILE A 133 -16.75 -19.45 -3.58
N ILE A 134 -16.43 -19.51 -4.87
CA ILE A 134 -15.05 -19.77 -5.31
C ILE A 134 -14.60 -18.64 -6.22
N ALA A 135 -13.40 -18.12 -5.97
CA ALA A 135 -12.81 -17.05 -6.76
C ALA A 135 -11.66 -17.63 -7.58
N LEU A 136 -11.74 -17.49 -8.89
CA LEU A 136 -10.65 -17.94 -9.78
C LEU A 136 -10.09 -16.75 -10.55
N PRO A 137 -8.87 -16.33 -10.27
CA PRO A 137 -8.29 -15.20 -11.00
C PRO A 137 -8.18 -15.51 -12.48
N ALA A 138 -8.14 -14.46 -13.29
CA ALA A 138 -8.00 -14.64 -14.73
C ALA A 138 -6.71 -15.40 -15.06
N GLY A 139 -6.81 -16.32 -16.02
CA GLY A 139 -5.65 -17.06 -16.51
C GLY A 139 -5.19 -18.19 -15.62
N VAL A 140 -5.87 -18.45 -14.51
CA VAL A 140 -5.49 -19.52 -13.61
C VAL A 140 -6.28 -20.76 -14.01
N ALA A 141 -5.58 -21.85 -14.33
CA ALA A 141 -6.31 -23.04 -14.76
C ALA A 141 -6.91 -23.77 -13.56
N HIS A 142 -7.96 -24.57 -13.83
CA HIS A 142 -8.62 -25.34 -12.78
C HIS A 142 -9.41 -26.48 -13.41
N TRP A 143 -9.72 -27.49 -12.60
CA TRP A 143 -10.62 -28.58 -12.97
C TRP A 143 -11.53 -28.82 -11.77
N ILE A 144 -12.65 -29.49 -12.01
CA ILE A 144 -13.68 -29.69 -11.00
C ILE A 144 -14.25 -31.08 -11.21
N TYR A 145 -14.45 -31.81 -10.10
CA TYR A 145 -15.01 -33.16 -10.15
C TYR A 145 -16.15 -33.28 -9.15
N ASN A 146 -17.23 -33.93 -9.56
CA ASN A 146 -18.36 -34.20 -8.68
C ASN A 146 -18.21 -35.62 -8.14
N ASP A 147 -17.69 -35.73 -6.92
CA ASP A 147 -17.55 -37.02 -6.25
C ASP A 147 -18.71 -37.32 -5.31
N GLY A 148 -19.78 -36.53 -5.35
CA GLY A 148 -20.98 -36.80 -4.60
C GLY A 148 -22.01 -37.57 -5.42
N ASP A 149 -23.20 -37.70 -4.85
CA ASP A 149 -24.25 -38.50 -5.47
C ASP A 149 -25.37 -37.67 -6.06
N SER A 150 -25.31 -36.35 -5.95
CA SER A 150 -26.27 -35.45 -6.56
C SER A 150 -25.54 -34.52 -7.53
N PRO A 151 -26.24 -33.91 -8.48
CA PRO A 151 -25.58 -33.03 -9.43
C PRO A 151 -25.01 -31.80 -8.75
N VAL A 152 -23.87 -31.35 -9.26
CA VAL A 152 -23.29 -30.08 -8.85
C VAL A 152 -23.81 -29.01 -9.79
N VAL A 153 -24.24 -27.88 -9.23
CA VAL A 153 -24.73 -26.75 -10.02
C VAL A 153 -23.98 -25.52 -9.56
N THR A 154 -23.23 -24.91 -10.47
CA THR A 154 -22.46 -23.72 -10.16
C THR A 154 -22.89 -22.58 -11.06
N VAL A 155 -23.16 -21.43 -10.45
CA VAL A 155 -23.47 -20.21 -11.18
C VAL A 155 -22.26 -19.32 -11.04
N SER A 156 -21.73 -18.85 -12.17
CA SER A 156 -20.46 -18.15 -12.21
C SER A 156 -20.66 -16.78 -12.81
N LEU A 157 -20.03 -15.77 -12.20
CA LEU A 157 -19.95 -14.47 -12.83
C LEU A 157 -18.56 -14.34 -13.44
N LEU A 158 -18.51 -14.12 -14.74
CA LEU A 158 -17.26 -13.83 -15.44
C LEU A 158 -17.17 -12.32 -15.64
N HIS A 159 -16.20 -11.68 -14.98
CA HIS A 159 -16.05 -10.22 -15.07
C HIS A 159 -15.18 -9.88 -16.27
N THR A 160 -15.80 -9.79 -17.45
CA THR A 160 -15.02 -9.58 -18.67
C THR A 160 -14.40 -8.19 -18.73
N ASN A 161 -15.03 -7.19 -18.11
CA ASN A 161 -14.54 -5.83 -18.17
C ASN A 161 -13.51 -5.55 -17.07
N ASN A 162 -12.99 -6.59 -16.45
CA ASN A 162 -12.00 -6.48 -15.38
C ASN A 162 -10.63 -6.05 -15.93
N TYR A 163 -9.89 -5.27 -15.12
CA TYR A 163 -8.55 -4.84 -15.51
C TYR A 163 -7.64 -6.01 -15.87
N ALA A 164 -7.86 -7.19 -15.27
CA ALA A 164 -6.96 -8.31 -15.52
C ALA A 164 -7.10 -8.87 -16.94
N ASN A 165 -8.18 -8.52 -17.64
CA ASN A 165 -8.46 -9.06 -18.97
C ASN A 165 -8.05 -8.00 -20.00
N GLN A 166 -6.81 -8.09 -20.52
CA GLN A 166 -6.37 -7.25 -21.62
C GLN A 166 -6.67 -7.83 -23.01
N LEU A 167 -7.39 -8.96 -23.10
CA LEU A 167 -7.47 -9.66 -24.40
C LEU A 167 -8.71 -9.29 -25.23
N ASP A 168 -9.90 -9.38 -24.65
CA ASP A 168 -11.12 -9.36 -25.43
C ASP A 168 -12.27 -9.14 -24.47
N GLU A 169 -13.20 -8.26 -24.83
CA GLU A 169 -14.38 -8.06 -23.99
C GLU A 169 -15.24 -9.31 -23.92
N ASN A 170 -15.13 -10.18 -24.91
CA ASN A 170 -15.94 -11.39 -24.95
C ASN A 170 -15.32 -12.44 -24.03
N PRO A 171 -16.14 -13.29 -23.41
CA PRO A 171 -15.58 -14.34 -22.52
C PRO A 171 -15.01 -15.48 -23.35
N ARG A 172 -13.81 -15.92 -23.00
CA ARG A 172 -13.12 -16.98 -23.73
C ARG A 172 -12.63 -18.04 -22.75
N HIS A 173 -12.61 -19.30 -23.22
CA HIS A 173 -12.22 -20.42 -22.37
C HIS A 173 -11.19 -21.25 -23.12
N PHE A 174 -10.01 -21.40 -22.52
CA PHE A 174 -8.88 -22.15 -23.06
C PHE A 174 -8.82 -23.49 -22.33
N TYR A 175 -9.11 -24.57 -23.04
CA TYR A 175 -9.12 -25.90 -22.42
C TYR A 175 -7.72 -26.51 -22.53
N LEU A 176 -7.29 -27.17 -21.47
CA LEU A 176 -6.01 -27.88 -21.48
C LEU A 176 -6.13 -29.32 -21.94
N ALA A 177 -7.36 -29.83 -22.04
CA ALA A 177 -7.59 -31.24 -22.32
C ALA A 177 -8.98 -31.39 -22.94
N GLY A 178 -9.24 -32.56 -23.52
CA GLY A 178 -10.54 -32.82 -24.07
C GLY A 178 -10.79 -32.01 -25.34
N ASN A 179 -12.04 -32.07 -25.80
CA ASN A 179 -12.46 -31.44 -27.06
C ASN A 179 -13.74 -30.65 -26.77
N PRO A 180 -13.62 -29.48 -26.12
CA PRO A 180 -14.82 -28.75 -25.70
C PRO A 180 -15.55 -28.13 -26.88
N ASP A 181 -16.86 -27.91 -26.68
CA ASP A 181 -17.59 -26.99 -27.52
C ASP A 181 -17.55 -25.61 -26.87
N ASP A 182 -17.77 -24.57 -27.66
CA ASP A 182 -17.63 -23.21 -27.17
C ASP A 182 -18.84 -22.86 -26.31
N GLU A 183 -18.57 -22.51 -25.05
CA GLU A 183 -19.58 -22.21 -24.03
C GLU A 183 -20.45 -21.01 -24.37
N HIS A 184 -20.07 -20.20 -25.35
CA HIS A 184 -20.80 -18.96 -25.58
C HIS A 184 -21.33 -18.90 -27.00
N GLN A 185 -22.05 -19.95 -27.39
CA GLN A 185 -22.67 -20.09 -28.69
C GLN A 185 -24.06 -20.64 -28.49
N ARG A 186 -25.00 -20.21 -29.34
CA ARG A 186 -26.35 -20.78 -29.35
C ARG A 186 -26.42 -21.93 -30.35
N GLN A 211 -0.64 -33.93 -38.11
CA GLN A 211 0.34 -33.27 -37.24
C GLN A 211 -0.33 -32.29 -36.27
N GLN A 212 -1.23 -31.47 -36.80
CA GLN A 212 -1.99 -30.58 -35.93
C GLN A 212 -3.35 -31.19 -35.63
N GLY A 213 -4.08 -30.50 -34.75
CA GLY A 213 -5.28 -31.05 -34.16
C GLY A 213 -6.56 -30.65 -34.87
N GLU A 214 -7.55 -31.52 -34.77
CA GLU A 214 -8.94 -31.14 -34.98
C GLU A 214 -9.61 -30.73 -33.67
N GLY A 215 -9.03 -31.13 -32.54
CA GLY A 215 -9.57 -30.86 -31.24
C GLY A 215 -9.63 -29.37 -30.95
N ASN A 216 -10.21 -29.02 -29.80
CA ASN A 216 -10.45 -27.63 -29.47
C ASN A 216 -9.71 -27.18 -28.22
N ASN A 217 -8.83 -28.02 -27.67
CA ASN A 217 -8.01 -27.55 -26.56
C ASN A 217 -6.72 -26.94 -27.12
N VAL A 218 -5.95 -26.27 -26.24
CA VAL A 218 -4.81 -25.49 -26.73
C VAL A 218 -3.73 -26.39 -27.34
N PHE A 219 -3.53 -27.60 -26.81
CA PHE A 219 -2.57 -28.52 -27.40
C PHE A 219 -2.89 -28.84 -28.86
N SER A 220 -4.16 -28.76 -29.25
CA SER A 220 -4.53 -29.02 -30.63
C SER A 220 -3.98 -27.99 -31.59
N GLY A 221 -3.55 -26.82 -31.10
CA GLY A 221 -2.92 -25.83 -31.94
C GLY A 221 -1.43 -25.99 -32.14
N PHE A 222 -0.82 -27.01 -31.56
CA PHE A 222 0.60 -27.27 -31.72
C PHE A 222 0.83 -28.55 -32.51
N ASP A 223 1.94 -28.60 -33.21
CA ASP A 223 2.33 -29.85 -33.86
C ASP A 223 2.63 -30.91 -32.80
N ALA A 224 2.13 -32.12 -33.03
CA ALA A 224 2.32 -33.20 -32.04
C ALA A 224 3.79 -33.49 -31.79
N GLU A 225 4.62 -33.45 -32.83
CA GLU A 225 6.06 -33.67 -32.63
C GLU A 225 6.65 -32.59 -31.73
N PHE A 226 6.20 -31.34 -31.90
CA PHE A 226 6.60 -30.26 -31.01
C PHE A 226 6.26 -30.59 -29.57
N LEU A 227 5.07 -31.17 -29.34
CA LEU A 227 4.67 -31.54 -27.99
C LEU A 227 5.39 -32.78 -27.50
N ALA A 228 5.63 -33.77 -28.39
CA ALA A 228 6.36 -34.95 -27.95
C ALA A 228 7.76 -34.58 -27.49
N ASP A 229 8.38 -33.63 -28.18
CA ASP A 229 9.70 -33.16 -27.81
C ASP A 229 9.67 -32.45 -26.45
N ALA A 230 8.76 -31.47 -26.28
CA ALA A 230 8.67 -30.73 -25.03
C ALA A 230 8.40 -31.66 -23.84
N PHE A 231 7.45 -32.59 -23.98
CA PHE A 231 7.15 -33.47 -22.88
C PHE A 231 8.11 -34.64 -22.79
N ASN A 232 8.96 -34.84 -23.81
CA ASN A 232 9.86 -35.99 -23.83
C ASN A 232 9.08 -37.30 -23.75
N VAL A 233 8.01 -37.40 -24.55
CA VAL A 233 7.23 -38.61 -24.70
C VAL A 233 7.17 -38.99 -26.18
N ASP A 234 6.80 -40.24 -26.45
CA ASP A 234 6.58 -40.66 -27.82
C ASP A 234 5.45 -39.86 -28.45
N VAL A 235 5.48 -39.75 -29.78
CA VAL A 235 4.51 -38.91 -30.47
C VAL A 235 3.11 -39.51 -30.37
N ASP A 236 3.01 -40.82 -30.16
CA ASP A 236 1.73 -41.42 -29.84
C ASP A 236 1.07 -40.70 -28.66
N THR A 237 1.74 -40.69 -27.51
CA THR A 237 1.20 -40.01 -26.35
C THR A 237 0.92 -38.55 -26.65
N ALA A 238 1.90 -37.84 -27.21
CA ALA A 238 1.72 -36.41 -27.43
C ALA A 238 0.48 -36.13 -28.27
N ARG A 239 0.26 -36.94 -29.30
CA ARG A 239 -0.91 -36.72 -30.14
C ARG A 239 -2.21 -36.85 -29.35
N ARG A 240 -2.20 -37.65 -28.27
CA ARG A 240 -3.40 -37.80 -27.45
C ARG A 240 -3.72 -36.53 -26.65
N LEU A 241 -2.72 -35.68 -26.42
CA LEU A 241 -2.98 -34.38 -25.79
C LEU A 241 -3.99 -33.56 -26.57
N GLN A 242 -4.01 -33.71 -27.90
CA GLN A 242 -4.85 -32.88 -28.74
C GLN A 242 -6.31 -33.28 -28.71
N SER A 243 -6.61 -34.47 -28.17
CA SER A 243 -8.00 -34.93 -28.03
C SER A 243 -8.76 -34.82 -29.34
N ASN A 244 -8.13 -35.22 -30.46
CA ASN A 244 -8.78 -34.96 -31.75
C ASN A 244 -10.00 -35.85 -31.96
N GLN A 245 -10.01 -37.04 -31.35
CA GLN A 245 -11.08 -38.01 -31.51
C GLN A 245 -12.09 -37.96 -30.37
N ASP A 246 -11.98 -36.98 -29.47
CA ASP A 246 -12.72 -37.00 -28.21
C ASP A 246 -14.13 -36.45 -28.44
N LYS A 247 -15.14 -37.27 -28.19
CA LYS A 247 -16.52 -36.90 -28.49
C LYS A 247 -17.32 -36.46 -27.26
N ARG A 248 -16.66 -36.33 -26.10
CA ARG A 248 -17.36 -36.18 -24.83
C ARG A 248 -17.65 -34.72 -24.47
N ARG A 249 -17.06 -33.76 -25.19
CA ARG A 249 -17.29 -32.34 -24.95
CA ARG A 249 -17.26 -32.34 -24.97
C ARG A 249 -16.77 -31.92 -23.59
N ASN A 250 -17.39 -30.88 -22.99
CA ASN A 250 -16.68 -30.11 -21.96
C ASN A 250 -16.61 -30.77 -20.60
N ILE A 251 -17.53 -31.67 -20.27
CA ILE A 251 -17.60 -32.31 -18.96
C ILE A 251 -17.71 -33.81 -19.20
N VAL A 252 -16.77 -34.58 -18.66
CA VAL A 252 -16.60 -35.96 -19.09
C VAL A 252 -16.86 -36.91 -17.94
N LYS A 253 -17.33 -38.11 -18.27
CA LYS A 253 -17.70 -39.09 -17.25
C LYS A 253 -16.47 -39.88 -16.83
N VAL A 254 -16.22 -39.93 -15.53
CA VAL A 254 -15.19 -40.80 -14.97
C VAL A 254 -15.80 -42.17 -14.67
N GLU A 255 -15.18 -43.22 -15.18
CA GLU A 255 -15.58 -44.57 -14.83
C GLU A 255 -14.78 -45.01 -13.61
N GLY A 256 -15.48 -45.44 -12.58
CA GLY A 256 -14.85 -45.79 -11.33
C GLY A 256 -14.53 -44.58 -10.48
N ARG A 257 -13.84 -44.85 -9.38
CA ARG A 257 -13.42 -43.78 -8.49
C ARG A 257 -12.31 -42.99 -9.13
N LEU A 258 -12.40 -41.67 -9.04
CA LEU A 258 -11.27 -40.80 -9.40
C LEU A 258 -10.23 -40.92 -8.31
N GLN A 259 -9.05 -41.43 -8.68
CA GLN A 259 -7.96 -41.60 -7.72
C GLN A 259 -7.20 -40.30 -7.53
N GLN A 260 -7.06 -39.92 -6.27
CA GLN A 260 -6.50 -38.64 -5.89
C GLN A 260 -5.83 -38.79 -4.54
N VAL A 261 -4.79 -38.00 -4.29
CA VAL A 261 -4.31 -37.90 -2.92
C VAL A 261 -5.19 -36.88 -2.22
N ARG A 262 -5.91 -37.32 -1.19
CA ARG A 262 -6.76 -36.41 -0.43
C ARG A 262 -7.22 -37.11 0.83
N PRO A 263 -7.56 -36.35 1.85
CA PRO A 263 -8.03 -36.92 3.13
C PRO A 263 -9.50 -37.33 3.06
N GLU A 264 -9.73 -38.45 2.38
CA GLU A 264 -11.09 -38.90 2.07
C GLU A 264 -11.88 -39.21 3.34
N ARG A 265 -11.41 -40.17 4.14
CA ARG A 265 -12.16 -40.52 5.35
C ARG A 265 -12.26 -39.35 6.31
N SER A 266 -11.24 -38.48 6.34
CA SER A 266 -11.28 -37.33 7.24
C SER A 266 -12.39 -36.37 6.84
N ARG A 267 -12.47 -36.07 5.53
CA ARG A 267 -13.52 -35.20 5.03
C ARG A 267 -14.89 -35.75 5.42
N GLN A 268 -15.11 -37.04 5.16
CA GLN A 268 -16.41 -37.65 5.42
C GLN A 268 -16.84 -37.50 6.88
N GLU A 269 -15.95 -37.79 7.83
CA GLU A 269 -16.29 -37.64 9.24
C GLU A 269 -16.58 -36.18 9.59
N TRP A 270 -15.76 -35.25 9.10
CA TRP A 270 -15.99 -33.81 9.35
C TRP A 270 -17.35 -33.36 8.87
N GLU A 271 -17.75 -33.79 7.68
CA GLU A 271 -19.08 -33.42 7.20
C GLU A 271 -20.18 -34.10 8.01
N ARG A 272 -19.99 -35.35 8.41
CA ARG A 272 -21.03 -36.01 9.23
C ARG A 272 -21.13 -35.38 10.60
N GLN A 273 -20.00 -35.07 11.25
CA GLN A 273 -20.08 -34.38 12.52
C GLN A 273 -20.82 -33.05 12.37
N GLU A 274 -20.50 -32.29 11.32
CA GLU A 274 -21.17 -31.02 11.11
C GLU A 274 -22.68 -31.21 10.98
N ARG A 275 -23.12 -32.16 10.14
CA ARG A 275 -24.56 -32.43 10.00
C ARG A 275 -25.18 -32.93 11.30
N GLN A 276 -24.42 -33.65 12.14
CA GLN A 276 -24.99 -34.04 13.42
C GLN A 276 -25.22 -32.84 14.33
N GLU A 277 -24.41 -31.79 14.17
CA GLU A 277 -24.62 -30.57 14.95
C GLU A 277 -25.93 -29.91 14.53
N ARG A 278 -26.15 -29.75 13.22
CA ARG A 278 -27.38 -29.12 12.74
C ARG A 278 -28.60 -29.90 13.19
N GLU A 279 -28.52 -31.24 13.15
CA GLU A 279 -29.65 -32.05 13.59
C GLU A 279 -29.81 -32.01 15.10
N SER A 280 -28.70 -31.94 15.84
CA SER A 280 -28.81 -31.79 17.29
C SER A 280 -29.50 -30.47 17.65
N GLU A 281 -29.21 -29.40 16.91
CA GLU A 281 -29.91 -28.13 17.15
C GLU A 281 -31.41 -28.28 16.89
N GLN A 282 -31.78 -28.83 15.74
CA GLN A 282 -33.18 -29.06 15.41
C GLN A 282 -33.74 -30.27 16.17
N GLY A 299 7.89 -22.64 3.37
CA GLY A 299 8.15 -21.33 2.77
C GLY A 299 6.91 -20.67 2.17
N PHE A 300 7.05 -20.17 0.93
CA PHE A 300 5.95 -19.46 0.27
C PHE A 300 4.78 -20.36 -0.08
N GLU A 301 4.94 -21.69 0.02
CA GLU A 301 3.81 -22.60 -0.16
C GLU A 301 2.88 -22.59 1.05
N GLU A 302 3.25 -21.91 2.14
CA GLU A 302 2.34 -21.71 3.27
C GLU A 302 1.45 -20.50 3.07
N THR A 303 1.88 -19.55 2.24
CA THR A 303 1.20 -18.27 2.10
C THR A 303 0.64 -18.17 0.69
N ILE A 304 1.33 -17.54 -0.26
CA ILE A 304 0.70 -17.21 -1.54
C ILE A 304 0.23 -18.48 -2.24
N CYS A 305 1.03 -19.53 -2.19
CA CYS A 305 0.64 -20.77 -2.83
C CYS A 305 -0.49 -21.48 -2.08
N SER A 306 -0.92 -20.96 -0.93
CA SER A 306 -2.09 -21.50 -0.24
C SER A 306 -3.15 -20.43 0.05
N LEU A 307 -3.01 -19.24 -0.53
CA LEU A 307 -4.11 -18.31 -0.75
C LEU A 307 -5.47 -19.00 -0.69
N ARG A 308 -6.38 -18.54 0.18
CA ARG A 308 -7.71 -19.13 0.22
C ARG A 308 -8.52 -18.60 -0.95
N LEU A 309 -9.32 -19.48 -1.55
CA LEU A 309 -10.11 -19.12 -2.70
C LEU A 309 -11.58 -19.39 -2.51
N ARG A 310 -11.98 -20.00 -1.39
CA ARG A 310 -13.36 -20.39 -1.16
C ARG A 310 -13.85 -19.84 0.17
N GLU A 311 -15.11 -19.43 0.20
CA GLU A 311 -15.76 -19.02 1.44
C GLU A 311 -17.22 -19.45 1.36
N ASN A 312 -17.72 -20.03 2.44
CA ASN A 312 -19.11 -20.47 2.45
C ASN A 312 -19.99 -19.28 2.83
N ILE A 313 -20.79 -18.82 1.87
CA ILE A 313 -21.66 -17.67 2.04
C ILE A 313 -23.11 -18.08 2.31
N GLY A 314 -23.50 -19.30 1.96
CA GLY A 314 -24.88 -19.72 2.08
C GLY A 314 -25.20 -20.21 3.47
N THR A 315 -24.19 -20.68 4.18
CA THR A 315 -24.34 -21.29 5.50
C THR A 315 -25.44 -20.62 6.32
N ARG A 316 -26.49 -21.39 6.62
CA ARG A 316 -27.67 -20.85 7.26
C ARG A 316 -27.37 -20.21 8.61
N SER A 317 -26.23 -20.56 9.21
CA SER A 317 -25.84 -19.99 10.50
C SER A 317 -25.26 -18.59 10.38
N ARG A 318 -24.82 -18.21 9.20
CA ARG A 318 -24.04 -16.98 9.01
C ARG A 318 -24.92 -15.86 8.46
N ALA A 319 -24.74 -14.67 9.02
CA ALA A 319 -25.38 -13.49 8.50
C ALA A 319 -24.59 -12.25 8.86
N ASP A 320 -24.60 -11.28 7.95
CA ASP A 320 -24.14 -9.94 8.22
C ASP A 320 -25.27 -9.01 8.61
N ILE A 321 -26.47 -9.29 8.12
CA ILE A 321 -27.69 -8.59 8.49
C ILE A 321 -28.72 -9.68 8.72
N TYR A 322 -29.52 -9.54 9.77
CA TYR A 322 -30.46 -10.60 10.10
C TYR A 322 -31.67 -9.97 10.77
N THR A 323 -32.86 -10.21 10.21
CA THR A 323 -34.11 -9.85 10.86
C THR A 323 -34.87 -11.16 11.12
N GLU A 324 -34.97 -11.53 12.40
CA GLU A 324 -35.58 -12.78 12.77
C GLU A 324 -36.99 -12.87 12.20
N GLN A 325 -37.33 -14.04 11.66
CA GLN A 325 -38.59 -14.36 10.99
C GLN A 325 -38.73 -13.64 9.65
N VAL A 326 -37.73 -12.88 9.21
CA VAL A 326 -37.90 -12.06 8.01
C VAL A 326 -36.86 -12.43 6.94
N GLY A 327 -35.58 -12.37 7.26
CA GLY A 327 -34.58 -12.70 6.27
C GLY A 327 -33.18 -12.46 6.77
N ARG A 328 -32.21 -12.84 5.95
CA ARG A 328 -30.81 -12.61 6.26
C ARG A 328 -30.05 -12.30 4.97
N ILE A 329 -28.98 -11.54 5.12
CA ILE A 329 -28.03 -11.26 4.05
C ILE A 329 -26.64 -11.59 4.57
N ASN A 330 -25.88 -12.37 3.79
CA ASN A 330 -24.49 -12.71 4.09
C ASN A 330 -23.61 -12.27 2.93
N THR A 331 -22.46 -11.66 3.25
CA THR A 331 -21.59 -11.06 2.24
C THR A 331 -20.18 -11.63 2.28
N VAL A 332 -19.56 -11.73 1.11
CA VAL A 332 -18.14 -12.02 1.00
C VAL A 332 -17.48 -10.89 0.21
N ASN A 333 -16.42 -10.31 0.76
CA ASN A 333 -15.70 -9.26 0.07
C ASN A 333 -14.23 -9.36 0.47
N SER A 334 -13.44 -8.34 0.10
CA SER A 334 -12.00 -8.44 0.35
C SER A 334 -11.66 -8.38 1.83
N ASN A 335 -12.58 -7.95 2.70
CA ASN A 335 -12.33 -7.99 4.14
C ASN A 335 -12.67 -9.35 4.75
N THR A 336 -13.10 -10.31 3.94
CA THR A 336 -13.34 -11.65 4.47
C THR A 336 -12.58 -12.68 3.62
N LEU A 337 -12.47 -12.45 2.31
CA LEU A 337 -11.75 -13.36 1.41
C LEU A 337 -10.66 -12.59 0.69
N PRO A 338 -9.41 -12.65 1.14
CA PRO A 338 -8.38 -11.71 0.65
C PRO A 338 -8.20 -11.66 -0.88
N VAL A 339 -8.34 -12.80 -1.56
CA VAL A 339 -8.07 -12.84 -3.01
C VAL A 339 -8.98 -11.87 -3.76
N LEU A 340 -10.17 -11.59 -3.24
CA LEU A 340 -11.11 -10.68 -3.90
C LEU A 340 -10.54 -9.27 -4.05
N ARG A 341 -9.58 -8.88 -3.21
CA ARG A 341 -8.97 -7.56 -3.37
CA ARG A 341 -8.97 -7.56 -3.38
C ARG A 341 -8.38 -7.40 -4.77
N TRP A 342 -7.88 -8.49 -5.35
CA TRP A 342 -7.30 -8.45 -6.68
C TRP A 342 -8.26 -8.85 -7.78
N LEU A 343 -9.31 -9.62 -7.46
CA LEU A 343 -10.38 -9.84 -8.44
C LEU A 343 -11.30 -8.63 -8.56
N GLN A 344 -11.42 -7.80 -7.52
CA GLN A 344 -12.33 -6.67 -7.56
C GLN A 344 -13.78 -7.12 -7.72
N LEU A 345 -14.14 -8.19 -7.03
CA LEU A 345 -15.49 -8.76 -7.06
C LEU A 345 -15.90 -9.06 -5.64
N SER A 346 -17.21 -9.08 -5.41
CA SER A 346 -17.73 -9.55 -4.14
C SER A 346 -19.09 -10.17 -4.39
N ALA A 347 -19.71 -10.66 -3.32
CA ALA A 347 -20.96 -11.35 -3.54
C ALA A 347 -21.78 -11.27 -2.25
N GLU A 348 -23.08 -11.41 -2.41
CA GLU A 348 -23.98 -11.41 -1.27
C GLU A 348 -24.99 -12.51 -1.48
N ARG A 349 -25.34 -13.20 -0.40
CA ARG A 349 -26.34 -14.26 -0.43
C ARG A 349 -27.52 -13.78 0.41
N GLY A 350 -28.72 -13.80 -0.17
CA GLY A 350 -29.92 -13.32 0.52
C GLY A 350 -30.99 -14.41 0.65
N ASP A 351 -31.70 -14.38 1.78
CA ASP A 351 -32.82 -15.28 2.06
C ASP A 351 -33.92 -14.42 2.69
N LEU A 352 -35.08 -14.37 2.07
CA LEU A 352 -36.25 -13.66 2.59
C LEU A 352 -37.37 -14.66 2.80
N GLN A 353 -37.99 -14.63 3.99
CA GLN A 353 -39.19 -15.42 4.22
C GLN A 353 -40.37 -14.72 3.56
N ARG A 354 -41.56 -15.33 3.63
CA ARG A 354 -42.71 -14.74 2.96
C ARG A 354 -43.00 -13.36 3.54
N GLU A 355 -43.31 -12.41 2.65
CA GLU A 355 -43.57 -11.02 3.00
C GLU A 355 -42.32 -10.25 3.39
N GLY A 356 -41.17 -10.93 3.46
CA GLY A 356 -39.93 -10.23 3.74
C GLY A 356 -39.65 -9.14 2.71
N LEU A 357 -39.01 -8.07 3.15
CA LEU A 357 -38.78 -6.92 2.30
C LEU A 357 -37.33 -6.46 2.42
N TYR A 358 -36.62 -6.44 1.30
CA TYR A 358 -35.33 -5.78 1.16
C TYR A 358 -35.66 -4.33 0.77
N VAL A 359 -35.52 -3.40 1.72
CA VAL A 359 -36.04 -2.04 1.54
C VAL A 359 -35.34 -1.34 0.38
N PRO A 360 -35.90 -0.27 -0.16
CA PRO A 360 -35.22 0.44 -1.25
C PRO A 360 -33.81 0.84 -0.86
N HIS A 361 -32.86 0.51 -1.73
CA HIS A 361 -31.44 0.81 -1.51
C HIS A 361 -30.77 1.01 -2.86
N TRP A 362 -29.54 1.55 -2.84
CA TRP A 362 -28.73 1.61 -4.06
C TRP A 362 -27.32 1.12 -3.76
N ASN A 363 -26.69 0.59 -4.81
CA ASN A 363 -25.31 0.14 -4.76
C ASN A 363 -24.43 1.33 -5.16
N LEU A 364 -23.58 1.79 -4.23
CA LEU A 364 -22.81 3.01 -4.48
C LEU A 364 -21.74 2.81 -5.54
N ASN A 365 -21.10 1.62 -5.55
CA ASN A 365 -19.81 1.46 -6.23
C ASN A 365 -19.73 0.15 -7.01
N ALA A 366 -20.85 -0.42 -7.43
CA ALA A 366 -20.85 -1.73 -8.08
C ALA A 366 -22.19 -1.93 -8.77
N HIS A 367 -22.16 -2.65 -9.88
CA HIS A 367 -23.37 -3.29 -10.35
C HIS A 367 -23.67 -4.50 -9.46
N SER A 368 -24.94 -4.88 -9.41
CA SER A 368 -25.35 -6.08 -8.67
C SER A 368 -26.03 -7.05 -9.63
N VAL A 369 -25.40 -8.19 -9.87
CA VAL A 369 -25.95 -9.17 -10.81
C VAL A 369 -26.62 -10.26 -10.00
N VAL A 370 -27.95 -10.27 -10.03
CA VAL A 370 -28.74 -11.02 -9.07
C VAL A 370 -29.21 -12.32 -9.73
N TYR A 371 -28.93 -13.45 -9.09
CA TYR A 371 -29.34 -14.76 -9.59
C TYR A 371 -30.36 -15.34 -8.61
N ALA A 372 -31.56 -15.64 -9.11
CA ALA A 372 -32.64 -16.18 -8.28
C ALA A 372 -32.40 -17.67 -8.09
N ILE A 373 -32.06 -18.06 -6.86
CA ILE A 373 -31.82 -19.45 -6.52
C ILE A 373 -33.13 -20.21 -6.40
N ARG A 374 -34.11 -19.63 -5.71
CA ARG A 374 -35.37 -20.32 -5.50
C ARG A 374 -36.38 -19.33 -4.97
N GLY A 375 -37.66 -19.65 -5.17
CA GLY A 375 -38.73 -18.78 -4.71
C GLY A 375 -39.05 -17.70 -5.73
N ARG A 376 -39.71 -16.66 -5.25
CA ARG A 376 -40.28 -15.62 -6.09
C ARG A 376 -40.17 -14.31 -5.34
N ALA A 377 -39.88 -13.21 -6.05
CA ALA A 377 -39.92 -11.90 -5.41
C ALA A 377 -40.42 -10.86 -6.38
N ARG A 378 -41.30 -9.99 -5.91
CA ARG A 378 -41.58 -8.74 -6.62
C ARG A 378 -40.37 -7.82 -6.48
N VAL A 379 -39.82 -7.37 -7.60
CA VAL A 379 -38.63 -6.52 -7.59
C VAL A 379 -38.94 -5.26 -8.37
N GLN A 380 -38.60 -4.11 -7.80
CA GLN A 380 -38.74 -2.83 -8.49
C GLN A 380 -37.38 -2.16 -8.58
N VAL A 381 -37.04 -1.64 -9.76
CA VAL A 381 -35.80 -0.87 -9.96
C VAL A 381 -36.16 0.47 -10.58
N VAL A 382 -35.46 1.52 -10.11
CA VAL A 382 -35.76 2.91 -10.48
C VAL A 382 -34.45 3.55 -10.90
N ASP A 383 -34.49 4.37 -11.97
CA ASP A 383 -33.27 4.97 -12.49
C ASP A 383 -33.17 6.42 -12.03
N ASP A 384 -32.26 7.17 -12.64
CA ASP A 384 -32.03 8.57 -12.24
C ASP A 384 -33.16 9.51 -12.62
N ASN A 385 -34.14 9.05 -13.41
CA ASN A 385 -35.24 9.91 -13.84
C ASN A 385 -36.51 9.60 -13.05
N GLY A 386 -36.41 8.78 -12.01
CA GLY A 386 -37.60 8.36 -11.33
C GLY A 386 -38.44 7.37 -12.09
N ASN A 387 -37.90 6.78 -13.16
CA ASN A 387 -38.66 5.83 -13.97
C ASN A 387 -38.47 4.43 -13.40
N THR A 388 -39.56 3.67 -13.37
CA THR A 388 -39.53 2.27 -12.98
C THR A 388 -38.97 1.50 -14.16
N VAL A 389 -37.71 1.07 -14.07
CA VAL A 389 -37.13 0.30 -15.17
C VAL A 389 -37.32 -1.21 -14.99
N PHE A 390 -37.79 -1.65 -13.81
CA PHE A 390 -38.18 -3.04 -13.62
C PHE A 390 -39.23 -3.11 -12.53
N ASP A 391 -40.33 -3.82 -12.81
CA ASP A 391 -41.38 -4.03 -11.82
C ASP A 391 -42.08 -5.33 -12.17
N ASP A 392 -41.52 -6.44 -11.74
CA ASP A 392 -42.03 -7.74 -12.12
C ASP A 392 -41.51 -8.74 -11.10
N GLU A 393 -41.89 -10.00 -11.28
CA GLU A 393 -41.43 -11.07 -10.41
C GLU A 393 -40.14 -11.68 -10.96
N LEU A 394 -39.15 -11.81 -10.09
CA LEU A 394 -37.97 -12.62 -10.33
C LEU A 394 -38.26 -14.03 -9.84
N ARG A 395 -38.08 -15.00 -10.73
CA ARG A 395 -38.33 -16.41 -10.42
C ARG A 395 -37.03 -17.20 -10.53
N GLN A 396 -37.04 -18.39 -9.93
CA GLN A 396 -35.84 -19.19 -9.81
C GLN A 396 -35.19 -19.41 -11.17
N GLY A 397 -33.87 -19.25 -11.21
CA GLY A 397 -33.09 -19.46 -12.41
C GLY A 397 -32.98 -18.28 -13.35
N GLN A 398 -33.54 -17.13 -13.01
CA GLN A 398 -33.46 -15.93 -13.82
C GLN A 398 -32.39 -15.01 -13.26
N VAL A 399 -31.86 -14.15 -14.13
CA VAL A 399 -30.82 -13.19 -13.72
C VAL A 399 -31.33 -11.77 -13.95
N LEU A 400 -31.14 -10.91 -12.96
CA LEU A 400 -31.49 -9.51 -13.09
C LEU A 400 -30.26 -8.67 -12.77
N THR A 401 -29.91 -7.78 -13.69
CA THR A 401 -28.77 -6.89 -13.49
CA THR A 401 -28.77 -6.89 -13.49
C THR A 401 -29.28 -5.54 -13.00
N ILE A 402 -28.81 -5.13 -11.83
CA ILE A 402 -29.16 -3.83 -11.25
C ILE A 402 -27.96 -2.90 -11.48
N PRO A 403 -28.04 -1.93 -12.38
CA PRO A 403 -26.88 -1.07 -12.61
C PRO A 403 -26.48 -0.31 -11.36
N GLN A 404 -25.20 0.01 -11.28
CA GLN A 404 -24.68 0.90 -10.23
C GLN A 404 -25.60 2.11 -10.03
N ASN A 405 -25.86 2.44 -8.76
CA ASN A 405 -26.61 3.63 -8.34
C ASN A 405 -28.11 3.57 -8.61
N PHE A 406 -28.59 2.63 -9.43
CA PHE A 406 -30.04 2.49 -9.55
C PHE A 406 -30.61 1.95 -8.23
N ALA A 407 -31.82 2.39 -7.86
CA ALA A 407 -32.41 1.97 -6.60
C ALA A 407 -33.23 0.70 -6.81
N VAL A 408 -33.23 -0.19 -5.83
CA VAL A 408 -33.91 -1.47 -5.99
C VAL A 408 -34.58 -1.88 -4.68
N ALA A 409 -35.76 -2.51 -4.78
CA ALA A 409 -36.41 -3.15 -3.65
C ALA A 409 -36.91 -4.51 -4.10
N LYS A 410 -36.92 -5.47 -3.17
CA LYS A 410 -37.41 -6.82 -3.46
C LYS A 410 -38.35 -7.24 -2.36
N ARG A 411 -39.50 -7.77 -2.73
CA ARG A 411 -40.51 -8.21 -1.78
C ARG A 411 -40.79 -9.68 -2.07
N ALA A 412 -40.50 -10.55 -1.11
CA ALA A 412 -40.69 -11.99 -1.32
C ALA A 412 -42.16 -12.35 -1.45
N GLU A 413 -42.44 -13.32 -2.32
CA GLU A 413 -43.79 -13.84 -2.49
C GLU A 413 -44.03 -14.88 -1.39
N SER A 414 -45.15 -15.59 -1.47
CA SER A 414 -45.56 -16.47 -0.38
C SER A 414 -44.54 -17.60 -0.13
N GLU A 415 -43.85 -18.06 -1.17
CA GLU A 415 -42.88 -19.14 -0.97
C GLU A 415 -41.55 -18.65 -0.39
N GLY A 416 -41.34 -17.35 -0.28
CA GLY A 416 -40.03 -16.83 0.10
C GLY A 416 -39.14 -16.68 -1.12
N PHE A 417 -37.90 -16.24 -0.86
CA PHE A 417 -36.98 -15.94 -1.96
C PHE A 417 -35.54 -16.02 -1.46
N GLU A 418 -34.68 -16.70 -2.23
CA GLU A 418 -33.24 -16.71 -1.99
C GLU A 418 -32.51 -16.31 -3.27
N TRP A 419 -31.44 -15.54 -3.13
CA TRP A 419 -30.66 -15.11 -4.29
C TRP A 419 -29.19 -15.08 -3.93
N VAL A 420 -28.35 -15.10 -4.97
CA VAL A 420 -26.96 -14.71 -4.86
C VAL A 420 -26.77 -13.54 -5.81
N ALA A 421 -26.06 -12.53 -5.35
CA ALA A 421 -25.81 -11.33 -6.14
C ALA A 421 -24.30 -11.16 -6.25
N PHE A 422 -23.80 -11.12 -7.47
CA PHE A 422 -22.39 -10.84 -7.69
C PHE A 422 -22.25 -9.35 -7.89
N LYS A 423 -21.23 -8.74 -7.27
CA LYS A 423 -21.08 -7.30 -7.31
C LYS A 423 -19.74 -6.94 -7.91
N THR A 424 -19.73 -6.00 -8.86
CA THR A 424 -18.50 -5.68 -9.59
C THR A 424 -17.61 -4.72 -8.82
N ASN A 425 -17.40 -4.98 -7.53
CA ASN A 425 -16.45 -4.24 -6.71
C ASN A 425 -15.99 -5.17 -5.61
N ASP A 426 -14.74 -5.00 -5.17
CA ASP A 426 -14.18 -5.89 -4.16
C ASP A 426 -14.76 -5.66 -2.77
N ASN A 427 -15.31 -4.48 -2.52
CA ASN A 427 -16.02 -4.18 -1.29
C ASN A 427 -17.26 -3.35 -1.66
N ALA A 428 -18.23 -4.04 -2.26
CA ALA A 428 -19.44 -3.37 -2.73
C ALA A 428 -20.26 -2.90 -1.53
N GLN A 429 -20.70 -1.65 -1.56
CA GLN A 429 -21.51 -1.15 -0.47
C GLN A 429 -22.88 -0.68 -0.96
N ILE A 430 -23.86 -0.84 -0.10
CA ILE A 430 -25.20 -0.33 -0.38
C ILE A 430 -25.51 0.78 0.60
N SER A 431 -26.44 1.63 0.19
CA SER A 431 -27.08 2.59 1.10
CA SER A 431 -27.07 2.57 1.11
C SER A 431 -28.57 2.32 1.10
N PRO A 432 -29.16 1.89 2.20
CA PRO A 432 -30.63 1.82 2.26
C PRO A 432 -31.22 3.22 2.21
N LEU A 433 -32.42 3.31 1.61
CA LEU A 433 -33.14 4.57 1.60
C LEU A 433 -34.06 4.72 2.79
N ALA A 434 -34.45 3.61 3.41
CA ALA A 434 -35.38 3.63 4.52
C ALA A 434 -34.81 2.78 5.64
N GLY A 435 -35.17 3.16 6.86
CA GLY A 435 -34.85 2.38 8.02
C GLY A 435 -33.57 2.81 8.70
N ARG A 436 -33.17 2.00 9.68
CA ARG A 436 -31.97 2.33 10.43
C ARG A 436 -30.76 2.27 9.51
N THR A 437 -29.83 3.20 9.71
CA THR A 437 -28.63 3.44 8.89
C THR A 437 -28.93 3.94 7.48
N SER A 438 -30.14 4.43 7.23
CA SER A 438 -30.53 4.86 5.89
C SER A 438 -29.98 6.26 5.57
N ALA A 439 -30.01 6.60 4.28
CA ALA A 439 -29.67 7.96 3.86
C ALA A 439 -30.65 8.98 4.44
N ILE A 440 -31.91 8.58 4.65
CA ILE A 440 -32.90 9.51 5.19
C ILE A 440 -32.59 9.89 6.64
N ARG A 441 -32.13 8.92 7.42
CA ARG A 441 -31.81 9.18 8.82
C ARG A 441 -30.63 10.13 8.96
N ALA A 442 -29.73 10.16 7.97
CA ALA A 442 -28.58 11.05 8.04
C ALA A 442 -28.93 12.51 7.82
N LEU A 443 -30.14 12.81 7.30
CA LEU A 443 -30.51 14.17 6.94
C LEU A 443 -31.08 14.92 8.15
N PRO A 444 -30.79 16.21 8.33
CA PRO A 444 -31.45 16.97 9.39
C PRO A 444 -32.95 16.99 9.18
N ASP A 445 -33.68 16.98 10.29
CA ASP A 445 -35.15 17.04 10.24
C ASP A 445 -35.66 18.10 9.27
N ASP A 446 -35.05 19.30 9.32
CA ASP A 446 -35.55 20.43 8.55
C ASP A 446 -35.12 20.38 7.08
N VAL A 447 -34.03 19.69 6.77
CA VAL A 447 -33.71 19.46 5.36
C VAL A 447 -34.78 18.57 4.73
N LEU A 448 -35.17 17.51 5.44
CA LEU A 448 -36.24 16.62 4.97
C LEU A 448 -37.57 17.34 4.87
N ALA A 449 -37.88 18.16 5.89
CA ALA A 449 -39.14 18.89 5.87
C ALA A 449 -39.22 19.80 4.65
N ASN A 450 -38.15 20.54 4.37
CA ASN A 450 -38.19 21.42 3.21
C ASN A 450 -38.11 20.66 1.90
N ALA A 451 -37.41 19.52 1.89
CA ALA A 451 -37.24 18.77 0.65
C ALA A 451 -38.55 18.13 0.18
N PHE A 452 -39.41 17.70 1.11
CA PHE A 452 -40.67 17.06 0.74
C PHE A 452 -41.90 17.91 1.04
N GLN A 453 -41.70 19.15 1.51
CA GLN A 453 -42.81 20.01 1.89
C GLN A 453 -43.69 19.34 2.93
N ILE A 454 -43.05 18.79 3.96
CA ILE A 454 -43.74 18.15 5.07
C ILE A 454 -43.32 18.84 6.37
N SER A 455 -43.99 18.46 7.45
CA SER A 455 -43.67 19.01 8.75
C SER A 455 -42.43 18.31 9.31
N ARG A 456 -41.81 18.95 10.32
CA ARG A 456 -40.67 18.30 10.97
C ARG A 456 -41.09 17.01 11.67
N SER A 457 -42.31 16.96 12.22
CA SER A 457 -42.81 15.72 12.82
C SER A 457 -42.90 14.62 11.78
N GLU A 458 -43.50 14.92 10.62
CA GLU A 458 -43.53 13.93 9.54
C GLU A 458 -42.12 13.50 9.15
N ALA A 459 -41.18 14.45 9.07
CA ALA A 459 -39.80 14.09 8.74
C ALA A 459 -39.25 13.05 9.70
N ARG A 460 -39.55 13.23 11.00
CA ARG A 460 -39.00 12.33 12.00
C ARG A 460 -39.64 10.95 11.94
N ARG A 461 -40.86 10.85 11.41
CA ARG A 461 -41.45 9.52 11.18
C ARG A 461 -40.77 8.82 10.01
N LEU A 462 -40.48 9.55 8.94
CA LEU A 462 -39.72 8.96 7.85
C LEU A 462 -38.36 8.47 8.34
N LYS A 463 -37.77 9.17 9.30
CA LYS A 463 -36.46 8.76 9.80
C LYS A 463 -36.55 7.56 10.72
N TYR A 464 -37.54 7.53 11.63
CA TYR A 464 -37.48 6.60 12.76
C TYR A 464 -38.59 5.55 12.84
N ASN A 465 -39.65 5.61 12.02
CA ASN A 465 -40.71 4.62 12.16
C ASN A 465 -40.23 3.21 11.85
N ARG A 466 -39.34 3.05 10.86
CA ARG A 466 -38.78 1.75 10.53
C ARG A 466 -37.58 1.50 11.43
N GLN A 467 -37.73 0.57 12.39
CA GLN A 467 -36.73 0.30 13.42
C GLN A 467 -35.56 -0.53 12.90
N GLU A 468 -35.84 -1.50 12.04
CA GLU A 468 -34.86 -2.45 11.54
C GLU A 468 -33.93 -1.78 10.52
N THR A 469 -32.74 -2.36 10.33
CA THR A 469 -31.89 -2.01 9.19
C THR A 469 -32.12 -3.01 8.06
N THR A 470 -32.39 -2.49 6.86
CA THR A 470 -32.26 -3.23 5.60
C THR A 470 -33.37 -4.24 5.31
N LEU A 471 -33.73 -5.09 6.27
CA LEU A 471 -34.72 -6.16 6.04
C LEU A 471 -35.86 -6.05 7.04
N VAL A 472 -37.09 -6.02 6.53
CA VAL A 472 -38.26 -5.80 7.37
C VAL A 472 -39.44 -6.59 6.83
N ARG A 473 -40.46 -6.76 7.66
CA ARG A 473 -41.65 -7.46 7.24
C ARG A 473 -42.65 -6.49 6.61
N SER A 474 -43.16 -6.86 5.44
CA SER A 474 -44.08 -6.03 4.68
C SER A 474 -45.51 -6.52 4.84
N SER A 475 -46.45 -5.58 4.86
CA SER A 475 -47.85 -5.90 5.05
C SER A 475 -48.78 -4.96 4.28
N GLN B 10 -7.48 2.09 -13.97
CA GLN B 10 -7.63 3.54 -14.04
C GLN B 10 -8.83 3.96 -14.91
N ARG B 11 -8.70 5.10 -15.59
CA ARG B 11 -9.80 5.68 -16.36
C ARG B 11 -10.19 4.81 -17.56
N HIS B 12 -11.47 4.87 -17.91
CA HIS B 12 -11.91 4.53 -19.24
C HIS B 12 -11.41 5.56 -20.25
N PHE B 13 -11.30 5.14 -21.52
CA PHE B 13 -10.69 5.94 -22.56
C PHE B 13 -11.75 6.63 -23.42
N GLY B 14 -11.36 7.79 -23.98
CA GLY B 14 -12.19 8.49 -24.94
C GLY B 14 -11.34 9.01 -26.09
N GLU B 15 -12.03 9.54 -27.11
CA GLU B 15 -11.37 10.05 -28.31
C GLU B 15 -10.65 11.37 -28.01
N CYS B 16 -9.38 11.50 -28.45
CA CYS B 16 -8.60 12.71 -28.21
C CYS B 16 -7.91 13.19 -29.49
N ASN B 17 -8.61 13.13 -30.62
CA ASN B 17 -8.17 13.74 -31.88
C ASN B 17 -8.52 15.22 -31.86
N LEU B 18 -7.72 16.01 -31.12
CA LEU B 18 -8.02 17.42 -30.90
C LEU B 18 -7.38 18.26 -32.00
N ASP B 19 -8.20 18.89 -32.83
CA ASP B 19 -7.71 19.81 -33.84
C ASP B 19 -7.85 21.27 -33.45
N ARG B 20 -8.78 21.58 -32.54
CA ARG B 20 -9.17 22.94 -32.23
C ARG B 20 -9.83 22.94 -30.87
N LEU B 21 -9.54 23.96 -30.08
CA LEU B 21 -10.23 24.19 -28.83
C LEU B 21 -10.88 25.56 -28.90
N ASN B 22 -12.05 25.66 -28.28
CA ASN B 22 -12.74 26.93 -28.10
C ASN B 22 -12.89 27.13 -26.60
N ALA B 23 -12.85 28.39 -26.14
CA ALA B 23 -13.36 28.68 -24.82
C ALA B 23 -14.80 28.22 -24.76
N LEU B 24 -15.19 27.59 -23.68
CA LEU B 24 -16.50 26.95 -23.58
C LEU B 24 -17.30 27.63 -22.47
N GLU B 25 -18.54 27.98 -22.76
CA GLU B 25 -19.48 28.49 -21.77
C GLU B 25 -20.63 27.48 -21.63
N PRO B 26 -21.52 27.63 -20.65
CA PRO B 26 -22.63 26.68 -20.52
C PRO B 26 -23.54 26.78 -21.73
N THR B 27 -24.11 25.63 -22.11
CA THR B 27 -25.06 25.56 -23.21
C THR B 27 -26.47 25.16 -22.79
N ASN B 28 -26.66 24.55 -21.62
CA ASN B 28 -27.96 24.27 -21.06
C ASN B 28 -28.12 24.97 -19.72
N ARG B 29 -29.34 25.39 -19.43
CA ARG B 29 -29.65 26.02 -18.15
CA ARG B 29 -29.66 26.03 -18.16
C ARG B 29 -31.02 25.54 -17.69
N LYS B 30 -31.10 25.17 -16.41
CA LYS B 30 -32.34 24.75 -15.76
C LYS B 30 -32.60 25.69 -14.60
N GLU B 31 -33.72 26.41 -14.63
CA GLU B 31 -34.03 27.31 -13.54
C GLU B 31 -34.93 26.61 -12.53
N SER B 32 -34.55 26.70 -11.26
CA SER B 32 -35.35 26.23 -10.14
C SER B 32 -36.00 27.45 -9.49
N GLU B 33 -36.85 27.24 -8.47
CA GLU B 33 -37.42 28.43 -7.83
C GLU B 33 -36.34 29.22 -7.09
N ALA B 34 -35.34 28.54 -6.53
CA ALA B 34 -34.34 29.19 -5.69
C ALA B 34 -32.94 29.18 -6.33
N GLY B 35 -32.84 28.91 -7.63
CA GLY B 35 -31.52 28.95 -8.23
C GLY B 35 -31.54 28.54 -9.69
N THR B 36 -30.33 28.31 -10.20
CA THR B 36 -30.10 28.04 -11.61
C THR B 36 -28.94 27.06 -11.70
N VAL B 37 -29.13 26.01 -12.51
CA VAL B 37 -28.11 24.99 -12.75
C VAL B 37 -27.69 25.12 -14.20
N GLU B 38 -26.39 25.29 -14.44
CA GLU B 38 -25.87 25.42 -15.80
C GLU B 38 -24.94 24.27 -16.11
N LYS B 39 -25.07 23.72 -17.31
CA LYS B 39 -24.26 22.62 -17.80
C LYS B 39 -23.44 23.05 -19.00
N TRP B 40 -22.13 22.80 -18.95
CA TRP B 40 -21.28 22.87 -20.13
C TRP B 40 -21.57 21.68 -21.04
N ASP B 41 -21.22 21.81 -22.30
CA ASP B 41 -21.55 20.80 -23.31
C ASP B 41 -20.66 19.58 -23.13
N LYS B 42 -21.18 18.55 -22.47
CA LYS B 42 -20.34 17.38 -22.18
C LYS B 42 -19.96 16.60 -23.45
N ASN B 43 -20.56 16.91 -24.60
CA ASN B 43 -20.18 16.28 -25.85
C ASN B 43 -19.23 17.11 -26.71
N ASP B 44 -18.86 18.33 -26.28
CA ASP B 44 -17.77 19.03 -26.96
C ASP B 44 -16.53 18.15 -26.87
N GLN B 45 -15.72 18.14 -27.93
CA GLN B 45 -14.65 17.14 -27.98
C GLN B 45 -13.72 17.23 -26.78
N GLN B 46 -13.50 18.44 -26.25
CA GLN B 46 -12.48 18.56 -25.21
C GLN B 46 -12.95 17.94 -23.89
N PHE B 47 -14.24 17.96 -23.61
CA PHE B 47 -14.71 17.27 -22.41
C PHE B 47 -14.83 15.77 -22.63
N GLN B 48 -15.17 15.34 -23.85
CA GLN B 48 -15.14 13.91 -24.16
C GLN B 48 -13.73 13.36 -24.02
N CYS B 49 -12.74 14.09 -24.52
CA CYS B 49 -11.35 13.67 -24.42
C CYS B 49 -10.89 13.61 -22.97
N ALA B 50 -11.24 14.62 -22.19
CA ALA B 50 -10.92 14.61 -20.76
C ALA B 50 -11.74 13.57 -20.03
N GLY B 51 -12.92 13.25 -20.53
CA GLY B 51 -13.81 12.35 -19.81
C GLY B 51 -14.46 13.02 -18.62
N VAL B 52 -14.96 14.26 -18.77
CA VAL B 52 -15.53 15.00 -17.65
C VAL B 52 -16.77 15.76 -18.11
N ALA B 53 -17.52 16.21 -17.12
CA ALA B 53 -18.60 17.15 -17.33
C ALA B 53 -18.44 18.25 -16.30
N LEU B 54 -18.85 19.45 -16.65
CA LEU B 54 -18.74 20.61 -15.78
C LEU B 54 -20.12 21.20 -15.57
N ILE B 55 -20.41 21.62 -14.34
CA ILE B 55 -21.71 22.20 -13.96
CA ILE B 55 -21.70 22.20 -13.98
C ILE B 55 -21.47 23.35 -13.01
N ARG B 56 -22.35 24.34 -13.08
CA ARG B 56 -22.35 25.49 -12.18
C ARG B 56 -23.75 25.66 -11.61
N HIS B 57 -23.83 25.79 -10.30
CA HIS B 57 -25.07 26.12 -9.60
C HIS B 57 -24.98 27.54 -9.08
N PHE B 58 -26.06 28.30 -9.26
CA PHE B 58 -26.30 29.57 -8.58
C PHE B 58 -27.41 29.33 -7.57
N ILE B 59 -27.09 29.41 -6.28
CA ILE B 59 -28.06 29.15 -5.21
C ILE B 59 -28.40 30.48 -4.53
N GLU B 60 -29.63 30.92 -4.68
CA GLU B 60 -30.02 32.19 -4.10
C GLU B 60 -30.10 32.09 -2.58
N ARG B 61 -30.22 33.23 -1.92
CA ARG B 61 -30.21 33.22 -0.47
C ARG B 61 -31.37 32.39 0.05
N ARG B 62 -31.13 31.65 1.14
CA ARG B 62 -32.09 30.69 1.70
C ARG B 62 -32.40 29.55 0.76
N GLY B 63 -31.58 29.36 -0.27
CA GLY B 63 -31.79 28.25 -1.19
C GLY B 63 -31.18 26.96 -0.69
N LEU B 64 -31.82 25.84 -1.05
CA LEU B 64 -31.40 24.50 -0.65
C LEU B 64 -31.24 23.65 -1.90
N LEU B 65 -30.01 23.19 -2.16
CA LEU B 65 -29.75 22.25 -3.24
C LEU B 65 -30.14 20.86 -2.73
N LEU B 66 -31.19 20.29 -3.29
CA LEU B 66 -31.78 19.10 -2.69
C LEU B 66 -30.78 17.93 -2.72
N PRO B 67 -30.93 16.99 -1.78
CA PRO B 67 -30.00 15.86 -1.70
C PRO B 67 -30.05 14.99 -2.96
N SER B 68 -28.87 14.61 -3.42
CA SER B 68 -28.72 13.79 -4.62
C SER B 68 -27.35 13.13 -4.58
N PHE B 69 -27.20 12.06 -5.38
CA PHE B 69 -25.91 11.45 -5.61
C PHE B 69 -25.72 11.23 -7.11
N SER B 70 -24.50 10.93 -7.51
CA SER B 70 -24.17 10.80 -8.93
C SER B 70 -23.28 9.58 -9.11
N ASN B 71 -23.32 8.99 -10.30
CA ASN B 71 -22.38 7.92 -10.60
C ASN B 71 -20.96 8.42 -10.79
N ALA B 72 -20.78 9.69 -10.98
CA ALA B 72 -19.45 10.25 -11.17
C ALA B 72 -18.92 10.79 -9.86
N PRO B 73 -17.68 10.50 -9.48
CA PRO B 73 -17.05 11.29 -8.42
C PRO B 73 -17.01 12.74 -8.86
N GLU B 74 -17.07 13.65 -7.89
CA GLU B 74 -17.02 15.05 -8.27
C GLU B 74 -16.13 15.83 -7.32
N LEU B 75 -15.56 16.90 -7.86
CA LEU B 75 -14.97 17.98 -7.10
C LEU B 75 -15.84 19.21 -7.29
N ILE B 76 -16.18 19.86 -6.18
CA ILE B 76 -17.03 21.04 -6.18
C ILE B 76 -16.19 22.18 -5.64
N TYR B 77 -16.08 23.26 -6.41
CA TYR B 77 -15.38 24.48 -5.97
C TYR B 77 -16.38 25.58 -5.65
N VAL B 78 -16.22 26.21 -4.50
CA VAL B 78 -17.12 27.29 -4.08
C VAL B 78 -16.58 28.62 -4.62
N ILE B 79 -17.21 29.13 -5.69
CA ILE B 79 -16.75 30.37 -6.32
C ILE B 79 -17.00 31.56 -5.39
N LYS B 80 -18.19 31.64 -4.80
CA LYS B 80 -18.56 32.79 -4.00
CA LYS B 80 -18.53 32.78 -3.96
C LYS B 80 -19.65 32.38 -3.01
N GLY B 81 -19.71 33.08 -1.88
CA GLY B 81 -20.76 32.87 -0.89
C GLY B 81 -20.34 31.95 0.25
N ARG B 82 -21.35 31.54 1.02
CA ARG B 82 -21.12 30.69 2.16
CA ARG B 82 -21.14 30.74 2.20
C ARG B 82 -22.38 29.91 2.47
N GLY B 83 -22.20 28.74 3.05
CA GLY B 83 -23.33 27.88 3.32
C GLY B 83 -22.95 26.67 4.13
N PHE B 84 -23.76 25.62 4.00
CA PHE B 84 -23.53 24.35 4.66
C PHE B 84 -23.62 23.22 3.67
N GLN B 85 -22.77 22.19 3.84
CA GLN B 85 -22.89 20.95 3.10
C GLN B 85 -23.06 19.78 4.05
N GLY B 86 -23.97 18.89 3.69
CA GLY B 86 -24.14 17.66 4.41
C GLY B 86 -23.91 16.52 3.45
N ALA B 87 -22.85 15.77 3.64
CA ALA B 87 -22.61 14.54 2.89
C ALA B 87 -23.10 13.36 3.71
N VAL B 88 -23.66 12.37 3.05
CA VAL B 88 -24.25 11.20 3.71
C VAL B 88 -23.29 10.03 3.50
N ILE B 89 -22.62 9.61 4.57
CA ILE B 89 -21.63 8.55 4.49
C ILE B 89 -22.35 7.24 4.82
N PRO B 90 -22.37 6.26 3.90
CA PRO B 90 -23.16 5.04 4.14
C PRO B 90 -22.66 4.29 5.37
N GLY B 91 -23.60 3.92 6.24
CA GLY B 91 -23.31 3.09 7.40
C GLY B 91 -22.75 3.81 8.62
N CYS B 92 -22.49 5.02 8.52
CA CYS B 92 -21.89 5.72 9.64
C CYS B 92 -22.96 6.28 10.56
N PRO B 93 -22.69 6.29 11.85
CA PRO B 93 -23.69 6.79 12.80
C PRO B 93 -23.89 8.30 12.69
N GLU B 94 -25.05 8.73 13.13
CA GLU B 94 -25.35 10.15 13.29
C GLU B 94 -24.66 10.66 14.57
N THR B 95 -23.73 11.59 14.41
CA THR B 95 -22.98 12.09 15.56
C THR B 95 -23.31 13.54 15.91
N PHE B 96 -24.25 14.17 15.23
CA PHE B 96 -24.77 15.47 15.63
C PHE B 96 -26.16 15.25 16.21
N GLU B 97 -26.46 15.85 17.37
CA GLU B 97 -27.73 15.55 18.01
C GLU B 97 -28.10 16.69 18.94
N SER B 98 -29.42 16.81 19.17
CA SER B 98 -29.92 17.75 20.16
C SER B 98 -29.65 17.20 21.56
N ASN B 99 -29.71 18.11 22.52
CA ASN B 99 -29.66 17.76 23.93
C ASN B 99 -31.01 17.15 24.31
N SER B 100 -31.06 15.83 24.48
CA SER B 100 -32.33 15.18 24.81
C SER B 100 -32.81 15.58 26.19
N ASN B 101 -31.88 15.77 27.12
CA ASN B 101 -32.22 16.20 28.48
C ASN B 101 -32.56 17.69 28.49
N ARG B 102 -33.55 18.03 27.66
CA ARG B 102 -33.97 19.40 27.36
C ARG B 102 -33.21 20.49 28.14
N GLN B 119 -36.00 15.55 19.36
CA GLN B 119 -35.62 16.54 18.36
C GLN B 119 -34.56 16.01 17.36
N ASP B 120 -33.62 16.86 16.96
CA ASP B 120 -32.86 16.64 15.74
C ASP B 120 -31.67 15.71 15.96
N GLN B 121 -31.29 15.04 14.88
CA GLN B 121 -30.20 14.09 14.87
C GLN B 121 -29.83 13.82 13.42
N HIS B 122 -28.58 14.01 13.05
CA HIS B 122 -28.20 13.85 11.66
C HIS B 122 -26.69 13.67 11.58
N GLN B 123 -26.19 13.39 10.37
CA GLN B 123 -24.75 13.23 10.25
C GLN B 123 -24.10 14.61 10.25
N LYS B 124 -22.79 14.62 10.47
CA LYS B 124 -22.08 15.88 10.61
C LYS B 124 -22.26 16.77 9.38
N VAL B 125 -22.38 18.07 9.61
CA VAL B 125 -22.46 19.04 8.53
C VAL B 125 -21.26 19.96 8.68
N ARG B 126 -20.86 20.57 7.56
CA ARG B 126 -19.70 21.44 7.54
CA ARG B 126 -19.68 21.44 7.52
C ARG B 126 -20.05 22.78 6.91
N GLN B 127 -19.55 23.86 7.51
CA GLN B 127 -19.63 25.16 6.87
C GLN B 127 -18.73 25.18 5.64
N ILE B 128 -19.24 25.74 4.55
CA ILE B 128 -18.45 25.88 3.32
C ILE B 128 -18.40 27.36 2.95
N ARG B 129 -17.37 27.72 2.18
CA ARG B 129 -17.20 29.13 1.84
C ARG B 129 -16.24 29.27 0.67
N GLU B 130 -16.24 30.48 0.10
CA GLU B 130 -15.37 30.86 -1.02
C GLU B 130 -14.01 30.21 -0.90
N GLY B 131 -13.63 29.49 -1.97
CA GLY B 131 -12.33 28.85 -2.07
C GLY B 131 -12.31 27.39 -1.65
N ASP B 132 -13.41 26.89 -1.07
CA ASP B 132 -13.46 25.50 -0.63
C ASP B 132 -13.57 24.57 -1.82
N ILE B 133 -12.82 23.48 -1.79
CA ILE B 133 -13.03 22.34 -2.65
C ILE B 133 -13.68 21.25 -1.79
N LEU B 134 -14.79 20.69 -2.27
CA LEU B 134 -15.48 19.58 -1.63
C LEU B 134 -15.35 18.35 -2.54
N ALA B 135 -14.94 17.22 -1.96
CA ALA B 135 -14.76 15.98 -2.70
C ALA B 135 -15.92 15.05 -2.38
N LEU B 136 -16.55 14.51 -3.41
CA LEU B 136 -17.68 13.59 -3.23
C LEU B 136 -17.49 12.30 -4.02
N PRO B 137 -17.29 11.17 -3.34
CA PRO B 137 -17.18 9.88 -4.03
C PRO B 137 -18.43 9.59 -4.86
N ALA B 138 -18.26 8.76 -5.88
CA ALA B 138 -19.40 8.27 -6.63
C ALA B 138 -20.42 7.63 -5.70
N GLY B 139 -21.69 7.91 -5.95
CA GLY B 139 -22.75 7.23 -5.25
C GLY B 139 -23.11 7.82 -3.91
N GLN B 140 -22.40 8.84 -3.46
CA GLN B 140 -22.63 9.40 -2.14
C GLN B 140 -23.54 10.62 -2.21
N ALA B 141 -24.59 10.62 -1.39
CA ALA B 141 -25.57 11.71 -1.43
C ALA B 141 -25.06 12.92 -0.66
N HIS B 142 -25.47 14.11 -1.11
CA HIS B 142 -25.19 15.33 -0.36
C HIS B 142 -26.23 16.39 -0.69
N TRP B 143 -26.28 17.41 0.16
CA TRP B 143 -27.14 18.56 -0.01
C TRP B 143 -26.33 19.80 0.35
N ILE B 144 -26.74 20.94 -0.21
CA ILE B 144 -26.05 22.20 0.03
C ILE B 144 -27.07 23.29 0.27
N TYR B 145 -26.81 24.13 1.28
CA TYR B 145 -27.70 25.20 1.70
C TYR B 145 -26.93 26.51 1.68
N ASN B 146 -27.54 27.54 1.11
CA ASN B 146 -26.98 28.89 1.15
C ASN B 146 -27.37 29.56 2.46
N ASP B 147 -26.42 29.71 3.36
CA ASP B 147 -26.67 30.36 4.64
C ASP B 147 -26.36 31.86 4.65
N GLY B 148 -25.87 32.43 3.55
CA GLY B 148 -25.51 33.84 3.48
C GLY B 148 -26.52 34.66 2.70
N ASP B 149 -26.15 35.91 2.43
CA ASP B 149 -26.99 36.74 1.56
C ASP B 149 -26.50 36.79 0.13
N SER B 150 -25.22 36.60 -0.10
CA SER B 150 -24.77 36.51 -1.48
C SER B 150 -25.28 35.22 -2.10
N GLN B 151 -25.45 35.24 -3.42
CA GLN B 151 -25.66 33.99 -4.13
C GLN B 151 -24.51 33.05 -3.79
N LEU B 152 -24.81 31.78 -3.55
CA LEU B 152 -23.79 30.77 -3.38
C LEU B 152 -23.53 30.14 -4.74
N VAL B 153 -22.29 30.20 -5.21
CA VAL B 153 -21.95 29.79 -6.58
C VAL B 153 -20.96 28.63 -6.49
N ASN B 154 -21.34 27.50 -7.06
CA ASN B 154 -20.55 26.27 -7.11
C ASN B 154 -20.17 25.94 -8.54
N VAL B 155 -18.92 25.49 -8.74
CA VAL B 155 -18.51 24.88 -10.00
C VAL B 155 -18.06 23.46 -9.70
N THR B 156 -18.75 22.48 -10.29
CA THR B 156 -18.52 21.08 -10.00
C THR B 156 -17.94 20.39 -11.22
N LEU B 157 -16.87 19.63 -11.02
CA LEU B 157 -16.36 18.71 -12.04
C LEU B 157 -16.90 17.32 -11.73
N LEU B 158 -17.63 16.74 -12.68
CA LEU B 158 -18.10 15.36 -12.58
C LEU B 158 -17.19 14.50 -13.44
N ASP B 159 -16.45 13.59 -12.81
CA ASP B 159 -15.44 12.81 -13.52
C ASP B 159 -16.04 11.52 -14.03
N THR B 160 -16.54 11.56 -15.26
CA THR B 160 -17.30 10.42 -15.78
C THR B 160 -16.44 9.30 -16.32
N SER B 161 -15.17 9.54 -16.59
CA SER B 161 -14.26 8.49 -17.00
C SER B 161 -13.53 7.88 -15.81
N ASN B 162 -13.89 8.30 -14.60
CA ASN B 162 -13.28 7.74 -13.41
C ASN B 162 -13.61 6.25 -13.31
N ALA B 163 -12.65 5.47 -12.81
CA ALA B 163 -12.88 4.04 -12.60
C ALA B 163 -14.08 3.80 -11.68
N ALA B 164 -14.41 4.76 -10.82
CA ALA B 164 -15.56 4.60 -9.92
C ALA B 164 -16.89 4.61 -10.65
N ASN B 165 -16.94 5.21 -11.84
CA ASN B 165 -18.18 5.30 -12.60
C ASN B 165 -18.29 4.08 -13.50
N GLN B 166 -19.06 3.07 -13.06
CA GLN B 166 -19.23 1.86 -13.84
C GLN B 166 -20.43 1.92 -14.77
N LEU B 167 -21.07 3.07 -14.87
CA LEU B 167 -22.15 3.22 -15.84
C LEU B 167 -21.57 3.63 -17.19
N ASP B 168 -21.74 4.89 -17.58
CA ASP B 168 -21.26 5.35 -18.87
C ASP B 168 -20.97 6.84 -18.77
N GLU B 169 -20.80 7.48 -19.93
CA GLU B 169 -20.30 8.87 -19.91
C GLU B 169 -21.34 9.85 -19.39
N ASN B 170 -22.59 9.44 -19.23
CA ASN B 170 -23.63 10.36 -18.78
C ASN B 170 -23.46 10.61 -17.28
N PRO B 171 -23.25 11.85 -16.83
CA PRO B 171 -23.23 12.11 -15.39
C PRO B 171 -24.64 12.21 -14.83
N ARG B 172 -25.15 11.14 -14.24
CA ARG B 172 -26.54 11.12 -13.81
C ARG B 172 -26.67 11.74 -12.43
N LYS B 173 -27.83 12.34 -12.19
CA LYS B 173 -28.17 12.86 -10.88
C LYS B 173 -29.37 12.08 -10.37
N PHE B 174 -29.19 11.36 -9.25
CA PHE B 174 -30.25 10.61 -8.60
C PHE B 174 -30.75 11.43 -7.41
N TYR B 175 -31.94 12.01 -7.53
CA TYR B 175 -32.46 12.90 -6.50
C TYR B 175 -33.25 12.12 -5.46
N LEU B 176 -32.96 12.38 -4.17
CA LEU B 176 -33.69 11.75 -3.07
C LEU B 176 -35.00 12.45 -2.77
N ALA B 177 -35.16 13.69 -3.21
CA ALA B 177 -36.37 14.45 -2.93
C ALA B 177 -36.60 15.45 -4.04
N GLY B 178 -37.80 16.05 -4.03
CA GLY B 178 -38.13 17.04 -5.03
C GLY B 178 -38.43 16.41 -6.38
N ASN B 179 -38.60 17.28 -7.37
CA ASN B 179 -38.99 16.89 -8.73
C ASN B 179 -38.10 17.57 -9.75
N PRO B 180 -36.84 17.14 -9.85
CA PRO B 180 -35.85 17.91 -10.63
C PRO B 180 -36.23 18.10 -12.09
N ASP B 181 -37.10 17.26 -12.66
CA ASP B 181 -37.43 17.35 -14.08
C ASP B 181 -38.57 18.32 -14.39
N GLY B 215 -43.58 12.06 -11.17
CA GLY B 215 -42.43 12.53 -10.41
C GLY B 215 -41.11 12.21 -11.10
N THR B 216 -39.98 12.54 -10.46
CA THR B 216 -38.67 12.26 -11.05
C THR B 216 -37.56 12.08 -10.01
N ASN B 217 -37.88 11.85 -8.74
CA ASN B 217 -36.87 11.45 -7.78
C ASN B 217 -36.89 9.93 -7.65
N ILE B 218 -35.99 9.42 -6.82
CA ILE B 218 -35.77 7.98 -6.70
C ILE B 218 -37.00 7.29 -6.14
N PHE B 219 -37.71 7.95 -5.22
CA PHE B 219 -38.92 7.35 -4.67
C PHE B 219 -40.07 7.33 -5.66
N SER B 220 -40.03 8.18 -6.69
CA SER B 220 -41.17 8.32 -7.61
C SER B 220 -41.46 7.03 -8.35
N GLY B 221 -40.45 6.18 -8.54
CA GLY B 221 -40.58 4.97 -9.32
C GLY B 221 -40.99 3.73 -8.55
N PHE B 222 -41.01 3.81 -7.22
CA PHE B 222 -41.52 2.70 -6.41
C PHE B 222 -43.03 2.86 -6.18
N ASP B 223 -43.72 1.73 -6.03
CA ASP B 223 -45.11 1.77 -5.61
C ASP B 223 -45.22 2.29 -4.19
N GLN B 224 -46.31 3.03 -3.92
CA GLN B 224 -46.40 3.67 -2.61
C GLN B 224 -46.56 2.64 -1.50
N GLU B 225 -47.19 1.50 -1.81
CA GLU B 225 -47.29 0.41 -0.85
C GLU B 225 -45.91 -0.11 -0.46
N THR B 226 -45.00 -0.22 -1.42
CA THR B 226 -43.62 -0.58 -1.07
C THR B 226 -42.98 0.50 -0.20
N LEU B 227 -43.19 1.77 -0.55
CA LEU B 227 -42.62 2.84 0.26
C LEU B 227 -43.22 2.84 1.67
N ALA B 228 -44.55 2.69 1.74
CA ALA B 228 -45.22 2.70 3.05
C ALA B 228 -44.68 1.59 3.94
N ASP B 229 -44.57 0.37 3.41
CA ASP B 229 -44.04 -0.74 4.19
C ASP B 229 -42.56 -0.54 4.55
N SER B 230 -41.77 0.01 3.64
CA SER B 230 -40.34 0.18 3.93
C SER B 230 -40.12 1.21 5.02
N PHE B 231 -40.76 2.37 4.91
CA PHE B 231 -40.64 3.40 5.93
C PHE B 231 -41.52 3.14 7.15
N ASN B 232 -42.50 2.23 7.06
CA ASN B 232 -43.39 1.95 8.19
C ASN B 232 -44.25 3.18 8.50
N VAL B 233 -44.79 3.79 7.46
CA VAL B 233 -45.58 5.00 7.59
C VAL B 233 -46.87 4.79 6.81
N ASP B 234 -47.81 5.68 7.08
CA ASP B 234 -49.10 5.65 6.40
C ASP B 234 -48.92 6.00 4.93
N VAL B 235 -49.90 5.58 4.12
CA VAL B 235 -49.79 5.77 2.68
C VAL B 235 -49.83 7.25 2.30
N ASP B 236 -50.45 8.10 3.13
CA ASP B 236 -50.43 9.55 2.93
C ASP B 236 -48.99 10.06 2.89
N LEU B 237 -48.21 9.71 3.89
CA LEU B 237 -46.85 10.21 3.97
C LEU B 237 -45.96 9.54 2.94
N ALA B 238 -46.19 8.26 2.65
CA ALA B 238 -45.41 7.56 1.63
C ALA B 238 -45.54 8.24 0.28
N ARG B 239 -46.77 8.63 -0.10
CA ARG B 239 -46.97 9.32 -1.38
C ARG B 239 -46.21 10.64 -1.43
N ARG B 240 -46.07 11.31 -0.27
CA ARG B 240 -45.30 12.54 -0.18
C ARG B 240 -43.87 12.35 -0.65
N LEU B 241 -43.30 11.17 -0.37
CA LEU B 241 -41.94 10.87 -0.79
C LEU B 241 -41.75 11.03 -2.29
N GLN B 242 -42.80 10.78 -3.07
CA GLN B 242 -42.69 10.78 -4.51
C GLN B 242 -42.66 12.18 -5.10
N SER B 243 -43.02 13.21 -4.33
CA SER B 243 -42.93 14.60 -4.77
C SER B 243 -43.67 14.85 -6.07
N ASN B 244 -44.80 14.17 -6.26
CA ASN B 244 -45.52 14.23 -7.54
C ASN B 244 -45.98 15.65 -7.86
N GLN B 245 -46.34 16.44 -6.84
CA GLN B 245 -46.91 17.76 -7.05
C GLN B 245 -45.90 18.89 -6.86
N ASP B 246 -44.62 18.56 -6.71
CA ASP B 246 -43.58 19.55 -6.48
C ASP B 246 -43.15 20.16 -7.80
N LYS B 247 -43.22 21.49 -7.91
CA LYS B 247 -42.84 22.20 -9.12
C LYS B 247 -41.69 23.17 -8.86
N ARG B 248 -40.90 22.94 -7.82
CA ARG B 248 -39.85 23.88 -7.44
C ARG B 248 -38.50 23.58 -8.10
N GLY B 249 -38.32 22.40 -8.69
CA GLY B 249 -37.04 22.07 -9.30
C GLY B 249 -36.05 21.54 -8.27
N LYS B 250 -34.75 21.73 -8.58
CA LYS B 250 -33.69 21.11 -7.80
C LYS B 250 -33.17 21.99 -6.66
N ILE B 251 -33.39 23.29 -6.73
CA ILE B 251 -32.96 24.24 -5.70
C ILE B 251 -34.19 24.98 -5.22
N VAL B 252 -34.49 24.87 -3.92
CA VAL B 252 -35.77 25.32 -3.38
C VAL B 252 -35.55 26.27 -2.21
N LYS B 253 -36.53 27.16 -1.97
CA LYS B 253 -36.46 28.05 -0.82
CA LYS B 253 -36.47 28.06 -0.82
C LYS B 253 -36.90 27.31 0.43
N VAL B 254 -36.10 27.39 1.48
CA VAL B 254 -36.52 26.83 2.76
C VAL B 254 -37.45 27.83 3.45
N GLU B 255 -38.22 27.33 4.41
CA GLU B 255 -39.14 28.17 5.17
C GLU B 255 -38.32 28.99 6.17
N GLN B 256 -38.39 30.32 6.06
CA GLN B 256 -37.62 31.20 6.94
C GLN B 256 -36.12 30.93 6.84
N ARG B 257 -35.59 30.16 7.80
CA ARG B 257 -34.18 29.78 7.84
CA ARG B 257 -34.19 29.77 7.81
C ARG B 257 -34.08 28.29 8.09
N LEU B 258 -33.09 27.65 7.50
CA LEU B 258 -32.92 26.22 7.68
C LEU B 258 -32.36 25.91 9.08
N GLN B 259 -33.02 25.02 9.79
CA GLN B 259 -32.56 24.57 11.09
C GLN B 259 -31.68 23.34 10.91
N ILE B 260 -30.48 23.38 11.51
CA ILE B 260 -29.55 22.26 11.47
C ILE B 260 -28.67 22.36 12.71
N LEU B 261 -28.16 21.22 13.16
CA LEU B 261 -27.26 21.22 14.28
C LEU B 261 -25.87 21.62 13.82
N ILE B 262 -25.29 22.63 14.46
CA ILE B 262 -23.89 22.99 14.26
C ILE B 262 -23.42 23.87 15.40
N PRO B 263 -22.18 23.71 15.87
CA PRO B 263 -21.72 24.47 17.04
C PRO B 263 -21.98 25.95 16.86
N GLU B 264 -22.49 26.58 17.92
CA GLU B 264 -22.79 28.01 17.94
CA GLU B 264 -22.77 28.01 17.93
C GLU B 264 -23.80 28.40 16.86
N ARG B 265 -24.75 27.49 16.58
CA ARG B 265 -25.87 27.77 15.67
C ARG B 265 -27.07 26.98 16.20
N GLN B 266 -27.69 27.51 17.25
CA GLN B 266 -28.69 26.76 18.00
C GLN B 266 -30.03 26.74 17.25
N GLN B 267 -30.63 25.56 17.16
CA GLN B 267 -31.91 25.41 16.48
C GLN B 267 -33.00 26.10 17.29
N GLN B 268 -34.05 26.51 16.59
CA GLN B 268 -35.12 27.28 17.21
C GLN B 268 -36.46 26.63 16.91
N GLU B 269 -37.43 26.94 17.77
CA GLU B 269 -38.83 26.61 17.57
C GLU B 269 -39.04 25.12 17.38
N GLY B 299 -11.20 4.12 -5.09
CA GLY B 299 -12.32 4.71 -4.39
C GLY B 299 -12.76 3.89 -3.20
N PHE B 300 -12.03 4.03 -2.09
CA PHE B 300 -12.14 3.08 -0.98
C PHE B 300 -12.94 3.63 0.19
N GLU B 301 -13.54 2.69 0.90
CA GLU B 301 -14.35 2.87 2.09
C GLU B 301 -13.57 2.67 3.38
N GLU B 302 -12.30 2.23 3.28
CA GLU B 302 -11.47 1.96 4.45
C GLU B 302 -11.22 3.19 5.30
N THR B 303 -11.56 4.39 4.80
CA THR B 303 -11.42 5.62 5.56
C THR B 303 -12.76 6.17 6.01
N ILE B 304 -13.86 5.49 5.67
CA ILE B 304 -15.16 6.12 5.73
C ILE B 304 -15.60 6.31 7.18
N CYS B 305 -16.43 7.34 7.37
CA CYS B 305 -16.91 7.89 8.63
C CYS B 305 -16.11 9.11 9.05
N SER B 306 -14.77 9.01 9.12
CA SER B 306 -13.91 10.07 9.65
CA SER B 306 -13.95 10.08 9.65
C SER B 306 -13.25 10.92 8.57
N LEU B 307 -13.44 10.60 7.30
CA LEU B 307 -12.77 11.36 6.25
C LEU B 307 -13.00 12.87 6.39
N ARG B 308 -11.98 13.64 6.00
CA ARG B 308 -12.13 15.04 5.65
C ARG B 308 -12.52 15.13 4.18
N LEU B 309 -13.52 15.95 3.87
CA LEU B 309 -14.00 16.05 2.50
C LEU B 309 -13.79 17.42 1.87
N MET B 310 -13.22 18.37 2.59
CA MET B 310 -13.15 19.73 2.11
C MET B 310 -11.81 20.31 2.50
N GLU B 311 -11.32 21.23 1.68
CA GLU B 311 -10.11 21.96 2.00
C GLU B 311 -10.17 23.26 1.21
N ASN B 312 -9.69 24.34 1.82
CA ASN B 312 -9.74 25.62 1.14
C ASN B 312 -8.48 25.84 0.32
N ILE B 313 -8.65 26.02 -0.98
CA ILE B 313 -7.49 26.23 -1.85
C ILE B 313 -7.30 27.68 -2.22
N ALA B 314 -8.22 28.57 -1.85
CA ALA B 314 -8.04 29.96 -2.22
C ALA B 314 -7.33 30.78 -1.15
N ASN B 315 -7.39 30.34 0.11
CA ASN B 315 -6.74 31.02 1.21
C ASN B 315 -5.25 31.28 0.90
N PRO B 316 -4.80 32.55 0.85
CA PRO B 316 -3.39 32.79 0.51
C PRO B 316 -2.43 32.13 1.48
N ARG B 317 -2.86 31.89 2.72
CA ARG B 317 -1.97 31.28 3.70
C ARG B 317 -1.64 29.84 3.36
N ASN B 318 -2.31 29.24 2.37
CA ASN B 318 -2.05 27.87 1.94
C ASN B 318 -1.27 27.80 0.64
N ALA B 319 -0.71 28.92 0.16
CA ALA B 319 -0.04 28.92 -1.13
C ALA B 319 1.17 27.99 -1.13
N ASP B 320 1.33 27.26 -2.24
CA ASP B 320 2.49 26.40 -2.44
C ASP B 320 3.58 27.11 -3.24
N ILE B 321 3.19 28.05 -4.09
CA ILE B 321 4.09 28.88 -4.90
C ILE B 321 3.68 30.33 -4.68
N TYR B 322 4.65 31.20 -4.44
CA TYR B 322 4.31 32.60 -4.27
C TYR B 322 5.43 33.51 -4.78
N ASN B 323 5.06 34.44 -5.64
CA ASN B 323 5.96 35.49 -6.14
C ASN B 323 5.22 36.82 -5.99
N PRO B 324 5.78 37.80 -5.27
CA PRO B 324 5.05 39.07 -5.04
C PRO B 324 4.63 39.82 -6.30
N GLN B 325 5.29 39.66 -7.43
CA GLN B 325 4.87 40.29 -8.68
C GLN B 325 4.45 39.26 -9.75
N GLY B 326 4.22 38.04 -9.35
CA GLY B 326 3.77 37.05 -10.30
C GLY B 326 2.42 36.50 -9.89
N GLY B 327 2.31 36.06 -8.64
CA GLY B 327 1.06 35.49 -8.15
C GLY B 327 1.28 34.33 -7.22
N ARG B 328 0.30 33.43 -7.12
CA ARG B 328 0.45 32.27 -6.27
CA ARG B 328 0.46 32.26 -6.28
C ARG B 328 -0.32 31.10 -6.87
N ILE B 329 0.13 29.89 -6.53
CA ILE B 329 -0.53 28.66 -6.92
CA ILE B 329 -0.52 28.66 -6.93
C ILE B 329 -0.65 27.78 -5.70
N SER B 330 -1.75 27.05 -5.61
CA SER B 330 -2.00 26.12 -4.52
C SER B 330 -2.53 24.85 -5.15
N THR B 331 -1.91 23.71 -4.84
CA THR B 331 -2.34 22.43 -5.40
C THR B 331 -3.03 21.62 -4.33
N LEU B 332 -4.07 20.90 -4.72
CA LEU B 332 -4.79 20.03 -3.80
C LEU B 332 -4.71 18.61 -4.32
N ASN B 333 -4.15 17.72 -3.51
CA ASN B 333 -3.93 16.34 -3.92
C ASN B 333 -3.95 15.47 -2.68
N SER B 334 -3.61 14.19 -2.85
CA SER B 334 -3.78 13.24 -1.75
C SER B 334 -2.80 13.46 -0.61
N ASN B 335 -1.75 14.27 -0.81
CA ASN B 335 -0.91 14.64 0.33
C ASN B 335 -1.50 15.78 1.15
N ILE B 336 -2.57 16.40 0.66
CA ILE B 336 -3.29 17.42 1.38
C ILE B 336 -4.64 16.92 1.88
N LEU B 337 -5.27 16.00 1.14
CA LEU B 337 -6.65 15.58 1.42
C LEU B 337 -6.75 14.10 1.07
N PRO B 338 -6.73 13.22 2.08
CA PRO B 338 -6.47 11.80 1.80
C PRO B 338 -7.53 11.15 0.92
N VAL B 339 -8.79 11.60 0.96
CA VAL B 339 -9.82 10.98 0.14
C VAL B 339 -9.46 11.06 -1.35
N LEU B 340 -8.67 12.06 -1.74
CA LEU B 340 -8.35 12.19 -3.15
C LEU B 340 -7.56 11.00 -3.67
N ARG B 341 -6.93 10.21 -2.80
CA ARG B 341 -6.20 9.06 -3.31
C ARG B 341 -7.17 8.02 -3.87
N TYR B 342 -8.38 7.99 -3.35
CA TYR B 342 -9.40 7.08 -3.83
C TYR B 342 -10.26 7.68 -4.94
N LEU B 343 -10.39 9.00 -5.00
CA LEU B 343 -11.09 9.63 -6.12
C LEU B 343 -10.22 9.75 -7.36
N GLN B 344 -8.89 9.69 -7.20
CA GLN B 344 -7.94 9.91 -8.29
C GLN B 344 -8.18 11.25 -8.97
N LEU B 345 -8.42 12.29 -8.17
CA LEU B 345 -8.53 13.66 -8.67
C LEU B 345 -7.62 14.57 -7.88
N SER B 346 -7.30 15.72 -8.50
CA SER B 346 -6.50 16.79 -7.93
C SER B 346 -7.12 18.11 -8.36
N ALA B 347 -6.66 19.20 -7.76
CA ALA B 347 -7.08 20.51 -8.21
C ALA B 347 -5.95 21.51 -7.99
N GLU B 348 -6.08 22.65 -8.65
CA GLU B 348 -5.12 23.74 -8.56
C GLU B 348 -5.89 25.04 -8.54
N ARG B 349 -5.45 25.96 -7.71
CA ARG B 349 -6.04 27.29 -7.63
C ARG B 349 -4.90 28.27 -7.92
N GLY B 350 -5.07 29.09 -8.96
CA GLY B 350 -4.03 30.00 -9.39
C GLY B 350 -4.49 31.45 -9.36
N THR B 351 -3.57 32.34 -9.04
CA THR B 351 -3.80 33.77 -9.14
C THR B 351 -2.58 34.35 -9.80
N LEU B 352 -2.75 34.90 -10.99
CA LEU B 352 -1.71 35.63 -11.69
C LEU B 352 -1.96 37.12 -11.48
N TYR B 353 -0.94 37.83 -11.00
CA TYR B 353 -1.05 39.27 -10.91
C TYR B 353 -1.00 39.88 -12.31
N ARG B 354 -1.19 41.19 -12.36
CA ARG B 354 -1.31 41.91 -13.63
C ARG B 354 -0.15 41.56 -14.56
N GLU B 355 -0.48 41.10 -15.77
CA GLU B 355 0.51 40.85 -16.81
C GLU B 355 1.48 39.71 -16.48
N ALA B 356 1.27 38.95 -15.40
CA ALA B 356 2.23 37.89 -15.08
C ALA B 356 1.98 36.63 -15.93
N ILE B 357 2.99 35.75 -15.97
CA ILE B 357 2.97 34.56 -16.81
C ILE B 357 3.03 33.31 -15.96
N GLN B 358 2.19 32.32 -16.28
CA GLN B 358 2.38 30.98 -15.76
C GLN B 358 3.25 30.21 -16.75
N ALA B 359 4.39 29.73 -16.28
CA ALA B 359 5.41 29.21 -17.18
C ALA B 359 4.81 28.22 -18.17
N PRO B 360 5.24 28.23 -19.43
CA PRO B 360 4.88 27.15 -20.34
C PRO B 360 5.20 25.80 -19.72
N HIS B 361 4.27 24.89 -19.84
CA HIS B 361 4.40 23.64 -19.13
C HIS B 361 3.46 22.62 -19.76
N TYR B 362 3.54 21.40 -19.27
CA TYR B 362 2.52 20.40 -19.61
C TYR B 362 2.27 19.57 -18.37
N ASN B 363 1.12 18.91 -18.34
CA ASN B 363 0.77 18.03 -17.23
C ASN B 363 1.16 16.61 -17.60
N LEU B 364 1.97 15.99 -16.76
CA LEU B 364 2.56 14.70 -17.06
C LEU B 364 1.50 13.61 -17.10
N ASN B 365 0.54 13.68 -16.20
CA ASN B 365 -0.22 12.48 -15.87
C ASN B 365 -1.70 12.77 -15.72
N SER B 366 -2.21 13.84 -16.35
CA SER B 366 -3.65 14.10 -16.28
C SER B 366 -4.07 15.13 -17.31
N HIS B 367 -5.37 15.18 -17.56
CA HIS B 367 -5.95 16.35 -18.21
C HIS B 367 -6.16 17.45 -17.17
N SER B 368 -6.34 18.69 -17.65
CA SER B 368 -6.57 19.83 -16.77
C SER B 368 -7.74 20.64 -17.30
N VAL B 369 -8.80 20.76 -16.50
CA VAL B 369 -10.00 21.51 -16.88
C VAL B 369 -9.96 22.83 -16.13
N ILE B 370 -9.74 23.92 -16.85
CA ILE B 370 -9.49 25.22 -16.26
C ILE B 370 -10.80 25.99 -16.26
N PHE B 371 -11.19 26.50 -15.11
CA PHE B 371 -12.35 27.36 -15.04
C PHE B 371 -11.90 28.74 -14.57
N ALA B 372 -12.24 29.77 -15.35
CA ALA B 372 -11.77 31.13 -15.11
C ALA B 372 -12.66 31.80 -14.06
N ILE B 373 -12.06 32.15 -12.92
CA ILE B 373 -12.82 32.73 -11.81
C ILE B 373 -12.94 34.25 -11.96
N ARG B 374 -11.86 34.93 -12.34
CA ARG B 374 -11.93 36.38 -12.48
C ARG B 374 -10.79 36.84 -13.37
N GLY B 375 -10.98 38.02 -13.96
CA GLY B 375 -10.03 38.65 -14.85
C GLY B 375 -10.03 37.94 -16.20
N ASN B 376 -8.87 37.97 -16.85
CA ASN B 376 -8.75 37.33 -18.15
C ASN B 376 -7.31 36.96 -18.37
N GLY B 377 -7.10 35.96 -19.22
CA GLY B 377 -5.77 35.47 -19.43
C GLY B 377 -5.59 35.05 -20.86
N ARG B 378 -4.45 35.40 -21.44
CA ARG B 378 -4.13 34.91 -22.76
C ARG B 378 -3.60 33.49 -22.60
N ILE B 379 -4.10 32.56 -23.40
CA ILE B 379 -3.72 31.16 -23.24
C ILE B 379 -3.44 30.58 -24.62
N GLN B 380 -2.37 29.79 -24.70
CA GLN B 380 -2.06 29.02 -25.89
C GLN B 380 -1.91 27.58 -25.48
N VAL B 381 -2.44 26.66 -26.31
CA VAL B 381 -2.30 25.22 -26.12
C VAL B 381 -1.76 24.62 -27.40
N VAL B 382 -0.76 23.73 -27.27
CA VAL B 382 -0.08 23.11 -28.41
C VAL B 382 -0.17 21.59 -28.31
N LYS B 383 -0.45 20.93 -29.44
CA LYS B 383 -0.60 19.47 -29.43
C LYS B 383 0.66 18.77 -29.94
N ASP B 384 0.54 17.45 -30.17
CA ASP B 384 1.73 16.60 -30.29
C ASP B 384 2.60 16.98 -31.48
N ASN B 385 1.99 17.36 -32.61
CA ASN B 385 2.78 17.63 -33.80
C ASN B 385 3.25 19.08 -33.88
N GLY B 386 3.18 19.83 -32.78
CA GLY B 386 3.61 21.22 -32.74
C GLY B 386 2.57 22.24 -33.16
N GLN B 387 1.37 21.82 -33.53
CA GLN B 387 0.38 22.75 -34.03
C GLN B 387 -0.33 23.40 -32.85
N ASN B 388 -0.50 24.72 -32.94
CA ASN B 388 -1.29 25.43 -31.95
C ASN B 388 -2.77 25.09 -32.14
N ILE B 389 -3.41 24.59 -31.08
CA ILE B 389 -4.84 24.28 -31.14
C ILE B 389 -5.71 25.27 -30.37
N PHE B 390 -5.12 26.20 -29.63
CA PHE B 390 -5.87 27.28 -29.01
C PHE B 390 -4.95 28.49 -28.92
N ASP B 391 -5.46 29.63 -29.37
CA ASP B 391 -4.70 30.89 -29.31
C ASP B 391 -5.70 32.01 -29.06
N GLY B 392 -6.13 32.13 -27.80
CA GLY B 392 -7.14 33.11 -27.48
C GLY B 392 -7.10 33.54 -26.03
N GLU B 393 -8.18 34.17 -25.56
CA GLU B 393 -8.31 34.60 -24.18
C GLU B 393 -9.32 33.73 -23.47
N LEU B 394 -9.15 33.60 -22.16
CA LEU B 394 -10.13 32.99 -21.27
C LEU B 394 -10.62 34.08 -20.32
N ARG B 395 -11.92 34.35 -20.33
CA ARG B 395 -12.56 35.33 -19.47
CA ARG B 395 -12.53 35.34 -19.44
C ARG B 395 -13.33 34.65 -18.35
N GLN B 396 -13.68 35.44 -17.33
CA GLN B 396 -14.47 34.93 -16.22
C GLN B 396 -15.65 34.12 -16.72
N GLY B 397 -15.89 32.97 -16.11
CA GLY B 397 -17.03 32.16 -16.43
C GLY B 397 -16.81 31.17 -17.56
N GLN B 398 -15.64 31.20 -18.20
CA GLN B 398 -15.33 30.30 -19.30
C GLN B 398 -14.43 29.19 -18.80
N ALA B 399 -14.41 28.08 -19.57
CA ALA B 399 -13.65 26.90 -19.23
C ALA B 399 -12.88 26.43 -20.46
N LEU B 400 -11.71 25.85 -20.22
CA LEU B 400 -10.87 25.36 -21.29
C LEU B 400 -10.19 24.11 -20.77
N THR B 401 -10.10 23.09 -21.63
CA THR B 401 -9.49 21.81 -21.27
C THR B 401 -8.11 21.72 -21.91
N ILE B 402 -7.10 21.40 -21.09
CA ILE B 402 -5.76 21.08 -21.58
C ILE B 402 -5.55 19.57 -21.47
N PRO B 403 -5.63 18.83 -22.58
CA PRO B 403 -5.45 17.37 -22.51
C PRO B 403 -4.06 17.00 -22.02
N GLN B 404 -3.96 15.79 -21.49
CA GLN B 404 -2.70 15.30 -20.97
C GLN B 404 -1.56 15.55 -21.95
N ASN B 405 -0.44 16.08 -21.45
CA ASN B 405 0.81 16.28 -22.18
C ASN B 405 0.79 17.39 -23.23
N PHE B 406 -0.37 17.97 -23.55
CA PHE B 406 -0.38 19.13 -24.44
C PHE B 406 0.28 20.31 -23.72
N ALA B 407 1.05 21.11 -24.46
CA ALA B 407 1.80 22.19 -23.83
C ALA B 407 0.91 23.43 -23.70
N VAL B 408 1.08 24.18 -22.61
CA VAL B 408 0.19 25.29 -22.33
C VAL B 408 0.97 26.42 -21.67
N ILE B 409 0.62 27.66 -22.03
CA ILE B 409 1.19 28.86 -21.44
C ILE B 409 0.04 29.81 -21.14
N LYS B 410 0.16 30.56 -20.04
CA LYS B 410 -0.85 31.57 -19.71
C LYS B 410 -0.19 32.90 -19.39
N ARG B 411 -0.82 33.98 -19.82
CA ARG B 411 -0.40 35.32 -19.42
C ARG B 411 -1.62 36.15 -19.03
N ALA B 412 -1.63 36.63 -17.79
CA ALA B 412 -2.78 37.40 -17.32
C ALA B 412 -2.89 38.73 -18.06
N GLY B 413 -4.10 39.25 -18.14
CA GLY B 413 -4.30 40.58 -18.64
C GLY B 413 -3.93 41.62 -17.59
N SER B 414 -4.24 42.87 -17.92
CA SER B 414 -3.86 44.00 -17.07
C SER B 414 -4.58 44.00 -15.72
N GLU B 415 -5.59 43.14 -15.52
CA GLU B 415 -6.29 43.07 -14.24
C GLU B 415 -5.97 41.79 -13.47
N GLY B 416 -5.00 41.00 -13.91
CA GLY B 416 -4.76 39.71 -13.30
C GLY B 416 -5.71 38.65 -13.82
N PHE B 417 -5.45 37.41 -13.41
CA PHE B 417 -6.21 36.24 -13.84
C PHE B 417 -6.28 35.24 -12.71
N GLU B 418 -7.48 34.74 -12.42
CA GLU B 418 -7.68 33.78 -11.35
C GLU B 418 -8.50 32.62 -11.90
N TRP B 419 -8.12 31.40 -11.54
CA TRP B 419 -8.76 30.19 -12.04
C TRP B 419 -8.67 29.08 -11.01
N VAL B 420 -9.55 28.10 -11.17
CA VAL B 420 -9.37 26.78 -10.57
C VAL B 420 -9.22 25.78 -11.71
N ALA B 421 -8.27 24.86 -11.57
CA ALA B 421 -8.13 23.75 -12.51
C ALA B 421 -8.45 22.42 -11.83
N PHE B 422 -9.30 21.61 -12.46
CA PHE B 422 -9.57 20.26 -12.00
C PHE B 422 -8.74 19.31 -12.84
N LYS B 423 -8.00 18.41 -12.18
CA LYS B 423 -7.08 17.51 -12.87
C LYS B 423 -7.47 16.05 -12.62
N THR B 424 -7.41 15.26 -13.69
CA THR B 424 -7.91 13.87 -13.75
C THR B 424 -6.88 12.82 -13.28
N ASN B 425 -6.14 13.10 -12.22
CA ASN B 425 -5.38 12.05 -11.55
C ASN B 425 -5.14 12.40 -10.10
N ASP B 426 -4.84 11.36 -9.34
CA ASP B 426 -4.19 11.53 -8.06
C ASP B 426 -2.83 12.17 -8.28
N ASN B 427 -2.50 13.14 -7.44
CA ASN B 427 -1.18 13.78 -7.45
C ASN B 427 -0.78 14.20 -8.86
N ALA B 428 -1.57 15.10 -9.44
CA ALA B 428 -1.26 15.63 -10.76
C ALA B 428 0.06 16.37 -10.70
N GLN B 429 0.89 16.19 -11.72
CA GLN B 429 2.17 16.88 -11.75
C GLN B 429 2.38 17.63 -13.04
N ARG B 430 3.00 18.80 -12.90
CA ARG B 430 3.30 19.72 -13.98
C ARG B 430 4.77 19.60 -14.32
N LEU B 431 5.08 19.62 -15.61
CA LEU B 431 6.48 19.72 -16.01
C LEU B 431 6.69 21.08 -16.68
N PRO B 432 7.29 22.05 -16.00
CA PRO B 432 7.50 23.36 -16.63
C PRO B 432 8.53 23.24 -17.74
N LEU B 433 8.33 24.01 -18.80
CA LEU B 433 9.27 24.05 -19.92
C LEU B 433 10.24 25.22 -19.87
N ALA B 434 10.01 26.21 -19.01
CA ALA B 434 10.89 27.37 -18.88
C ALA B 434 11.12 27.66 -17.41
N GLY B 435 12.29 28.22 -17.09
CA GLY B 435 12.56 28.67 -15.74
C GLY B 435 13.13 27.60 -14.84
N ARG B 436 13.18 27.94 -13.55
CA ARG B 436 13.70 26.99 -12.56
C ARG B 436 12.82 25.73 -12.48
N ASN B 437 13.47 24.58 -12.30
CA ASN B 437 12.83 23.28 -12.20
C ASN B 437 12.22 22.80 -13.51
N SER B 438 12.65 23.32 -14.64
CA SER B 438 12.02 23.03 -15.92
C SER B 438 12.81 21.96 -16.66
N ALA B 439 12.17 21.40 -17.70
CA ALA B 439 12.87 20.46 -18.58
C ALA B 439 14.06 21.13 -19.26
N ILE B 440 13.92 22.37 -19.71
CA ILE B 440 15.05 23.00 -20.41
C ILE B 440 16.26 23.11 -19.47
N ARG B 441 16.00 23.43 -18.20
CA ARG B 441 17.09 23.57 -17.23
C ARG B 441 17.73 22.23 -16.90
N ALA B 442 16.96 21.13 -16.91
CA ALA B 442 17.48 19.80 -16.63
C ALA B 442 18.36 19.24 -17.74
N ILE B 443 18.37 19.88 -18.91
CA ILE B 443 19.04 19.35 -20.10
C ILE B 443 20.41 20.00 -20.24
N PRO B 444 21.48 19.23 -20.53
CA PRO B 444 22.83 19.83 -20.68
C PRO B 444 22.86 20.87 -21.78
N GLU B 445 23.66 21.94 -21.56
CA GLU B 445 23.76 23.00 -22.56
C GLU B 445 24.14 22.45 -23.92
N ASP B 446 25.08 21.50 -23.94
CA ASP B 446 25.56 20.93 -25.19
C ASP B 446 24.42 20.33 -26.01
N VAL B 447 23.45 19.68 -25.34
CA VAL B 447 22.33 19.09 -26.07
C VAL B 447 21.46 20.18 -26.68
N LEU B 448 21.18 21.25 -25.90
CA LEU B 448 20.39 22.36 -26.43
C LEU B 448 21.09 23.02 -27.61
N ILE B 449 22.41 23.14 -27.53
CA ILE B 449 23.16 23.76 -28.63
C ILE B 449 22.85 23.04 -29.94
N ASN B 450 22.95 21.71 -29.93
CA ASN B 450 22.69 20.92 -31.13
C ASN B 450 21.19 20.83 -31.45
N SER B 451 20.33 20.88 -30.44
CA SER B 451 18.89 20.77 -30.68
C SER B 451 18.38 21.94 -31.53
N TYR B 452 18.76 23.17 -31.18
CA TYR B 452 18.22 24.37 -31.80
C TYR B 452 19.24 25.07 -32.68
N ARG B 453 20.48 24.61 -32.72
CA ARG B 453 21.50 25.25 -33.53
C ARG B 453 21.80 26.66 -33.01
N ILE B 454 21.94 26.76 -31.70
CA ILE B 454 22.29 28.02 -31.07
C ILE B 454 23.73 27.94 -30.59
N SER B 455 24.32 29.12 -30.35
CA SER B 455 25.65 29.22 -29.78
C SER B 455 25.59 28.91 -28.29
N ARG B 456 26.76 28.69 -27.67
CA ARG B 456 26.74 28.35 -26.25
C ARG B 456 26.16 29.49 -25.40
N SER B 457 26.46 30.74 -25.76
CA SER B 457 25.95 31.86 -24.96
C SER B 457 24.43 31.95 -25.05
N GLU B 458 23.88 31.67 -26.23
CA GLU B 458 22.43 31.55 -26.40
C GLU B 458 21.85 30.43 -25.56
N ALA B 459 22.51 29.27 -25.57
CA ALA B 459 22.05 28.13 -24.77
C ALA B 459 22.06 28.45 -23.29
N ARG B 460 23.15 29.03 -22.80
CA ARG B 460 23.16 29.41 -21.38
C ARG B 460 22.03 30.39 -21.04
N ARG B 461 21.78 31.37 -21.92
CA ARG B 461 20.68 32.29 -21.61
C ARG B 461 19.32 31.60 -21.69
N LEU B 462 19.12 30.75 -22.69
CA LEU B 462 17.89 29.96 -22.74
C LEU B 462 17.64 29.24 -21.42
N LYS B 463 18.68 28.59 -20.88
CA LYS B 463 18.51 27.77 -19.66
C LYS B 463 18.29 28.62 -18.42
N PHE B 464 19.03 29.70 -18.29
CA PHE B 464 19.25 30.32 -16.99
C PHE B 464 18.76 31.75 -16.87
N ILE B 465 18.27 32.38 -17.94
CA ILE B 465 17.96 33.81 -17.85
C ILE B 465 16.70 34.06 -17.01
N ARG B 466 15.73 33.15 -17.05
CA ARG B 466 14.55 33.22 -16.17
C ARG B 466 14.83 32.34 -14.95
N ASN B 467 15.11 32.98 -13.80
CA ASN B 467 15.49 32.20 -12.62
C ASN B 467 14.32 31.93 -11.67
N GLU B 468 13.11 32.28 -12.05
CA GLU B 468 11.94 32.03 -11.23
C GLU B 468 11.36 30.66 -11.58
N THR B 469 10.44 30.19 -10.75
CA THR B 469 9.79 28.92 -10.97
C THR B 469 8.28 29.10 -11.15
N THR B 470 7.73 28.53 -12.23
CA THR B 470 6.28 28.30 -12.41
C THR B 470 5.47 29.57 -12.63
N ILE B 471 5.56 30.51 -11.71
CA ILE B 471 4.88 31.79 -11.80
C ILE B 471 5.95 32.85 -12.09
N PHE B 472 5.80 33.58 -13.20
CA PHE B 472 6.81 34.54 -13.64
C PHE B 472 6.31 35.96 -13.39
N SER B 473 7.17 36.78 -12.80
CA SER B 473 6.79 38.14 -12.47
C SER B 473 6.78 39.04 -13.70
N SER B 474 6.00 40.10 -13.61
CA SER B 474 5.98 41.17 -14.59
C SER B 474 6.49 42.45 -13.92
N ARG C 11 -13.04 -3.14 -33.99
CA ARG C 11 -12.19 -3.94 -34.87
C ARG C 11 -12.06 -5.39 -34.37
N HIS C 12 -11.89 -6.32 -35.31
CA HIS C 12 -11.58 -7.69 -34.93
C HIS C 12 -10.19 -7.78 -34.29
N PHE C 13 -9.25 -6.95 -34.73
CA PHE C 13 -7.90 -7.02 -34.20
C PHE C 13 -7.85 -6.51 -32.77
N GLY C 14 -8.53 -5.38 -32.49
CA GLY C 14 -8.48 -4.80 -31.17
C GLY C 14 -8.95 -5.75 -30.09
N GLU C 15 -9.82 -6.70 -30.45
CA GLU C 15 -10.31 -7.69 -29.52
C GLU C 15 -9.54 -9.01 -29.66
N CYS C 16 -8.46 -9.02 -30.44
CA CYS C 16 -7.58 -10.18 -30.54
C CYS C 16 -8.32 -11.41 -31.06
N ASN C 17 -9.33 -11.19 -31.90
CA ASN C 17 -10.01 -12.27 -32.63
C ASN C 17 -9.27 -12.57 -33.93
N LEU C 18 -7.99 -12.87 -33.82
CA LEU C 18 -7.13 -12.95 -34.98
C LEU C 18 -7.02 -14.39 -35.42
N ASP C 19 -7.28 -14.64 -36.70
CA ASP C 19 -7.17 -16.00 -37.20
C ASP C 19 -5.73 -16.36 -37.49
N ARG C 20 -4.90 -15.38 -37.83
CA ARG C 20 -3.49 -15.62 -38.09
C ARG C 20 -2.71 -14.41 -37.60
N LEU C 21 -1.64 -14.66 -36.86
CA LEU C 21 -0.69 -13.62 -36.50
C LEU C 21 0.54 -13.77 -37.40
N ASN C 22 1.21 -12.66 -37.66
CA ASN C 22 2.42 -12.71 -38.46
C ASN C 22 3.49 -11.85 -37.82
N VAL C 23 4.75 -12.09 -38.20
CA VAL C 23 5.81 -11.16 -37.84
C VAL C 23 5.46 -9.80 -38.40
N VAL C 24 5.74 -8.75 -37.63
CA VAL C 24 5.25 -7.42 -37.91
C VAL C 24 6.43 -6.60 -38.40
N GLU C 25 6.27 -6.00 -39.54
CA GLU C 25 7.28 -5.21 -40.22
C GLU C 25 7.08 -3.73 -39.88
N PRO C 26 8.14 -2.93 -39.86
CA PRO C 26 7.97 -1.51 -39.53
C PRO C 26 7.04 -0.80 -40.51
N THR C 27 6.13 0.02 -39.98
CA THR C 27 5.14 0.68 -40.85
C THR C 27 5.72 1.92 -41.51
N ASN C 28 6.59 2.67 -40.81
CA ASN C 28 7.25 3.86 -41.32
C ASN C 28 8.75 3.77 -41.11
N ARG C 29 9.50 4.39 -42.02
CA ARG C 29 10.93 4.57 -41.88
C ARG C 29 11.23 6.04 -42.11
N ILE C 30 11.82 6.71 -41.12
CA ILE C 30 12.09 8.14 -41.18
C ILE C 30 13.60 8.32 -41.12
N THR C 31 14.18 8.93 -42.16
CA THR C 31 15.63 9.07 -42.28
C THR C 31 16.03 10.49 -41.86
N SER C 32 16.73 10.60 -40.74
CA SER C 32 17.16 11.89 -40.20
C SER C 32 18.65 12.11 -40.46
N GLU C 33 19.11 13.33 -40.18
CA GLU C 33 20.52 13.59 -40.44
C GLU C 33 21.42 12.69 -39.60
N GLY C 34 21.02 12.40 -38.36
CA GLY C 34 21.82 11.64 -37.42
C GLY C 34 21.44 10.18 -37.22
N GLY C 35 20.57 9.62 -38.06
CA GLY C 35 20.24 8.21 -37.92
C GLY C 35 18.91 7.91 -38.62
N THR C 36 18.33 6.77 -38.26
CA THR C 36 17.08 6.33 -38.86
C THR C 36 16.10 5.92 -37.76
N VAL C 37 14.82 6.21 -37.99
CA VAL C 37 13.75 5.87 -37.05
C VAL C 37 12.79 4.95 -37.79
N GLU C 38 12.50 3.80 -37.20
CA GLU C 38 11.53 2.85 -37.75
C GLU C 38 10.37 2.76 -36.78
N LYS C 39 9.15 2.89 -37.29
CA LYS C 39 7.96 2.88 -36.47
C LYS C 39 7.12 1.66 -36.80
N TRP C 40 6.76 0.88 -35.77
CA TRP C 40 5.68 -0.12 -35.86
C TRP C 40 4.45 0.56 -35.28
N ASP C 41 3.53 0.96 -36.15
CA ASP C 41 2.45 1.80 -35.69
C ASP C 41 1.26 0.99 -35.16
N THR C 42 0.43 1.66 -34.38
CA THR C 42 -0.57 0.98 -33.58
C THR C 42 -1.64 0.24 -34.39
N ASN C 43 -1.86 0.58 -35.67
CA ASN C 43 -2.96 -0.08 -36.38
C ASN C 43 -2.53 -1.35 -37.09
N GLN C 44 -1.29 -1.80 -36.90
CA GLN C 44 -0.94 -3.17 -37.22
C GLN C 44 -1.87 -4.09 -36.44
N GLN C 45 -2.36 -5.16 -37.09
CA GLN C 45 -3.35 -6.00 -36.43
C GLN C 45 -2.82 -6.60 -35.13
N GLN C 46 -1.57 -7.10 -35.15
CA GLN C 46 -1.03 -7.69 -33.93
C GLN C 46 -0.90 -6.64 -32.84
N PHE C 47 -0.53 -5.42 -33.21
CA PHE C 47 -0.32 -4.37 -32.24
C PHE C 47 -1.64 -3.82 -31.73
N GLN C 48 -2.67 -3.81 -32.56
CA GLN C 48 -4.00 -3.45 -32.08
C GLN C 48 -4.44 -4.42 -31.01
N CYS C 49 -4.23 -5.71 -31.24
CA CYS C 49 -4.53 -6.70 -30.22
C CYS C 49 -3.82 -6.37 -28.92
N ALA C 50 -2.50 -6.18 -28.99
CA ALA C 50 -1.66 -6.02 -27.81
C ALA C 50 -1.69 -4.59 -27.24
N GLY C 51 -2.16 -3.62 -28.02
CA GLY C 51 -2.30 -2.25 -27.53
C GLY C 51 -0.95 -1.55 -27.38
N VAL C 52 -0.04 -1.80 -28.33
CA VAL C 52 1.34 -1.32 -28.20
C VAL C 52 1.77 -0.69 -29.51
N ALA C 53 2.84 0.09 -29.42
CA ALA C 53 3.59 0.58 -30.56
C ALA C 53 5.06 0.21 -30.35
N ALA C 54 5.85 0.25 -31.42
CA ALA C 54 7.28 0.00 -31.30
C ALA C 54 8.01 0.98 -32.20
N ILE C 55 9.25 1.31 -31.78
CA ILE C 55 10.16 2.18 -32.53
C ILE C 55 11.54 1.56 -32.45
N ARG C 56 12.22 1.46 -33.58
CA ARG C 56 13.63 1.10 -33.58
C ARG C 56 14.41 2.32 -34.04
N ARG C 57 15.31 2.78 -33.18
CA ARG C 57 16.13 3.94 -33.46
CA ARG C 57 16.12 3.95 -33.43
C ARG C 57 17.57 3.51 -33.64
N THR C 58 18.18 3.91 -34.75
CA THR C 58 19.59 3.64 -34.99
C THR C 58 20.29 4.98 -35.07
N ILE C 59 21.09 5.29 -34.06
CA ILE C 59 21.68 6.62 -33.88
C ILE C 59 23.14 6.54 -34.28
N GLU C 60 23.54 7.36 -35.25
CA GLU C 60 24.93 7.35 -35.71
C GLU C 60 25.84 7.86 -34.59
N PRO C 61 27.11 7.46 -34.59
CA PRO C 61 28.00 7.93 -33.51
C PRO C 61 28.08 9.45 -33.50
N ASN C 62 28.26 10.01 -32.30
CA ASN C 62 28.33 11.46 -32.11
C ASN C 62 27.10 12.15 -32.69
N SER C 63 25.93 11.52 -32.54
CA SER C 63 24.64 12.12 -32.83
C SER C 63 23.74 12.00 -31.60
N GLU C 64 22.65 12.77 -31.57
CA GLU C 64 21.76 12.82 -30.42
C GLU C 64 20.31 12.73 -30.89
N VAL C 65 19.43 12.21 -30.04
CA VAL C 65 18.01 12.26 -30.38
C VAL C 65 17.51 13.63 -29.93
N GLN C 66 16.50 14.15 -30.62
CA GLN C 66 15.90 15.42 -30.18
C GLN C 66 15.02 15.18 -28.96
N PRO C 67 15.18 15.94 -27.87
CA PRO C 67 14.42 15.64 -26.66
C PRO C 67 12.92 15.60 -26.95
N ASN C 68 12.24 14.64 -26.31
CA ASN C 68 10.83 14.36 -26.59
C ASN C 68 10.21 13.63 -25.41
N TYR C 69 8.87 13.55 -25.45
CA TYR C 69 8.10 12.91 -24.40
C TYR C 69 6.78 12.43 -24.99
N GLN C 70 6.09 11.56 -24.24
CA GLN C 70 4.83 11.01 -24.75
C GLN C 70 4.00 10.50 -23.59
N PRO C 71 2.68 10.45 -23.74
CA PRO C 71 1.82 10.11 -22.60
C PRO C 71 1.72 8.62 -22.29
N ALA C 72 2.56 7.76 -22.86
CA ALA C 72 2.52 6.35 -22.47
C ALA C 72 3.91 5.89 -22.08
N PRO C 73 4.01 4.91 -21.19
CA PRO C 73 5.32 4.44 -20.74
C PRO C 73 5.98 3.60 -21.83
N MET C 74 7.29 3.44 -21.71
CA MET C 74 8.05 2.79 -22.76
C MET C 74 9.24 2.07 -22.13
N LEU C 75 9.53 0.87 -22.62
CA LEU C 75 10.72 0.12 -22.25
C LEU C 75 11.58 0.04 -23.50
N ILE C 76 12.89 0.21 -23.34
CA ILE C 76 13.77 0.38 -24.49
C ILE C 76 14.92 -0.59 -24.33
N TYR C 77 15.12 -1.45 -25.33
CA TYR C 77 16.19 -2.42 -25.31
C TYR C 77 17.33 -1.93 -26.18
N ILE C 78 18.54 -1.94 -25.62
CA ILE C 78 19.69 -1.40 -26.32
C ILE C 78 20.33 -2.59 -27.01
N GLU C 79 20.13 -2.70 -28.32
CA GLU C 79 20.60 -3.88 -29.04
C GLU C 79 22.08 -3.81 -29.41
N LYS C 80 22.60 -2.60 -29.64
CA LYS C 80 23.99 -2.41 -30.04
C LYS C 80 24.44 -1.04 -29.55
N GLY C 81 25.72 -0.91 -29.28
CA GLY C 81 26.31 0.37 -29.04
C GLY C 81 26.29 0.73 -27.59
N ARG C 82 26.70 1.96 -27.32
CA ARG C 82 26.69 2.53 -25.99
C ARG C 82 26.51 4.04 -26.10
N GLY C 83 25.99 4.64 -25.05
CA GLY C 83 25.78 6.06 -25.09
C GLY C 83 25.29 6.58 -23.76
N LEU C 84 24.69 7.76 -23.82
CA LEU C 84 24.20 8.46 -22.64
C LEU C 84 22.71 8.71 -22.78
N LEU C 85 21.99 8.53 -21.68
CA LEU C 85 20.55 8.73 -21.66
C LEU C 85 20.21 9.85 -20.69
N GLY C 86 19.35 10.76 -21.12
CA GLY C 86 18.84 11.79 -20.23
C GLY C 86 17.34 11.69 -20.08
N VAL C 87 16.88 11.72 -18.83
CA VAL C 87 15.46 11.72 -18.49
CA VAL C 87 15.46 11.71 -18.48
C VAL C 87 15.25 12.78 -17.41
N VAL C 88 14.25 13.64 -17.61
CA VAL C 88 14.04 14.73 -16.66
C VAL C 88 12.89 14.33 -15.74
N ILE C 89 13.03 14.66 -14.46
CA ILE C 89 12.01 14.38 -13.47
C ILE C 89 11.65 15.74 -12.87
N PRO C 90 10.47 16.28 -13.16
CA PRO C 90 10.17 17.65 -12.72
C PRO C 90 10.25 17.77 -11.21
N GLY C 91 10.93 18.82 -10.75
CA GLY C 91 11.04 19.08 -9.35
C GLY C 91 12.31 18.54 -8.70
N CYS C 92 12.97 17.57 -9.34
CA CYS C 92 14.22 17.06 -8.82
C CYS C 92 15.35 18.06 -9.05
N ALA C 93 16.22 18.20 -8.06
CA ALA C 93 17.34 19.14 -8.19
C ALA C 93 18.31 18.66 -9.25
N GLU C 94 18.95 19.61 -9.93
CA GLU C 94 19.97 19.23 -10.92
C GLU C 94 21.28 18.96 -10.19
N THR C 95 21.63 17.68 -10.07
CA THR C 95 22.74 17.26 -9.22
C THR C 95 23.96 16.81 -10.01
N TYR C 96 24.00 17.04 -11.32
CA TYR C 96 25.19 16.87 -12.15
C TYR C 96 25.65 18.27 -12.51
N GLU C 97 26.84 18.67 -12.05
CA GLU C 97 27.29 20.03 -12.30
C GLU C 97 28.81 20.10 -12.36
N SER C 98 29.30 21.19 -12.93
CA SER C 98 30.74 21.38 -13.10
C SER C 98 31.18 22.72 -12.52
N GLN C 99 30.62 23.13 -11.38
CA GLN C 99 31.07 24.35 -10.73
C GLN C 99 32.57 24.29 -10.50
N SER C 100 33.27 25.36 -10.84
CA SER C 100 34.73 25.36 -10.88
C SER C 100 35.34 26.10 -9.68
N HIS C 101 36.60 25.75 -9.37
CA HIS C 101 37.30 26.44 -8.29
C HIS C 101 37.32 27.95 -8.54
N GLN C 102 37.53 28.35 -9.79
CA GLN C 102 37.54 29.78 -10.09
C GLN C 102 36.18 30.39 -9.84
N GLN C 103 35.12 29.63 -10.13
CA GLN C 103 33.77 30.07 -9.80
C GLN C 103 33.63 30.28 -8.30
N ASN C 104 34.04 29.29 -7.50
CA ASN C 104 33.95 29.35 -6.04
C ASN C 104 34.73 30.54 -5.50
N LYS C 105 36.03 30.59 -5.80
CA LYS C 105 36.88 31.68 -5.33
C LYS C 105 36.25 33.02 -5.65
N GLY C 106 35.83 33.20 -6.90
CA GLY C 106 35.23 34.46 -7.29
C GLY C 106 34.09 34.87 -6.40
N GLN C 107 33.14 33.96 -6.17
CA GLN C 107 31.95 34.31 -5.39
C GLN C 107 32.34 34.71 -3.97
N ARG C 108 33.19 33.92 -3.32
CA ARG C 108 33.55 34.20 -1.93
C ARG C 108 34.28 35.53 -1.82
N ALA C 109 35.40 35.67 -2.55
CA ALA C 109 36.27 36.82 -2.35
C ALA C 109 35.60 38.15 -2.70
N SER C 110 34.48 38.12 -3.43
CA SER C 110 33.77 39.33 -3.80
C SER C 110 33.03 39.96 -2.62
N GLN C 111 32.82 39.22 -1.54
CA GLN C 111 32.03 39.68 -0.40
C GLN C 111 30.64 40.11 -0.85
N GLY C 112 30.12 39.49 -1.92
CA GLY C 112 28.85 39.91 -2.48
C GLY C 112 27.93 38.84 -3.03
N GLN C 113 28.20 37.57 -2.75
CA GLN C 113 27.35 36.53 -3.33
C GLN C 113 25.96 36.53 -2.68
N SER C 114 24.96 36.14 -3.47
CA SER C 114 23.57 36.31 -3.09
C SER C 114 22.64 35.72 -4.13
N GLN C 115 21.34 36.02 -3.99
CA GLN C 115 20.36 35.57 -4.98
C GLN C 115 20.44 36.41 -6.25
N ARG C 116 20.55 37.72 -6.12
CA ARG C 116 20.50 38.62 -7.28
C ARG C 116 21.85 38.65 -8.01
N GLN C 119 30.53 25.35 -14.91
CA GLN C 119 29.80 26.19 -15.85
C GLN C 119 28.48 25.58 -16.40
N ASP C 120 28.15 24.31 -16.08
CA ASP C 120 26.80 23.83 -16.37
C ASP C 120 26.25 23.06 -15.16
N GLN C 121 24.94 22.87 -15.18
CA GLN C 121 24.26 22.03 -14.20
C GLN C 121 23.09 21.39 -14.92
N HIS C 122 22.88 20.10 -14.67
CA HIS C 122 21.78 19.43 -15.34
C HIS C 122 21.39 18.22 -14.52
N GLN C 123 20.30 17.58 -14.94
CA GLN C 123 19.87 16.40 -14.20
C GLN C 123 20.74 15.19 -14.56
N ARG C 124 20.63 14.17 -13.72
CA ARG C 124 21.42 12.95 -13.85
C ARG C 124 21.38 12.41 -15.29
N VAL C 125 22.53 11.93 -15.78
CA VAL C 125 22.57 11.26 -17.08
C VAL C 125 23.13 9.85 -16.86
N HIS C 126 22.64 8.89 -17.65
CA HIS C 126 22.88 7.48 -17.43
C HIS C 126 23.70 6.89 -18.57
N ARG C 127 24.82 6.24 -18.25
CA ARG C 127 25.54 5.44 -19.23
C ARG C 127 24.68 4.24 -19.61
N ILE C 128 24.36 4.09 -20.88
CA ILE C 128 23.64 2.92 -21.36
C ILE C 128 24.52 2.14 -22.32
N ARG C 129 24.31 0.82 -22.37
CA ARG C 129 25.13 -0.07 -23.18
C ARG C 129 24.30 -1.20 -23.77
N GLU C 130 24.86 -1.83 -24.81
CA GLU C 130 24.31 -3.07 -25.34
C GLU C 130 23.80 -3.98 -24.23
N GLY C 131 22.56 -4.45 -24.37
CA GLY C 131 21.99 -5.37 -23.40
C GLY C 131 21.17 -4.69 -22.33
N ASP C 132 21.22 -3.36 -22.25
CA ASP C 132 20.44 -2.64 -21.26
C ASP C 132 18.98 -2.59 -21.64
N ILE C 133 18.11 -2.61 -20.63
CA ILE C 133 16.72 -2.21 -20.79
C ILE C 133 16.53 -0.91 -20.03
N LEU C 134 15.83 0.04 -20.66
CA LEU C 134 15.62 1.37 -20.10
C LEU C 134 14.14 1.57 -19.85
N ALA C 135 13.81 2.14 -18.71
CA ALA C 135 12.42 2.37 -18.32
C ALA C 135 12.14 3.86 -18.47
N ILE C 136 11.27 4.23 -19.41
CA ILE C 136 10.93 5.63 -19.62
CA ILE C 136 10.93 5.62 -19.63
C ILE C 136 9.51 5.88 -19.13
N PRO C 137 9.33 6.50 -17.96
CA PRO C 137 7.97 6.76 -17.46
C PRO C 137 7.17 7.61 -18.43
N ALA C 138 5.85 7.37 -18.47
CA ALA C 138 5.00 8.19 -19.31
C ALA C 138 5.17 9.66 -18.95
N GLY C 139 5.19 10.53 -19.96
CA GLY C 139 5.32 11.96 -19.77
C GLY C 139 6.72 12.47 -19.49
N VAL C 140 7.73 11.61 -19.39
CA VAL C 140 9.06 12.08 -19.03
C VAL C 140 9.82 12.48 -20.28
N VAL C 141 10.40 13.69 -20.26
CA VAL C 141 11.31 14.12 -21.33
C VAL C 141 12.56 13.25 -21.33
N HIS C 142 12.95 12.77 -22.51
CA HIS C 142 14.17 11.98 -22.60
C HIS C 142 14.93 12.35 -23.87
N TRP C 143 16.25 12.13 -23.86
CA TRP C 143 17.09 12.33 -25.03
C TRP C 143 18.23 11.31 -24.95
N ILE C 144 18.78 10.96 -26.11
CA ILE C 144 19.85 9.96 -26.23
C ILE C 144 21.02 10.61 -26.97
N TYR C 145 22.23 10.30 -26.52
CA TYR C 145 23.46 10.76 -27.16
C TYR C 145 24.37 9.56 -27.38
N ASN C 146 24.69 9.28 -28.63
CA ASN C 146 25.61 8.18 -28.95
C ASN C 146 27.03 8.72 -28.99
N ASP C 147 27.76 8.59 -27.89
CA ASP C 147 29.16 8.99 -27.80
C ASP C 147 30.12 7.82 -27.99
N GLY C 148 29.66 6.71 -28.58
CA GLY C 148 30.46 5.52 -28.73
C GLY C 148 30.94 5.31 -30.15
N ASP C 149 31.55 4.14 -30.35
CA ASP C 149 32.24 3.79 -31.60
C ASP C 149 31.27 3.50 -32.73
N GLN C 150 30.22 2.74 -32.43
CA GLN C 150 29.31 2.18 -33.41
C GLN C 150 27.93 2.80 -33.27
N GLN C 151 27.10 2.52 -34.28
CA GLN C 151 25.71 2.96 -34.24
C GLN C 151 25.04 2.39 -33.01
N LEU C 152 24.23 3.21 -32.37
CA LEU C 152 23.44 2.81 -31.22
CA LEU C 152 23.45 2.80 -31.22
C LEU C 152 22.07 2.41 -31.73
N VAL C 153 21.68 1.17 -31.46
CA VAL C 153 20.38 0.66 -31.93
C VAL C 153 19.53 0.37 -30.71
N ALA C 154 18.40 1.06 -30.60
CA ALA C 154 17.46 0.92 -29.50
C ALA C 154 16.13 0.43 -30.03
N PHE C 155 15.60 -0.63 -29.43
CA PHE C 155 14.26 -1.12 -29.75
C PHE C 155 13.34 -0.82 -28.58
N ALA C 156 12.30 -0.03 -28.84
CA ALA C 156 11.39 0.50 -27.82
C ALA C 156 9.98 -0.04 -28.03
N VAL C 157 9.34 -0.48 -26.95
CA VAL C 157 7.92 -0.83 -26.98
C VAL C 157 7.17 0.11 -26.04
N VAL C 158 6.12 0.73 -26.55
CA VAL C 158 5.35 1.70 -25.80
C VAL C 158 3.99 1.07 -25.49
N ASN C 159 3.58 1.09 -24.22
CA ASN C 159 2.31 0.45 -23.85
C ASN C 159 1.20 1.48 -23.99
N GLN C 160 0.55 1.53 -25.17
CA GLN C 160 -0.51 2.50 -25.41
C GLN C 160 -1.74 2.28 -24.54
N ASN C 161 -1.96 1.05 -24.08
CA ASN C 161 -3.09 0.73 -23.23
C ASN C 161 -2.78 0.89 -21.75
N ASN C 162 -1.62 1.44 -21.41
CA ASN C 162 -1.27 1.60 -20.01
C ASN C 162 -2.18 2.64 -19.35
N LYS C 163 -2.46 2.43 -18.07
CA LYS C 163 -3.31 3.36 -17.33
C LYS C 163 -2.75 4.78 -17.32
N ALA C 164 -1.44 4.95 -17.51
CA ALA C 164 -0.89 6.31 -17.48
C ALA C 164 -1.29 7.13 -18.70
N ASN C 165 -1.68 6.48 -19.79
CA ASN C 165 -2.06 7.18 -21.01
C ASN C 165 -3.56 7.47 -20.95
N GLN C 166 -3.91 8.73 -20.69
CA GLN C 166 -5.30 9.16 -20.64
C GLN C 166 -5.77 9.76 -21.95
N LEU C 167 -4.95 9.68 -22.99
CA LEU C 167 -5.29 10.24 -24.29
C LEU C 167 -6.06 9.18 -25.08
N ASP C 168 -5.48 8.67 -26.15
CA ASP C 168 -6.08 7.52 -26.85
C ASP C 168 -4.96 6.67 -27.47
N GLU C 169 -5.33 5.82 -28.43
CA GLU C 169 -4.45 4.75 -28.88
C GLU C 169 -3.38 5.22 -29.86
N GLU C 170 -3.55 6.37 -30.50
CA GLU C 170 -2.56 6.81 -31.47
C GLU C 170 -1.25 7.18 -30.77
N TYR C 171 -0.15 6.57 -31.22
CA TYR C 171 1.15 6.89 -30.63
C TYR C 171 1.43 8.40 -30.81
N ARG C 172 1.79 9.06 -29.71
CA ARG C 172 1.88 10.51 -29.69
C ARG C 172 3.19 10.99 -29.08
N PRO C 173 4.22 11.23 -29.90
CA PRO C 173 5.44 11.85 -29.37
C PRO C 173 5.42 13.36 -29.48
N PHE C 174 5.78 14.06 -28.40
CA PHE C 174 5.88 15.51 -28.38
C PHE C 174 7.36 15.87 -28.46
N LEU C 175 7.74 16.69 -29.45
CA LEU C 175 9.14 17.08 -29.62
C LEU C 175 9.42 18.43 -28.95
N LEU C 176 10.43 18.48 -28.07
CA LEU C 176 10.95 19.77 -27.63
C LEU C 176 11.77 20.47 -28.69
N ALA C 177 12.29 19.73 -29.67
CA ALA C 177 13.13 20.30 -30.70
C ALA C 177 13.03 19.42 -31.94
N GLY C 178 13.32 20.00 -33.09
CA GLY C 178 13.35 19.23 -34.32
C GLY C 178 12.00 19.18 -35.03
N GLY C 179 11.82 18.14 -35.82
CA GLY C 179 10.61 17.96 -36.60
C GLY C 179 10.85 16.96 -37.73
N GLN C 180 9.90 16.94 -38.68
CA GLN C 180 9.92 16.04 -39.84
C GLN C 180 11.20 16.22 -40.66
N PRO C 181 11.99 15.17 -40.85
CA PRO C 181 13.20 15.30 -41.69
C PRO C 181 12.84 15.43 -43.16
N ASP C 182 13.74 16.07 -43.90
CA ASP C 182 13.70 16.06 -45.35
C ASP C 182 14.99 16.64 -45.92
N GLU C 183 15.71 15.83 -46.69
CA GLU C 183 17.04 16.15 -47.17
C GLU C 183 17.00 17.28 -48.19
N GLN C 189 -14.89 36.47 -28.88
CA GLN C 189 -13.81 35.50 -28.75
C GLN C 189 -13.32 35.02 -30.12
N GLY C 190 -12.25 35.64 -30.60
CA GLY C 190 -11.71 35.31 -31.90
C GLY C 190 -10.23 35.00 -31.90
N GLN C 191 -9.90 33.71 -31.99
CA GLN C 191 -8.52 33.25 -31.91
C GLN C 191 -7.59 34.08 -32.79
N LYS C 192 -6.29 34.08 -32.50
CA LYS C 192 -5.41 35.10 -33.04
C LYS C 192 -4.33 34.56 -33.98
N GLY C 193 -4.55 33.43 -34.63
CA GLY C 193 -3.77 33.14 -35.82
C GLY C 193 -2.36 32.62 -35.65
N GLN C 194 -1.98 32.10 -34.47
CA GLN C 194 -0.69 31.44 -34.35
C GLN C 194 -0.61 30.20 -35.22
N LYS C 195 -1.72 29.46 -35.35
CA LYS C 195 -1.73 28.30 -36.24
C LYS C 195 -1.43 28.71 -37.68
N GLN C 196 -2.03 29.82 -38.15
CA GLN C 196 -1.73 30.28 -39.50
C GLN C 196 -0.25 30.60 -39.66
N GLN C 197 0.36 31.16 -38.61
CA GLN C 197 1.70 31.72 -38.70
C GLN C 197 2.79 30.66 -38.67
N GLN C 198 2.64 29.65 -37.79
CA GLN C 198 3.72 28.66 -37.70
C GLN C 198 3.90 27.89 -39.00
N GLN C 199 2.86 27.84 -39.84
CA GLN C 199 2.93 27.14 -41.12
C GLN C 199 3.58 28.06 -42.14
N ALA C 200 4.89 27.89 -42.36
CA ALA C 200 5.63 28.71 -43.29
C ALA C 200 7.12 28.53 -43.06
N GLU C 214 5.37 18.23 -41.94
CA GLU C 214 4.03 18.01 -41.40
C GLU C 214 4.09 17.66 -39.92
N SER C 215 5.17 18.09 -39.26
CA SER C 215 5.29 17.89 -37.82
C SER C 215 6.42 18.77 -37.30
N GLN C 216 6.16 19.56 -36.25
CA GLN C 216 7.08 20.54 -35.71
C GLN C 216 7.20 20.34 -34.21
N ASN C 217 8.19 21.00 -33.62
CA ASN C 217 8.35 20.89 -32.18
C ASN C 217 7.30 21.77 -31.50
N ILE C 218 7.12 21.56 -30.19
CA ILE C 218 6.01 22.24 -29.53
C ILE C 218 6.25 23.75 -29.48
N PHE C 219 7.51 24.20 -29.52
CA PHE C 219 7.74 25.63 -29.43
C PHE C 219 7.25 26.36 -30.66
N SER C 220 7.08 25.67 -31.78
CA SER C 220 6.56 26.33 -32.98
CA SER C 220 6.57 26.36 -32.96
C SER C 220 5.11 26.77 -32.81
N GLY C 221 4.39 26.16 -31.86
CA GLY C 221 3.00 26.45 -31.62
C GLY C 221 2.72 27.62 -30.69
N PHE C 222 3.76 28.19 -30.11
CA PHE C 222 3.65 29.30 -29.16
C PHE C 222 4.05 30.60 -29.82
N ASP C 223 3.42 31.69 -29.36
CA ASP C 223 3.75 33.03 -29.81
C ASP C 223 5.22 33.33 -29.53
N VAL C 224 5.93 33.85 -30.54
CA VAL C 224 7.35 34.16 -30.39
C VAL C 224 7.58 35.10 -29.21
N GLU C 225 6.84 36.21 -29.18
CA GLU C 225 7.09 37.22 -28.15
C GLU C 225 6.75 36.69 -26.76
N LEU C 226 5.73 35.83 -26.63
CA LEU C 226 5.41 35.26 -25.31
C LEU C 226 6.56 34.40 -24.79
N LEU C 227 7.07 33.48 -25.62
CA LEU C 227 8.20 32.64 -25.23
C LEU C 227 9.41 33.50 -24.85
N ALA C 228 9.71 34.52 -25.65
CA ALA C 228 10.84 35.39 -25.34
C ALA C 228 10.67 36.01 -23.96
N GLU C 229 9.49 36.57 -23.68
CA GLU C 229 9.27 37.10 -22.35
C GLU C 229 9.39 36.00 -21.30
N ALA C 230 8.78 34.84 -21.54
CA ALA C 230 8.79 33.80 -20.51
C ALA C 230 10.22 33.34 -20.20
N TYR C 231 11.03 33.07 -21.22
CA TYR C 231 12.41 32.68 -20.99
C TYR C 231 13.31 33.87 -20.66
N ASN C 232 12.84 35.11 -20.83
CA ASN C 232 13.64 36.30 -20.56
C ASN C 232 14.87 36.32 -21.47
N ILE C 233 14.67 36.04 -22.75
CA ILE C 233 15.77 36.02 -23.72
C ILE C 233 15.37 36.84 -24.94
N PRO C 234 16.35 37.29 -25.72
CA PRO C 234 16.03 38.01 -26.95
C PRO C 234 15.28 37.13 -27.92
N VAL C 235 14.39 37.78 -28.70
CA VAL C 235 13.52 37.05 -29.61
C VAL C 235 14.34 36.26 -30.63
N ASP C 236 15.53 36.75 -30.97
CA ASP C 236 16.43 36.02 -31.87
C ASP C 236 16.56 34.55 -31.48
N ILE C 237 16.80 34.27 -30.20
CA ILE C 237 16.98 32.89 -29.76
C ILE C 237 15.69 32.10 -29.96
N VAL C 238 14.54 32.74 -29.69
CA VAL C 238 13.28 32.05 -29.89
C VAL C 238 13.04 31.76 -31.36
N ARG C 239 13.41 32.70 -32.23
CA ARG C 239 13.24 32.46 -33.66
C ARG C 239 14.02 31.23 -34.10
N ARG C 240 15.23 31.03 -33.55
CA ARG C 240 16.01 29.86 -33.91
CA ARG C 240 16.01 29.86 -33.91
C ARG C 240 15.39 28.58 -33.35
N GLN C 241 14.79 28.67 -32.15
CA GLN C 241 14.12 27.53 -31.54
C GLN C 241 12.95 27.07 -32.41
N GLN C 242 12.25 28.02 -33.03
CA GLN C 242 11.03 27.76 -33.78
C GLN C 242 11.29 27.47 -35.24
N GLN C 243 12.49 27.77 -35.73
CA GLN C 243 12.86 27.48 -37.10
C GLN C 243 12.50 26.06 -37.47
N GLN C 244 12.05 25.88 -38.71
CA GLN C 244 11.79 24.52 -39.21
C GLN C 244 13.12 23.82 -39.44
N ASP C 245 13.30 22.70 -38.74
CA ASP C 245 14.55 21.95 -38.68
C ASP C 245 14.41 20.71 -39.56
N LYS C 246 15.06 20.74 -40.72
CA LYS C 246 14.86 19.69 -41.70
C LYS C 246 15.74 18.48 -41.41
N ARG C 247 16.54 18.56 -40.33
CA ARG C 247 17.43 17.45 -39.96
C ARG C 247 16.66 16.25 -39.41
N GLY C 248 15.52 16.48 -38.77
CA GLY C 248 14.71 15.37 -38.30
C GLY C 248 14.75 15.10 -36.80
N ASN C 249 14.58 13.83 -36.43
CA ASN C 249 14.50 13.37 -35.05
C ASN C 249 15.84 13.09 -34.41
N LEU C 250 16.88 12.92 -35.23
CA LEU C 250 18.24 12.59 -34.79
C LEU C 250 19.18 13.54 -35.51
N VAL C 251 20.12 14.13 -34.79
CA VAL C 251 20.95 15.17 -35.38
C VAL C 251 22.40 14.91 -35.01
N LYS C 252 23.30 15.22 -35.94
CA LYS C 252 24.72 15.16 -35.64
C LYS C 252 25.12 16.32 -34.75
N LEU C 253 25.93 16.02 -33.74
CA LEU C 253 26.47 17.04 -32.87
C LEU C 253 27.67 17.76 -33.49
N GLU C 254 27.70 19.08 -33.32
CA GLU C 254 28.79 19.95 -33.75
C GLU C 254 30.14 19.32 -33.44
N GLN C 255 30.45 19.21 -32.15
CA GLN C 255 31.62 18.49 -31.67
C GLN C 255 31.17 17.62 -30.51
N GLN C 256 32.03 16.65 -30.14
CA GLN C 256 31.78 15.80 -28.98
C GLN C 256 31.34 16.63 -27.76
N GLN C 257 30.34 16.13 -27.05
CA GLN C 257 29.71 16.94 -26.01
C GLN C 257 30.45 16.72 -24.69
N ILE C 258 31.69 17.26 -24.64
CA ILE C 258 32.56 17.06 -23.49
C ILE C 258 32.08 17.83 -22.26
N LYS C 259 31.19 18.81 -22.43
CA LYS C 259 30.74 19.58 -21.27
C LYS C 259 29.58 18.92 -20.55
N ILE C 260 28.98 17.86 -21.10
CA ILE C 260 28.01 17.09 -20.32
C ILE C 260 28.70 16.45 -19.14
N ILE C 261 28.16 16.65 -17.94
CA ILE C 261 28.74 15.98 -16.78
C ILE C 261 28.24 14.53 -16.76
N ARG C 262 29.16 13.58 -16.58
CA ARG C 262 28.82 12.16 -16.55
C ARG C 262 29.58 11.49 -15.42
N ALA C 263 29.00 10.40 -14.93
CA ALA C 263 29.61 9.62 -13.86
C ALA C 263 30.96 9.03 -14.26
N GLU C 264 31.14 8.67 -15.53
CA GLU C 264 32.36 7.98 -15.98
C GLU C 264 33.23 8.85 -16.88
N GLN C 265 33.30 10.15 -16.61
CA GLN C 265 34.10 11.03 -17.48
C GLN C 265 35.59 11.00 -17.08
N GLU C 302 10.21 11.72 0.24
CA GLU C 302 10.17 10.87 -0.94
C GLU C 302 11.39 11.12 -1.82
N THR C 303 11.96 10.05 -2.37
CA THR C 303 13.25 10.10 -3.07
C THR C 303 13.14 9.47 -4.47
N ILE C 304 12.03 9.75 -5.17
CA ILE C 304 11.85 9.31 -6.54
C ILE C 304 12.95 9.85 -7.46
N CYS C 305 13.63 10.94 -7.08
CA CYS C 305 14.75 11.42 -7.89
C CYS C 305 15.88 10.41 -7.99
N SER C 306 15.96 9.47 -7.05
CA SER C 306 16.99 8.44 -6.98
C SER C 306 16.59 7.13 -7.67
N LEU C 307 15.54 7.14 -8.48
CA LEU C 307 15.04 5.92 -9.09
CA LEU C 307 15.04 5.93 -9.10
C LEU C 307 16.00 5.40 -10.16
N ARG C 308 16.18 4.08 -10.21
CA ARG C 308 17.01 3.48 -11.23
C ARG C 308 16.18 3.31 -12.50
N LEU C 309 16.74 3.67 -13.66
CA LEU C 309 15.97 3.51 -14.88
CA LEU C 309 16.03 3.58 -14.93
C LEU C 309 16.63 2.59 -15.90
N ARG C 310 17.80 2.04 -15.61
CA ARG C 310 18.46 1.10 -16.51
C ARG C 310 18.80 -0.19 -15.77
N GLU C 311 18.81 -1.29 -16.50
CA GLU C 311 19.20 -2.59 -15.96
C GLU C 311 19.76 -3.43 -17.11
N ASN C 312 20.93 -4.05 -16.89
CA ASN C 312 21.50 -4.87 -17.96
C ASN C 312 20.89 -6.27 -17.93
N MET C 313 20.42 -6.72 -19.08
CA MET C 313 19.68 -7.98 -19.20
CA MET C 313 19.69 -7.98 -19.11
C MET C 313 20.54 -9.18 -19.51
N THR C 314 21.83 -8.99 -19.81
CA THR C 314 22.66 -10.09 -20.27
C THR C 314 22.49 -11.32 -19.38
N THR C 315 22.05 -12.44 -19.96
CA THR C 315 21.75 -13.62 -19.15
C THR C 315 22.99 -14.20 -18.51
N ARG C 316 24.16 -13.98 -19.13
CA ARG C 316 25.42 -14.47 -18.58
C ARG C 316 25.79 -13.76 -17.27
N SER C 317 25.26 -12.55 -17.04
CA SER C 317 25.53 -11.82 -15.81
C SER C 317 24.51 -12.11 -14.71
N GLN C 318 23.23 -12.25 -15.06
CA GLN C 318 22.21 -12.71 -14.12
C GLN C 318 21.20 -13.56 -14.86
N SER C 319 20.77 -14.65 -14.24
CA SER C 319 19.69 -15.44 -14.78
C SER C 319 18.85 -16.01 -13.65
N ASP C 320 17.55 -16.08 -13.87
CA ASP C 320 16.66 -16.76 -12.94
C ASP C 320 16.54 -18.24 -13.23
N ILE C 321 16.67 -18.63 -14.50
CA ILE C 321 16.58 -20.02 -14.91
C ILE C 321 17.84 -20.33 -15.70
N VAL C 322 18.60 -21.33 -15.26
CA VAL C 322 19.79 -21.77 -15.99
C VAL C 322 19.70 -23.29 -16.15
N SER C 323 19.71 -23.74 -17.40
CA SER C 323 19.80 -25.16 -17.70
C SER C 323 21.15 -25.37 -18.40
N ARG C 324 22.07 -26.03 -17.70
CA ARG C 324 23.42 -26.18 -18.24
C ARG C 324 23.41 -26.57 -19.71
N GLN C 325 22.51 -27.47 -20.11
CA GLN C 325 22.54 -27.98 -21.47
C GLN C 325 21.47 -27.36 -22.38
N ALA C 326 20.73 -26.34 -21.94
CA ALA C 326 19.64 -25.83 -22.78
C ALA C 326 19.63 -24.31 -22.95
N GLY C 327 20.00 -23.56 -21.93
CA GLY C 327 20.06 -22.10 -22.04
C GLY C 327 19.73 -21.41 -20.73
N ARG C 328 19.32 -20.15 -20.84
CA ARG C 328 19.19 -19.23 -19.70
C ARG C 328 18.05 -18.25 -19.96
N ILE C 329 17.32 -17.89 -18.90
CA ILE C 329 16.32 -16.82 -18.92
C ILE C 329 16.55 -15.85 -17.79
N ASN C 330 16.58 -14.56 -18.14
CA ASN C 330 16.70 -13.49 -17.16
C ASN C 330 15.42 -12.65 -17.20
N ILE C 331 14.68 -12.61 -16.08
CA ILE C 331 13.37 -11.97 -16.01
C ILE C 331 13.54 -10.68 -15.24
N VAL C 332 13.37 -9.54 -15.93
CA VAL C 332 13.54 -8.23 -15.30
C VAL C 332 12.15 -7.66 -15.02
N ASN C 333 11.67 -7.85 -13.80
CA ASN C 333 10.35 -7.40 -13.41
C ASN C 333 10.53 -6.39 -12.29
N GLN C 334 9.42 -6.01 -11.65
CA GLN C 334 9.51 -5.04 -10.56
C GLN C 334 10.28 -5.57 -9.36
N GLN C 335 10.60 -6.86 -9.31
CA GLN C 335 11.44 -7.35 -8.22
C GLN C 335 12.93 -7.23 -8.50
N LYS C 336 13.28 -6.74 -9.67
CA LYS C 336 14.66 -6.40 -10.00
C LYS C 336 14.85 -4.92 -10.29
N LEU C 337 13.86 -4.26 -10.88
CA LEU C 337 13.92 -2.83 -11.22
C LEU C 337 12.66 -2.15 -10.71
N PRO C 338 12.74 -1.45 -9.57
CA PRO C 338 11.50 -1.07 -8.86
C PRO C 338 10.55 -0.17 -9.64
N VAL C 339 11.04 0.66 -10.56
CA VAL C 339 10.14 1.56 -11.27
C VAL C 339 9.15 0.82 -12.17
N LEU C 340 9.45 -0.44 -12.52
CA LEU C 340 8.51 -1.22 -13.32
C LEU C 340 7.18 -1.42 -12.62
N ARG C 341 7.18 -1.39 -11.29
N ARG C 341 7.17 -1.40 -11.29
CA ARG C 341 5.92 -1.45 -10.53
CA ARG C 341 5.91 -1.46 -10.58
C ARG C 341 4.96 -0.37 -11.00
C ARG C 341 4.96 -0.38 -11.10
N TYR C 342 5.48 0.83 -11.28
CA TYR C 342 4.66 1.95 -11.69
CA TYR C 342 4.69 1.98 -11.68
C TYR C 342 4.49 2.04 -13.20
N LEU C 343 5.49 1.62 -13.99
CA LEU C 343 5.24 1.53 -15.42
C LEU C 343 4.27 0.39 -15.72
N ASN C 344 4.24 -0.64 -14.88
CA ASN C 344 3.50 -1.90 -15.14
C ASN C 344 3.92 -2.51 -16.47
N MET C 345 5.23 -2.53 -16.71
CA MET C 345 5.87 -3.21 -17.82
C MET C 345 7.05 -4.00 -17.29
N SER C 346 7.53 -4.94 -18.10
CA SER C 346 8.71 -5.69 -17.70
C SER C 346 9.31 -6.30 -18.96
N ALA C 347 10.45 -6.93 -18.80
CA ALA C 347 11.10 -7.53 -19.95
C ALA C 347 11.80 -8.81 -19.54
N GLU C 348 12.03 -9.65 -20.52
CA GLU C 348 12.74 -10.89 -20.31
C GLU C 348 13.74 -11.05 -21.44
N ARG C 349 14.92 -11.53 -21.09
CA ARG C 349 15.96 -11.90 -22.04
C ARG C 349 16.19 -13.40 -21.97
N GLY C 350 16.24 -14.06 -23.11
CA GLY C 350 16.51 -15.47 -23.14
C GLY C 350 17.57 -15.86 -24.15
N HIS C 351 18.31 -16.92 -23.81
CA HIS C 351 19.29 -17.53 -24.70
C HIS C 351 19.01 -19.03 -24.74
N LEU C 352 18.59 -19.54 -25.89
CA LEU C 352 18.35 -20.98 -26.06
C LEU C 352 19.52 -21.57 -26.84
N PHE C 353 20.08 -22.67 -26.34
CA PHE C 353 21.10 -23.40 -27.08
C PHE C 353 20.50 -24.08 -28.30
N PRO C 354 21.34 -24.55 -29.23
CA PRO C 354 20.82 -25.19 -30.44
C PRO C 354 19.80 -26.26 -30.10
N ASP C 355 18.66 -26.24 -30.81
CA ASP C 355 17.60 -27.22 -30.71
C ASP C 355 16.88 -27.22 -29.36
N ALA C 356 17.22 -26.29 -28.47
CA ALA C 356 16.49 -26.16 -27.20
C ALA C 356 15.08 -25.61 -27.44
N LEU C 357 14.22 -25.83 -26.47
CA LEU C 357 12.85 -25.33 -26.54
C LEU C 357 12.57 -24.41 -25.38
N TYR C 358 11.59 -23.56 -25.60
CA TYR C 358 10.94 -22.81 -24.54
C TYR C 358 9.61 -23.50 -24.29
N VAL C 359 9.41 -23.99 -23.07
CA VAL C 359 8.32 -24.89 -22.72
C VAL C 359 6.99 -24.31 -23.15
N PRO C 360 6.05 -25.10 -23.66
CA PRO C 360 4.72 -24.56 -23.95
C PRO C 360 4.16 -23.91 -22.70
N HIS C 361 3.51 -22.75 -22.87
CA HIS C 361 3.15 -21.93 -21.72
C HIS C 361 2.12 -20.92 -22.16
N TRP C 362 1.53 -20.22 -21.19
CA TRP C 362 0.75 -19.05 -21.51
C TRP C 362 1.03 -17.97 -20.48
N ALA C 363 0.93 -16.72 -20.92
CA ALA C 363 1.08 -15.57 -20.04
C ALA C 363 -0.28 -15.25 -19.45
N GLN C 364 -0.33 -15.12 -18.13
CA GLN C 364 -1.60 -14.91 -17.47
C GLN C 364 -2.00 -13.44 -17.37
N ASN C 365 -1.04 -12.52 -17.37
CA ASN C 365 -1.41 -11.14 -17.05
C ASN C 365 -0.74 -10.12 -17.97
N ASN C 366 -0.26 -10.52 -19.15
CA ASN C 366 0.42 -9.53 -19.99
C ASN C 366 0.36 -9.96 -21.46
N HIS C 367 0.41 -8.98 -22.35
CA HIS C 367 0.77 -9.20 -23.75
C HIS C 367 2.29 -9.10 -23.85
N ARG C 368 2.86 -9.72 -24.90
CA ARG C 368 4.31 -9.73 -25.10
C ARG C 368 4.65 -9.34 -26.53
N VAL C 369 5.65 -8.46 -26.70
CA VAL C 369 6.28 -8.21 -27.99
C VAL C 369 7.65 -8.84 -27.92
N ILE C 370 7.97 -9.72 -28.88
CA ILE C 370 9.25 -10.41 -28.93
C ILE C 370 10.09 -9.80 -30.04
N TYR C 371 11.35 -9.52 -29.72
CA TYR C 371 12.35 -9.01 -30.64
C TYR C 371 13.47 -10.05 -30.69
N VAL C 372 13.74 -10.58 -31.86
CA VAL C 372 14.79 -11.59 -32.01
C VAL C 372 16.13 -10.89 -32.18
N ILE C 373 17.05 -11.16 -31.27
CA ILE C 373 18.34 -10.51 -31.27
C ILE C 373 19.47 -11.37 -31.84
N ARG C 374 19.33 -12.68 -31.84
CA ARG C 374 20.33 -13.55 -32.44
C ARG C 374 19.71 -14.88 -32.83
N GLY C 375 20.25 -15.48 -33.89
CA GLY C 375 19.84 -16.84 -34.22
C GLY C 375 18.46 -16.91 -34.82
N ASN C 376 17.78 -18.04 -34.60
CA ASN C 376 16.47 -18.25 -35.21
C ASN C 376 15.75 -19.36 -34.45
N ALA C 377 14.44 -19.44 -34.68
CA ALA C 377 13.67 -20.49 -34.04
C ALA C 377 12.36 -20.67 -34.78
N GLN C 378 11.69 -21.79 -34.52
CA GLN C 378 10.33 -21.99 -34.96
C GLN C 378 9.42 -21.78 -33.76
N VAL C 379 8.37 -20.97 -33.96
CA VAL C 379 7.44 -20.59 -32.89
C VAL C 379 6.04 -21.00 -33.33
N GLN C 380 5.27 -21.51 -32.37
CA GLN C 380 3.87 -21.81 -32.64
C GLN C 380 3.04 -21.19 -31.54
N ILE C 381 1.85 -20.70 -31.89
CA ILE C 381 0.96 -20.07 -30.91
C ILE C 381 -0.44 -20.62 -31.14
N SER C 382 -1.11 -21.00 -30.06
CA SER C 382 -2.47 -21.56 -30.16
C SER C 382 -3.44 -20.67 -29.41
N ASP C 383 -4.70 -20.62 -29.88
CA ASP C 383 -5.68 -19.78 -29.21
C ASP C 383 -6.65 -20.65 -28.40
N ASP C 384 -7.75 -20.06 -28.00
CA ASP C 384 -8.74 -20.72 -27.17
C ASP C 384 -9.65 -21.64 -27.95
N ASN C 385 -9.40 -21.81 -29.24
CA ASN C 385 -10.16 -22.71 -30.12
C ASN C 385 -9.35 -23.94 -30.50
N GLY C 386 -8.17 -24.13 -29.92
CA GLY C 386 -7.33 -25.19 -30.42
C GLY C 386 -6.79 -24.90 -31.80
N ASN C 387 -6.84 -23.64 -32.21
CA ASN C 387 -6.41 -23.24 -33.54
C ASN C 387 -4.97 -22.76 -33.49
N ASN C 388 -4.18 -23.20 -34.45
CA ASN C 388 -2.86 -22.62 -34.62
C ASN C 388 -3.02 -21.23 -35.24
N VAL C 389 -2.52 -20.20 -34.57
CA VAL C 389 -2.57 -18.85 -35.08
C VAL C 389 -1.20 -18.31 -35.44
N PHE C 390 -0.13 -19.08 -35.21
CA PHE C 390 1.22 -18.66 -35.57
C PHE C 390 2.07 -19.92 -35.71
N ASP C 391 2.79 -20.01 -36.83
CA ASP C 391 3.61 -21.18 -37.11
C ASP C 391 4.68 -20.73 -38.08
N ARG C 392 5.72 -20.09 -37.58
CA ARG C 392 6.67 -19.40 -38.43
C ARG C 392 8.08 -19.62 -37.92
N GLU C 393 9.04 -19.61 -38.85
CA GLU C 393 10.44 -19.54 -38.49
C GLU C 393 10.81 -18.08 -38.32
N ILE C 394 11.40 -17.75 -37.17
CA ILE C 394 11.65 -16.38 -36.77
C ILE C 394 13.15 -16.17 -36.84
N ARG C 395 13.59 -15.04 -37.42
CA ARG C 395 15.01 -14.76 -37.64
CA ARG C 395 15.03 -14.77 -37.60
C ARG C 395 15.41 -13.46 -36.93
N GLN C 396 16.72 -13.25 -36.79
CA GLN C 396 17.23 -12.05 -36.09
C GLN C 396 16.57 -10.79 -36.65
N GLY C 397 16.18 -9.89 -35.75
CA GLY C 397 15.52 -8.66 -36.13
C GLY C 397 14.01 -8.73 -36.30
N ASN C 398 13.43 -9.94 -36.31
CA ASN C 398 11.98 -10.09 -36.42
C ASN C 398 11.29 -9.60 -35.15
N VAL C 399 10.05 -9.15 -35.32
CA VAL C 399 9.17 -8.71 -34.24
C VAL C 399 7.86 -9.48 -34.37
N PHE C 400 7.36 -10.01 -33.26
CA PHE C 400 6.04 -10.62 -33.26
C PHE C 400 5.45 -10.51 -31.87
N THR C 401 4.12 -10.70 -31.80
CA THR C 401 3.33 -10.55 -30.59
C THR C 401 2.80 -11.90 -30.13
N ILE C 402 2.83 -12.15 -28.82
CA ILE C 402 2.06 -13.23 -28.22
C ILE C 402 0.98 -12.59 -27.34
N PRO C 403 -0.29 -12.68 -27.70
CA PRO C 403 -1.35 -12.10 -26.86
C PRO C 403 -1.46 -12.82 -25.52
N GLN C 404 -1.83 -12.04 -24.49
CA GLN C 404 -2.17 -12.57 -23.18
C GLN C 404 -3.09 -13.78 -23.33
N PHE C 405 -2.82 -14.82 -22.53
CA PHE C 405 -3.60 -16.08 -22.46
C PHE C 405 -3.32 -17.05 -23.61
N PHE C 406 -2.77 -16.60 -24.74
CA PHE C 406 -2.52 -17.55 -25.81
C PHE C 406 -1.34 -18.44 -25.41
N ALA C 407 -1.39 -19.70 -25.84
CA ALA C 407 -0.34 -20.65 -25.52
C ALA C 407 0.73 -20.60 -26.60
N ALA C 408 1.99 -20.76 -26.21
CA ALA C 408 3.08 -20.58 -27.16
C ALA C 408 4.21 -21.55 -26.82
N ILE C 409 4.93 -21.97 -27.86
CA ILE C 409 6.09 -22.86 -27.72
C ILE C 409 7.13 -22.41 -28.73
N SER C 410 8.42 -22.55 -28.40
CA SER C 410 9.49 -22.22 -29.35
CA SER C 410 9.50 -22.20 -29.33
C SER C 410 10.56 -23.29 -29.32
N ARG C 411 11.15 -23.57 -30.50
CA ARG C 411 12.31 -24.45 -30.59
C ARG C 411 13.41 -23.70 -31.34
N ALA C 412 14.56 -23.55 -30.72
CA ALA C 412 15.68 -22.84 -31.35
C ALA C 412 16.22 -23.63 -32.54
N GLY C 413 16.78 -22.91 -33.52
CA GLY C 413 17.42 -23.51 -34.68
C GLY C 413 18.79 -24.07 -34.36
N SER C 414 19.57 -24.32 -35.41
CA SER C 414 20.83 -25.02 -35.22
CA SER C 414 20.86 -25.00 -35.27
C SER C 414 21.90 -24.14 -34.59
N GLU C 415 21.74 -22.82 -34.64
CA GLU C 415 22.69 -21.91 -34.01
C GLU C 415 22.13 -21.26 -32.74
N GLY C 416 21.04 -21.80 -32.18
CA GLY C 416 20.50 -21.18 -30.99
C GLY C 416 19.66 -19.95 -31.31
N PHE C 417 19.19 -19.30 -30.24
CA PHE C 417 18.16 -18.28 -30.35
C PHE C 417 18.30 -17.35 -29.16
N GLU C 418 18.40 -16.05 -29.42
CA GLU C 418 18.30 -15.09 -28.33
C GLU C 418 17.22 -14.07 -28.66
N TYR C 419 16.48 -13.65 -27.63
CA TYR C 419 15.35 -12.77 -27.86
C TYR C 419 15.19 -11.89 -26.64
N VAL C 420 14.51 -10.78 -26.84
CA VAL C 420 14.06 -9.93 -25.75
CA VAL C 420 14.06 -9.93 -25.74
C VAL C 420 12.55 -9.88 -25.83
N SER C 421 11.90 -10.01 -24.68
CA SER C 421 10.45 -9.97 -24.61
C SER C 421 10.06 -8.79 -23.73
N ILE C 422 9.23 -7.89 -24.26
CA ILE C 422 8.70 -6.75 -23.51
C ILE C 422 7.22 -7.02 -23.24
N LYS C 423 6.81 -6.84 -21.98
CA LYS C 423 5.59 -7.40 -21.42
C LYS C 423 4.78 -6.30 -20.73
N THR C 424 3.45 -6.36 -20.90
CA THR C 424 2.57 -5.34 -20.34
C THR C 424 2.17 -5.66 -18.90
N ALA C 425 3.13 -6.11 -18.08
CA ALA C 425 2.91 -6.19 -16.63
C ALA C 425 4.26 -6.03 -15.92
N GLY C 426 4.24 -5.30 -14.79
CA GLY C 426 5.43 -5.18 -13.96
C GLY C 426 5.76 -6.44 -13.20
N ASN C 427 4.76 -7.29 -12.97
CA ASN C 427 4.91 -8.55 -12.24
C ASN C 427 4.33 -9.65 -13.14
N PRO C 428 5.05 -10.03 -14.19
CA PRO C 428 4.49 -11.04 -15.12
C PRO C 428 4.32 -12.41 -14.47
N ASN C 429 3.26 -13.10 -14.87
CA ASN C 429 2.97 -14.47 -14.43
C ASN C 429 2.71 -15.29 -15.68
N LYS C 430 3.37 -16.45 -15.79
CA LYS C 430 3.01 -17.39 -16.86
C LYS C 430 2.85 -18.79 -16.28
N SER C 431 2.03 -19.61 -16.94
CA SER C 431 1.88 -21.01 -16.58
C SER C 431 2.56 -21.85 -17.64
N THR C 432 3.46 -22.74 -17.22
CA THR C 432 4.09 -23.67 -18.15
C THR C 432 3.32 -24.98 -18.18
N LEU C 433 3.38 -25.68 -19.31
CA LEU C 433 2.63 -26.92 -19.50
C LEU C 433 3.49 -28.16 -19.42
N ALA C 434 4.76 -28.06 -19.75
CA ALA C 434 5.71 -29.16 -19.62
C ALA C 434 6.84 -28.76 -18.67
N GLY C 435 7.36 -29.74 -17.94
CA GLY C 435 8.54 -29.52 -17.14
C GLY C 435 8.24 -29.48 -15.65
N ARG C 436 9.30 -29.16 -14.89
CA ARG C 436 9.26 -29.40 -13.45
CA ARG C 436 9.34 -29.33 -13.43
C ARG C 436 8.39 -28.42 -12.69
N THR C 437 8.03 -27.25 -13.24
CA THR C 437 7.06 -26.40 -12.55
C THR C 437 5.73 -26.27 -13.30
N SER C 438 5.39 -27.23 -14.14
CA SER C 438 4.24 -27.08 -15.03
C SER C 438 2.91 -27.33 -14.29
N VAL C 439 1.83 -26.76 -14.86
CA VAL C 439 0.49 -27.03 -14.32
C VAL C 439 0.09 -28.47 -14.56
N ILE C 440 0.70 -29.11 -15.55
CA ILE C 440 0.42 -30.52 -15.81
C ILE C 440 0.91 -31.40 -14.65
N ARG C 441 2.09 -31.11 -14.10
CA ARG C 441 2.55 -31.82 -12.91
C ARG C 441 1.67 -31.57 -11.71
N ALA C 442 0.89 -30.48 -11.72
CA ALA C 442 0.01 -30.15 -10.59
C ALA C 442 -1.33 -30.86 -10.66
N ILE C 443 -1.65 -31.50 -11.78
CA ILE C 443 -2.92 -32.19 -11.93
C ILE C 443 -2.74 -33.63 -11.46
N PRO C 444 -3.71 -34.23 -10.76
CA PRO C 444 -3.60 -35.65 -10.42
C PRO C 444 -3.49 -36.51 -11.68
N ALA C 445 -2.71 -37.59 -11.59
CA ALA C 445 -2.46 -38.42 -12.76
C ALA C 445 -3.75 -39.03 -13.29
N ASP C 446 -4.66 -39.41 -12.39
CA ASP C 446 -5.93 -39.99 -12.84
C ASP C 446 -6.83 -38.92 -13.47
N VAL C 447 -6.67 -37.66 -13.07
CA VAL C 447 -7.38 -36.60 -13.77
C VAL C 447 -6.87 -36.46 -15.20
N LEU C 448 -5.54 -36.53 -15.38
CA LEU C 448 -4.96 -36.49 -16.73
C LEU C 448 -5.40 -37.69 -17.54
N ALA C 449 -5.48 -38.85 -16.90
CA ALA C 449 -5.86 -40.07 -17.62
C ALA C 449 -7.27 -39.97 -18.19
N ASN C 450 -8.22 -39.53 -17.37
CA ASN C 450 -9.59 -39.36 -17.85
C ASN C 450 -9.70 -38.18 -18.80
N SER C 451 -8.94 -37.11 -18.55
CA SER C 451 -9.03 -35.93 -19.40
C SER C 451 -8.58 -36.23 -20.82
N PHE C 452 -7.47 -36.94 -20.96
CA PHE C 452 -6.86 -37.20 -22.25
C PHE C 452 -7.18 -38.60 -22.80
N GLN C 453 -7.88 -39.43 -22.02
CA GLN C 453 -8.13 -40.81 -22.39
C GLN C 453 -6.81 -41.55 -22.63
N ILE C 454 -5.90 -41.47 -21.65
CA ILE C 454 -4.60 -42.13 -21.72
C ILE C 454 -4.45 -43.03 -20.50
N SER C 455 -3.47 -43.93 -20.58
CA SER C 455 -3.24 -44.82 -19.46
C SER C 455 -2.63 -44.04 -18.30
N PRO C 456 -2.86 -44.48 -17.07
CA PRO C 456 -2.13 -43.88 -15.95
C PRO C 456 -0.63 -43.93 -16.15
N GLU C 457 -0.12 -44.90 -16.91
CA GLU C 457 1.30 -44.93 -17.24
C GLU C 457 1.69 -43.74 -18.12
N GLU C 458 0.87 -43.45 -19.14
CA GLU C 458 1.10 -42.29 -19.98
C GLU C 458 0.93 -41.00 -19.20
N ALA C 459 -0.01 -40.98 -18.26
CA ALA C 459 -0.18 -39.77 -17.46
C ALA C 459 1.04 -39.49 -16.63
N GLN C 460 1.63 -40.54 -16.03
CA GLN C 460 2.84 -40.36 -15.27
C GLN C 460 3.97 -39.82 -16.14
N ARG C 461 4.15 -40.40 -17.33
CA ARG C 461 5.19 -39.92 -18.22
CA ARG C 461 5.18 -39.93 -18.24
C ARG C 461 4.98 -38.46 -18.60
N LEU C 462 3.74 -38.05 -18.83
CA LEU C 462 3.50 -36.62 -19.08
C LEU C 462 4.02 -35.78 -17.93
N LYS C 463 3.91 -36.28 -16.70
CA LYS C 463 4.25 -35.46 -15.54
C LYS C 463 5.74 -35.46 -15.25
N HIS C 464 6.44 -36.56 -15.53
CA HIS C 464 7.83 -36.66 -15.08
C HIS C 464 8.91 -36.94 -16.12
N ASN C 465 8.56 -37.13 -17.40
CA ASN C 465 9.61 -37.51 -18.36
C ASN C 465 10.56 -36.35 -18.63
N ARG C 466 10.14 -35.11 -18.39
CA ARG C 466 10.99 -33.97 -18.65
C ARG C 466 11.92 -33.69 -17.47
N GLY C 467 11.72 -34.35 -16.33
CA GLY C 467 12.68 -34.25 -15.25
C GLY C 467 12.77 -32.85 -14.67
N LYS C 468 14.00 -32.43 -14.36
CA LYS C 468 14.23 -31.20 -13.59
C LYS C 468 14.18 -29.91 -14.42
N GLN C 469 14.07 -29.98 -15.74
CA GLN C 469 13.98 -28.78 -16.56
C GLN C 469 12.57 -28.23 -16.51
N THR C 470 12.45 -26.90 -16.52
CA THR C 470 11.16 -26.22 -16.38
C THR C 470 10.87 -25.31 -17.56
N LEU C 471 11.52 -24.16 -17.69
CA LEU C 471 11.19 -23.24 -18.76
C LEU C 471 12.06 -23.47 -20.00
N VAL C 472 13.33 -23.76 -19.84
CA VAL C 472 14.23 -24.01 -20.97
CA VAL C 472 14.23 -24.01 -20.97
C VAL C 472 14.56 -25.50 -20.99
N LEU C 473 14.23 -26.15 -22.11
CA LEU C 473 14.28 -27.60 -22.21
C LEU C 473 15.29 -27.99 -23.29
N SER C 474 16.18 -28.92 -22.96
CA SER C 474 17.04 -29.50 -24.01
C SER C 474 16.18 -30.27 -25.00
N SER C 475 16.66 -30.36 -26.23
CA SER C 475 16.01 -31.27 -27.17
C SER C 475 15.97 -32.68 -26.59
N SER C 476 14.81 -33.34 -26.72
CA SER C 476 14.73 -34.74 -26.34
C SER C 476 15.15 -35.68 -27.46
N ARG C 477 15.48 -35.16 -28.64
CA ARG C 477 15.74 -36.01 -29.79
C ARG C 477 17.09 -35.80 -30.45
N ILE C 478 17.79 -34.70 -30.16
CA ILE C 478 19.11 -34.40 -30.72
C ILE C 478 20.04 -34.07 -29.57
N SER C 479 21.14 -34.80 -29.45
CA SER C 479 22.09 -34.54 -28.38
C SER C 479 23.06 -33.46 -28.82
N GLU C 480 23.54 -32.68 -27.85
CA GLU C 480 24.59 -31.70 -28.09
C GLU C 480 25.93 -32.37 -28.36
N GLY D 14 7.63 -3.38 33.37
CA GLY D 14 6.28 -3.10 33.82
C GLY D 14 5.99 -1.62 33.97
N GLU D 15 6.18 -0.88 32.87
CA GLU D 15 6.12 0.57 32.91
C GLU D 15 4.70 1.12 32.98
N CYS D 16 3.66 0.28 32.82
CA CYS D 16 2.29 0.76 32.92
C CYS D 16 1.54 0.10 34.08
N ASN D 17 2.27 -0.44 35.06
CA ASN D 17 1.64 -0.93 36.29
C ASN D 17 1.40 0.28 37.19
N LEU D 18 0.30 0.98 36.91
CA LEU D 18 0.03 2.27 37.53
C LEU D 18 -1.17 2.14 38.45
N ASP D 19 -0.91 2.13 39.75
CA ASP D 19 -1.98 2.05 40.72
C ASP D 19 -2.65 3.40 40.97
N ARG D 20 -2.01 4.51 40.59
CA ARG D 20 -2.55 5.84 40.79
C ARG D 20 -2.01 6.75 39.70
N LEU D 21 -2.87 7.53 39.06
CA LEU D 21 -2.43 8.55 38.12
C LEU D 21 -2.47 9.91 38.80
N ASN D 22 -1.72 10.85 38.22
CA ASN D 22 -1.61 12.19 38.79
C ASN D 22 -1.74 13.20 37.66
N ALA D 23 -2.42 14.30 37.92
CA ALA D 23 -2.36 15.45 37.02
C ALA D 23 -1.00 16.09 37.15
N LEU D 24 -0.35 16.35 36.01
CA LEU D 24 1.07 16.67 35.98
C LEU D 24 1.28 18.06 35.41
N GLU D 25 2.19 18.80 36.02
CA GLU D 25 2.47 20.15 35.57
C GLU D 25 3.94 20.21 35.15
N PRO D 26 4.36 21.28 34.48
CA PRO D 26 5.75 21.37 34.03
C PRO D 26 6.72 21.38 35.21
N THR D 27 7.86 20.72 35.04
CA THR D 27 8.86 20.68 36.11
C THR D 27 10.12 21.46 35.80
N ASN D 28 10.28 21.95 34.58
CA ASN D 28 11.46 22.71 34.17
C ASN D 28 11.04 23.86 33.28
N ARG D 29 11.68 25.01 33.44
CA ARG D 29 11.38 26.15 32.58
C ARG D 29 12.67 26.82 32.14
N ILE D 30 12.80 27.01 30.83
CA ILE D 30 13.87 27.79 30.23
C ILE D 30 13.32 29.16 29.89
N GLU D 31 13.95 30.23 30.41
CA GLU D 31 13.60 31.57 29.98
C GLU D 31 14.60 32.05 28.94
N ALA D 32 14.09 32.60 27.86
CA ALA D 32 14.91 33.09 26.76
C ALA D 32 14.60 34.57 26.57
N GLU D 33 15.33 35.19 25.65
CA GLU D 33 15.20 36.62 25.45
C GLU D 33 13.76 37.00 25.08
N ALA D 34 13.11 36.20 24.24
CA ALA D 34 11.80 36.56 23.69
C ALA D 34 10.78 35.43 23.86
N GLY D 35 10.95 34.61 24.88
CA GLY D 35 9.97 33.62 25.23
C GLY D 35 10.49 32.71 26.32
N GLN D 36 9.78 31.61 26.53
CA GLN D 36 10.26 30.61 27.47
C GLN D 36 9.79 29.26 27.03
N ILE D 37 10.45 28.22 27.55
CA ILE D 37 10.12 26.85 27.22
C ILE D 37 9.98 26.06 28.51
N GLU D 38 8.86 25.36 28.66
CA GLU D 38 8.52 24.60 29.84
C GLU D 38 8.43 23.15 29.44
N SER D 39 8.99 22.24 30.25
CA SER D 39 8.85 20.83 29.94
C SER D 39 8.26 20.08 31.12
N TRP D 40 7.43 19.10 30.81
CA TRP D 40 7.01 18.12 31.79
C TRP D 40 8.13 17.10 31.99
N ASP D 41 8.02 16.32 33.07
CA ASP D 41 9.07 15.37 33.43
C ASP D 41 8.89 14.11 32.61
N HIS D 42 9.68 13.94 31.55
CA HIS D 42 9.53 12.75 30.71
C HIS D 42 9.95 11.47 31.43
N ASN D 43 10.66 11.59 32.55
CA ASN D 43 11.00 10.45 33.40
C ASN D 43 9.89 10.07 34.38
N ASP D 44 8.77 10.79 34.39
CA ASP D 44 7.63 10.37 35.18
C ASP D 44 7.09 9.06 34.64
N GLN D 45 6.81 8.12 35.54
CA GLN D 45 6.33 6.81 35.13
C GLN D 45 5.13 6.92 34.21
N GLN D 46 4.30 7.95 34.39
CA GLN D 46 3.11 8.08 33.53
C GLN D 46 3.48 8.44 32.10
N PHE D 47 4.54 9.23 31.91
CA PHE D 47 4.98 9.51 30.55
C PHE D 47 5.78 8.36 29.95
N GLN D 48 6.56 7.67 30.78
CA GLN D 48 7.22 6.45 30.34
C GLN D 48 6.22 5.40 29.88
N CYS D 49 5.18 5.18 30.68
CA CYS D 49 4.13 4.25 30.27
C CYS D 49 3.63 4.57 28.85
N ALA D 50 3.39 5.85 28.56
CA ALA D 50 2.80 6.24 27.29
C ALA D 50 3.83 6.47 26.19
N GLY D 51 5.11 6.60 26.54
CA GLY D 51 6.14 6.82 25.55
C GLY D 51 6.24 8.21 24.97
N VAL D 52 6.09 9.26 25.79
CA VAL D 52 5.97 10.62 25.28
C VAL D 52 6.69 11.61 26.18
N ALA D 53 6.94 12.79 25.63
CA ALA D 53 7.33 13.94 26.42
C ALA D 53 6.47 15.11 25.98
N VAL D 54 6.23 16.06 26.89
CA VAL D 54 5.35 17.18 26.62
C VAL D 54 6.12 18.46 26.90
N ILE D 55 5.94 19.46 26.05
CA ILE D 55 6.58 20.75 26.24
CA ILE D 55 6.60 20.75 26.21
C ILE D 55 5.60 21.85 25.86
N ARG D 56 5.75 22.99 26.51
CA ARG D 56 4.94 24.18 26.24
C ARG D 56 5.89 25.33 25.93
N ARG D 57 5.76 25.90 24.74
CA ARG D 57 6.59 27.02 24.30
CA ARG D 57 6.60 27.02 24.31
C ARG D 57 5.74 28.28 24.26
N THR D 58 6.25 29.37 24.87
CA THR D 58 5.61 30.68 24.84
C THR D 58 6.53 31.62 24.08
N ILE D 59 6.03 32.18 22.97
CA ILE D 59 6.81 33.09 22.12
C ILE D 59 6.16 34.46 22.19
N GLU D 60 6.92 35.46 22.64
CA GLU D 60 6.38 36.82 22.65
C GLU D 60 6.32 37.40 21.26
N PRO D 61 5.53 38.45 21.06
CA PRO D 61 5.54 39.17 19.78
C PRO D 61 6.98 39.47 19.35
N ASN D 62 7.22 39.32 18.05
CA ASN D 62 8.53 39.46 17.42
C ASN D 62 9.53 38.43 17.88
N GLY D 63 9.08 37.38 18.56
CA GLY D 63 9.98 36.33 19.03
C GLY D 63 10.15 35.26 17.95
N LEU D 64 11.38 34.73 17.89
CA LEU D 64 11.77 33.77 16.85
C LEU D 64 12.29 32.50 17.50
N LEU D 65 11.56 31.41 17.37
CA LEU D 65 12.04 30.12 17.81
C LEU D 65 13.09 29.64 16.81
N LEU D 66 14.30 29.40 17.29
CA LEU D 66 15.44 29.19 16.41
C LEU D 66 15.26 27.91 15.61
N PRO D 67 15.72 27.87 14.35
CA PRO D 67 15.60 26.64 13.56
C PRO D 67 16.23 25.47 14.29
N GLN D 68 15.53 24.33 14.25
CA GLN D 68 15.93 23.19 15.08
C GLN D 68 15.18 21.96 14.62
N TYR D 69 15.70 20.79 15.00
CA TYR D 69 15.00 19.53 14.74
C TYR D 69 15.14 18.65 15.97
N SER D 70 14.30 17.62 16.05
CA SER D 70 14.25 16.76 17.22
C SER D 70 14.38 15.30 16.79
N ASN D 71 14.77 14.44 17.74
CA ASN D 71 14.81 13.02 17.42
C ASN D 71 13.44 12.36 17.45
N ALA D 72 12.38 13.12 17.70
CA ALA D 72 11.09 12.49 17.85
C ALA D 72 10.05 13.28 17.07
N PRO D 73 9.04 12.62 16.50
CA PRO D 73 7.96 13.36 15.83
C PRO D 73 7.25 14.21 16.87
N LYS D 74 6.75 15.37 16.43
CA LYS D 74 6.06 16.32 17.30
C LYS D 74 4.68 16.62 16.75
N LEU D 75 3.70 16.64 17.62
CA LEU D 75 2.39 17.21 17.33
C LEU D 75 2.25 18.44 18.22
N ILE D 76 2.11 19.60 17.60
CA ILE D 76 2.06 20.88 18.29
C ILE D 76 0.62 21.36 18.23
N TYR D 77 0.06 21.71 19.38
CA TYR D 77 -1.23 22.39 19.43
C TYR D 77 -1.03 23.87 19.76
N ILE D 78 -1.63 24.74 18.96
CA ILE D 78 -1.50 26.18 19.16
C ILE D 78 -2.64 26.62 20.09
N GLU D 79 -2.32 26.73 21.37
CA GLU D 79 -3.30 27.13 22.37
C GLU D 79 -3.75 28.58 22.18
N ARG D 80 -2.81 29.47 21.84
CA ARG D 80 -3.09 30.89 21.72
C ARG D 80 -2.13 31.52 20.74
N GLY D 81 -2.60 32.58 20.08
CA GLY D 81 -1.75 33.44 19.27
C GLY D 81 -1.76 33.06 17.81
N ARG D 82 -0.91 33.75 17.04
CA ARG D 82 -0.81 33.47 15.62
C ARG D 82 0.61 33.77 15.17
N GLY D 83 1.03 33.11 14.09
CA GLY D 83 2.39 33.30 13.63
C GLY D 83 2.67 32.52 12.36
N ILE D 84 3.95 32.34 12.07
CA ILE D 84 4.40 31.68 10.86
C ILE D 84 5.45 30.65 11.23
N THR D 85 5.49 29.56 10.47
CA THR D 85 6.43 28.48 10.68
CA THR D 85 6.50 28.55 10.69
C THR D 85 7.07 28.13 9.35
N GLY D 86 8.39 27.92 9.36
CA GLY D 86 9.11 27.46 8.21
C GLY D 86 9.59 26.07 8.52
N VAL D 87 9.02 25.10 7.85
CA VAL D 87 9.45 23.72 7.94
C VAL D 87 10.37 23.42 6.78
N LEU D 88 11.48 22.75 7.04
CA LEU D 88 12.58 22.68 6.08
C LEU D 88 12.67 21.27 5.50
N PHE D 89 12.22 21.11 4.27
CA PHE D 89 12.17 19.77 3.67
C PHE D 89 13.37 19.59 2.76
N PRO D 90 14.27 18.66 3.08
CA PRO D 90 15.53 18.59 2.34
C PRO D 90 15.28 18.17 0.91
N GLY D 91 15.96 18.84 -0.02
CA GLY D 91 15.83 18.51 -1.42
C GLY D 91 14.62 19.13 -2.10
N CYS D 92 13.71 19.73 -1.35
CA CYS D 92 12.53 20.34 -1.95
C CYS D 92 12.86 21.73 -2.49
N PRO D 93 12.32 22.07 -3.67
CA PRO D 93 12.63 23.40 -4.23
C PRO D 93 12.05 24.52 -3.40
N GLU D 94 12.74 25.65 -3.43
CA GLU D 94 12.29 26.90 -2.82
C GLU D 94 11.28 27.57 -3.75
N THR D 95 10.01 27.63 -3.35
CA THR D 95 8.96 28.14 -4.23
C THR D 95 8.39 29.51 -3.83
N PHE D 96 8.91 30.15 -2.77
CA PHE D 96 8.51 31.51 -2.37
C PHE D 96 9.69 32.40 -2.74
N GLU D 97 9.52 33.30 -3.71
CA GLU D 97 10.66 34.07 -4.16
C GLU D 97 10.28 35.48 -4.53
N ASP D 98 11.20 36.41 -4.25
CA ASP D 98 11.08 37.75 -4.76
C ASP D 98 11.19 37.76 -6.29
N PRO D 99 10.61 38.77 -6.93
CA PRO D 99 10.74 38.89 -8.39
C PRO D 99 12.19 39.04 -8.79
N GLN D 100 12.57 38.39 -9.88
CA GLN D 100 13.93 38.53 -10.35
C GLN D 100 14.13 39.92 -10.97
N GLN D 101 15.37 40.41 -10.88
CA GLN D 101 15.71 41.73 -11.40
C GLN D 101 16.65 41.65 -12.62
N GLN D 119 16.59 40.85 -2.04
CA GLN D 119 16.00 39.85 -2.93
C GLN D 119 16.31 38.45 -2.40
N ASP D 120 15.28 37.63 -2.14
CA ASP D 120 15.48 36.36 -1.45
C ASP D 120 14.55 35.29 -2.01
N ARG D 121 14.90 34.04 -1.72
CA ARG D 121 14.10 32.88 -2.08
C ARG D 121 14.17 31.89 -0.93
N HIS D 122 13.06 31.24 -0.61
CA HIS D 122 13.09 30.24 0.46
C HIS D 122 11.91 29.30 0.30
N GLN D 123 11.81 28.34 1.22
CA GLN D 123 10.74 27.35 1.16
C GLN D 123 9.42 27.97 1.65
N LYS D 124 8.32 27.25 1.46
CA LYS D 124 7.00 27.83 1.67
C LYS D 124 6.83 28.20 3.14
N ILE D 125 6.09 29.29 3.37
CA ILE D 125 5.79 29.78 4.71
C ILE D 125 4.40 29.29 5.09
N ARG D 126 4.25 28.74 6.30
CA ARG D 126 2.95 28.30 6.78
C ARG D 126 2.52 29.23 7.91
N HIS D 127 1.24 29.60 7.93
CA HIS D 127 0.68 30.48 8.95
C HIS D 127 -0.13 29.63 9.91
N PHE D 128 0.06 29.84 11.20
CA PHE D 128 -0.69 29.07 12.19
C PHE D 128 -1.48 30.05 13.05
N ARG D 129 -2.54 29.52 13.67
CA ARG D 129 -3.30 30.34 14.61
CA ARG D 129 -3.40 30.32 14.54
C ARG D 129 -3.93 29.43 15.65
N GLU D 130 -4.49 30.06 16.69
CA GLU D 130 -5.15 29.33 17.77
C GLU D 130 -6.08 28.26 17.21
N GLY D 131 -6.00 27.05 17.77
CA GLY D 131 -6.78 25.92 17.33
C GLY D 131 -6.06 25.00 16.35
N ASP D 132 -4.92 25.43 15.81
CA ASP D 132 -4.20 24.62 14.84
C ASP D 132 -3.43 23.49 15.51
N ILE D 133 -3.36 22.35 14.82
CA ILE D 133 -2.44 21.26 15.12
C ILE D 133 -1.40 21.28 14.00
N ILE D 134 -0.11 21.12 14.36
CA ILE D 134 0.99 21.09 13.40
C ILE D 134 1.78 19.81 13.64
N ALA D 135 1.99 19.04 12.58
CA ALA D 135 2.69 17.77 12.68
C ALA D 135 4.10 17.94 12.13
N LEU D 136 5.10 17.55 12.90
CA LEU D 136 6.50 17.72 12.49
C LEU D 136 7.17 16.35 12.55
N PRO D 137 7.47 15.71 11.42
CA PRO D 137 8.17 14.41 11.47
C PRO D 137 9.52 14.52 12.16
N ALA D 138 9.97 13.38 12.70
CA ALA D 138 11.28 13.35 13.34
C ALA D 138 12.37 13.77 12.37
N GLY D 139 13.34 14.54 12.86
CA GLY D 139 14.49 14.94 12.05
C GLY D 139 14.25 16.06 11.07
N VAL D 140 13.05 16.66 11.06
CA VAL D 140 12.73 17.74 10.14
C VAL D 140 12.91 19.04 10.89
N ALA D 141 13.78 19.90 10.35
CA ALA D 141 14.05 21.17 10.99
C ALA D 141 12.93 22.18 10.71
N HIS D 142 12.73 23.10 11.65
CA HIS D 142 11.70 24.11 11.52
C HIS D 142 12.09 25.31 12.36
N TRP D 143 11.55 26.46 11.98
CA TRP D 143 11.58 27.68 12.80
C TRP D 143 10.15 28.23 12.87
N ILE D 144 9.91 29.08 13.87
CA ILE D 144 8.58 29.60 14.16
C ILE D 144 8.75 31.04 14.61
N TYR D 145 7.82 31.92 14.20
CA TYR D 145 7.93 33.35 14.45
C TYR D 145 6.57 33.90 14.82
N ASN D 146 6.51 34.68 15.90
CA ASN D 146 5.26 35.32 16.33
C ASN D 146 5.20 36.68 15.66
N ASP D 147 4.44 36.78 14.57
CA ASP D 147 4.25 38.07 13.90
C ASP D 147 2.94 38.74 14.28
N GLY D 148 2.33 38.34 15.39
CA GLY D 148 1.17 39.01 15.93
C GLY D 148 1.52 39.92 17.09
N ASP D 149 0.48 40.41 17.75
CA ASP D 149 0.63 41.36 18.85
C ASP D 149 0.37 40.73 20.21
N SER D 150 0.01 39.47 20.25
CA SER D 150 -0.11 38.83 21.56
C SER D 150 0.79 37.60 21.56
N PRO D 151 1.02 36.97 22.70
CA PRO D 151 1.93 35.82 22.75
C PRO D 151 1.39 34.62 22.01
N VAL D 152 2.31 33.81 21.49
CA VAL D 152 1.99 32.48 20.98
C VAL D 152 2.24 31.47 22.09
N VAL D 153 1.28 30.58 22.32
CA VAL D 153 1.46 29.50 23.29
C VAL D 153 1.19 28.17 22.59
N THR D 154 2.18 27.31 22.55
CA THR D 154 2.06 26.05 21.83
C THR D 154 2.38 24.90 22.78
N VAL D 155 1.54 23.87 22.74
CA VAL D 155 1.72 22.69 23.57
C VAL D 155 2.07 21.55 22.64
N SER D 156 3.20 20.90 22.89
CA SER D 156 3.76 19.91 21.97
C SER D 156 3.83 18.53 22.60
N LEU D 157 3.37 17.51 21.89
CA LEU D 157 3.62 16.14 22.29
C LEU D 157 4.81 15.63 21.49
N LEU D 158 5.89 15.27 22.18
CA LEU D 158 7.02 14.59 21.54
C LEU D 158 6.81 13.10 21.73
N HIS D 159 6.60 12.36 20.63
CA HIS D 159 6.40 10.91 20.71
C HIS D 159 7.76 10.22 20.64
N THR D 160 8.39 10.09 21.81
CA THR D 160 9.76 9.59 21.86
C THR D 160 9.82 8.09 21.63
N ASN D 161 8.74 7.38 21.94
CA ASN D 161 8.65 5.95 21.66
C ASN D 161 8.35 5.64 20.21
N ASN D 162 8.40 6.62 19.33
CA ASN D 162 8.02 6.43 17.94
C ASN D 162 9.05 5.61 17.18
N TYR D 163 8.57 4.76 16.26
CA TYR D 163 9.48 3.95 15.43
C TYR D 163 10.51 4.81 14.68
N ALA D 164 10.15 6.04 14.33
CA ALA D 164 11.06 6.91 13.60
C ALA D 164 12.27 7.34 14.44
N ASN D 165 12.26 7.12 15.74
CA ASN D 165 13.34 7.54 16.64
C ASN D 165 14.12 6.28 17.00
N GLN D 166 15.25 6.06 16.31
CA GLN D 166 16.17 4.97 16.68
C GLN D 166 17.33 5.46 17.56
N LEU D 167 17.26 6.69 18.07
CA LEU D 167 18.41 7.26 18.77
C LEU D 167 18.38 7.03 20.28
N ASP D 168 17.32 7.52 20.95
CA ASP D 168 17.33 7.71 22.40
C ASP D 168 15.90 7.88 22.88
N GLU D 169 15.51 7.20 23.97
CA GLU D 169 14.16 7.40 24.49
C GLU D 169 13.98 8.81 25.05
N ASN D 170 15.06 9.48 25.45
CA ASN D 170 15.02 10.86 25.96
C ASN D 170 14.81 11.84 24.82
N PRO D 171 14.00 12.88 25.00
CA PRO D 171 13.81 13.86 23.92
C PRO D 171 15.06 14.69 23.75
N ARG D 172 15.46 14.91 22.50
CA ARG D 172 16.68 15.64 22.15
C ARG D 172 16.35 16.71 21.13
N HIS D 173 16.98 17.88 21.26
CA HIS D 173 16.72 19.00 20.37
C HIS D 173 18.03 19.47 19.81
N PHE D 174 18.12 19.51 18.47
CA PHE D 174 19.35 19.86 17.75
C PHE D 174 19.12 21.22 17.12
N TYR D 175 19.82 22.26 17.61
CA TYR D 175 19.60 23.59 17.08
C TYR D 175 20.54 23.85 15.91
N LEU D 176 20.01 24.49 14.88
CA LEU D 176 20.81 24.91 13.73
C LEU D 176 21.45 26.27 13.93
N ALA D 177 20.97 27.05 14.89
CA ALA D 177 21.45 28.40 15.09
C ALA D 177 21.26 28.77 16.55
N GLY D 178 21.94 29.85 16.96
CA GLY D 178 21.75 30.39 18.27
C GLY D 178 22.50 29.54 19.26
N ASN D 179 22.28 29.82 20.55
CA ASN D 179 22.99 29.14 21.64
C ASN D 179 21.97 28.71 22.69
N PRO D 180 21.29 27.59 22.47
CA PRO D 180 20.15 27.22 23.31
C PRO D 180 20.55 26.61 24.64
N ASP D 181 19.62 26.67 25.60
CA ASP D 181 19.73 25.90 26.82
C ASP D 181 18.99 24.59 26.60
N ASP D 182 19.44 23.54 27.27
CA ASP D 182 18.75 22.26 27.12
C ASP D 182 17.37 22.36 27.73
N GLU D 183 16.34 22.04 26.94
CA GLU D 183 14.95 22.23 27.33
C GLU D 183 14.51 21.30 28.45
N HIS D 184 15.27 20.25 28.74
CA HIS D 184 14.86 19.27 29.74
C HIS D 184 15.83 19.26 30.92
N GLN D 185 16.45 20.40 31.24
CA GLN D 185 17.43 20.51 32.31
C GLN D 185 17.47 21.95 32.80
N ARG D 186 17.91 22.13 34.06
CA ARG D 186 18.42 23.42 34.56
C ARG D 186 18.41 23.43 36.08
N GLN D 212 35.37 23.34 18.30
CA GLN D 212 35.89 24.68 18.08
C GLN D 212 35.09 25.72 18.88
N GLY D 213 33.74 25.59 18.86
CA GLY D 213 32.89 26.56 19.51
C GLY D 213 32.56 26.24 20.97
N GLU D 214 32.01 27.23 21.66
CA GLU D 214 31.46 27.02 22.99
C GLU D 214 29.93 27.01 23.01
N GLY D 215 29.28 27.28 21.88
CA GLY D 215 27.82 27.30 21.83
C GLY D 215 27.21 25.92 21.84
N ASN D 216 25.88 25.89 21.82
CA ASN D 216 25.14 24.65 21.96
C ASN D 216 24.38 24.27 20.70
N ASN D 217 24.67 24.89 19.56
CA ASN D 217 24.08 24.40 18.32
C ASN D 217 25.05 23.43 17.63
N VAL D 218 24.55 22.74 16.60
CA VAL D 218 25.35 21.68 16.00
C VAL D 218 26.61 22.24 15.36
N PHE D 219 26.56 23.45 14.82
CA PHE D 219 27.75 24.03 14.21
C PHE D 219 28.86 24.20 15.23
N SER D 220 28.51 24.33 16.50
CA SER D 220 29.53 24.51 17.53
C SER D 220 30.41 23.27 17.70
N GLY D 221 29.97 22.13 17.20
CA GLY D 221 30.72 20.87 17.26
C GLY D 221 31.68 20.66 16.11
N PHE D 222 31.85 21.64 15.25
CA PHE D 222 32.68 21.54 14.06
C PHE D 222 33.77 22.61 14.14
N ASP D 223 34.92 22.35 13.54
CA ASP D 223 35.94 23.38 13.44
C ASP D 223 35.48 24.51 12.51
N ALA D 224 35.74 25.75 12.92
CA ALA D 224 35.32 26.90 12.12
C ALA D 224 35.91 26.85 10.73
N GLU D 225 37.17 26.39 10.61
CA GLU D 225 37.81 26.27 9.30
C GLU D 225 37.09 25.28 8.39
N PHE D 226 36.69 24.13 8.94
CA PHE D 226 35.87 23.16 8.21
C PHE D 226 34.60 23.80 7.64
N LEU D 227 33.89 24.53 8.48
CA LEU D 227 32.64 25.16 8.05
C LEU D 227 32.89 26.22 7.00
N ALA D 228 33.90 27.07 7.21
CA ALA D 228 34.21 28.10 6.22
C ALA D 228 34.48 27.46 4.87
N ASP D 229 35.24 26.37 4.85
CA ASP D 229 35.52 25.66 3.60
C ASP D 229 34.22 25.15 2.97
N ALA D 230 33.40 24.46 3.77
CA ALA D 230 32.18 23.84 3.24
C ALA D 230 31.23 24.89 2.68
N PHE D 231 30.95 25.93 3.47
CA PHE D 231 30.06 27.00 3.01
C PHE D 231 30.72 27.93 2.01
N ASN D 232 32.02 27.80 1.78
CA ASN D 232 32.79 28.73 0.93
C ASN D 232 32.57 30.19 1.39
N VAL D 233 32.73 30.43 2.69
CA VAL D 233 32.59 31.77 3.25
C VAL D 233 33.83 32.10 4.09
N ASP D 234 33.90 33.39 4.44
CA ASP D 234 34.94 33.90 5.33
C ASP D 234 34.96 33.12 6.63
N VAL D 235 36.16 32.97 7.22
CA VAL D 235 36.22 32.18 8.45
C VAL D 235 35.49 32.88 9.60
N ASP D 236 35.49 34.20 9.62
CA ASP D 236 34.77 34.90 10.67
C ASP D 236 33.27 34.62 10.61
N THR D 237 32.71 34.60 9.39
CA THR D 237 31.31 34.25 9.22
C THR D 237 31.03 32.81 9.67
N ALA D 238 31.93 31.87 9.34
CA ALA D 238 31.74 30.49 9.79
C ALA D 238 31.82 30.42 11.32
N ARG D 239 32.70 31.20 11.94
CA ARG D 239 32.77 31.21 13.40
C ARG D 239 31.44 31.60 14.01
N ARG D 240 30.76 32.57 13.38
CA ARG D 240 29.50 33.10 13.90
C ARG D 240 28.38 32.08 13.79
N LEU D 241 28.52 31.10 12.88
CA LEU D 241 27.60 29.98 12.83
C LEU D 241 27.51 29.29 14.19
N GLN D 242 28.61 29.29 14.93
CA GLN D 242 28.67 28.59 16.20
C GLN D 242 27.97 29.31 17.33
N SER D 243 27.64 30.60 17.15
CA SER D 243 26.87 31.38 18.13
C SER D 243 27.50 31.28 19.51
N ASN D 244 28.84 31.40 19.56
CA ASN D 244 29.54 31.19 20.82
C ASN D 244 29.32 32.34 21.80
N GLN D 245 28.97 33.52 21.34
CA GLN D 245 28.77 34.66 22.23
C GLN D 245 27.30 34.98 22.46
N ASP D 246 26.40 34.21 21.84
CA ASP D 246 24.97 34.49 21.91
C ASP D 246 24.43 34.22 23.32
N LYS D 247 23.88 35.25 23.97
CA LYS D 247 23.27 35.17 25.30
C LYS D 247 21.74 35.06 25.26
N ARG D 248 21.13 34.97 24.08
CA ARG D 248 19.68 35.13 23.97
C ARG D 248 18.90 33.84 24.22
N ARG D 249 19.59 32.70 24.30
CA ARG D 249 19.00 31.36 24.49
C ARG D 249 17.99 31.06 23.37
N ASN D 250 16.95 30.24 23.67
CA ASN D 250 16.28 29.44 22.66
C ASN D 250 15.31 30.23 21.78
N ILE D 251 14.76 31.33 22.27
CA ILE D 251 13.81 32.13 21.51
C ILE D 251 14.31 33.58 21.52
N VAL D 252 14.55 34.14 20.34
CA VAL D 252 15.29 35.41 20.23
C VAL D 252 14.37 36.51 19.70
N LYS D 253 14.71 37.75 20.03
CA LYS D 253 13.86 38.88 19.67
C LYS D 253 14.32 39.43 18.32
N VAL D 254 13.38 39.64 17.42
CA VAL D 254 13.64 40.26 16.12
C VAL D 254 13.43 41.77 16.25
N GLU D 255 14.44 42.55 15.86
CA GLU D 255 14.27 44.02 15.82
C GLU D 255 13.52 44.42 14.57
N GLY D 256 12.48 45.26 14.74
CA GLY D 256 11.71 45.66 13.60
C GLY D 256 10.84 44.51 13.11
N ARG D 257 10.62 44.45 11.80
CA ARG D 257 9.83 43.39 11.19
C ARG D 257 10.73 42.35 10.54
N LEU D 258 10.41 41.09 10.76
CA LEU D 258 11.09 40.00 10.07
C LEU D 258 10.75 40.05 8.58
N GLN D 259 11.77 40.12 7.74
CA GLN D 259 11.58 40.27 6.31
C GLN D 259 11.60 38.90 5.65
N GLN D 260 10.59 38.61 4.85
CA GLN D 260 10.57 37.36 4.12
C GLN D 260 9.49 37.44 3.05
N VAL D 261 9.55 36.47 2.15
CA VAL D 261 8.65 36.42 1.01
C VAL D 261 7.39 35.72 1.48
N ARG D 262 6.28 36.44 1.55
CA ARG D 262 5.02 35.81 1.93
C ARG D 262 3.88 36.74 1.54
N PRO D 263 2.70 36.18 1.28
CA PRO D 263 1.54 36.97 0.80
C PRO D 263 0.87 37.75 1.92
N GLU D 264 1.57 38.77 2.43
CA GLU D 264 1.06 39.52 3.58
C GLU D 264 -0.19 40.29 3.22
N ARG D 265 -0.15 41.05 2.13
CA ARG D 265 -1.28 41.90 1.77
C ARG D 265 -2.55 41.10 1.53
N SER D 266 -2.47 40.06 0.67
CA SER D 266 -3.65 39.23 0.42
C SER D 266 -4.08 38.46 1.66
N ARG D 267 -3.13 38.11 2.54
CA ARG D 267 -3.50 37.39 3.75
C ARG D 267 -4.32 38.28 4.67
N GLN D 268 -3.96 39.57 4.75
CA GLN D 268 -4.74 40.50 5.59
C GLN D 268 -6.14 40.72 5.02
N GLU D 269 -6.26 40.78 3.68
CA GLU D 269 -7.58 40.91 3.07
C GLU D 269 -8.44 39.69 3.32
N TRP D 270 -7.81 38.51 3.40
CA TRP D 270 -8.54 37.27 3.62
C TRP D 270 -8.98 37.13 5.07
N GLU D 271 -8.08 37.46 6.00
CA GLU D 271 -8.41 37.38 7.42
C GLU D 271 -9.45 38.42 7.81
N ARG D 272 -9.46 39.55 7.13
CA ARG D 272 -10.48 40.57 7.39
C ARG D 272 -11.83 40.09 6.89
N GLN D 273 -11.85 39.43 5.73
CA GLN D 273 -13.09 38.86 5.23
C GLN D 273 -13.65 37.83 6.21
N GLU D 274 -12.80 36.92 6.73
CA GLU D 274 -13.32 35.94 7.67
C GLU D 274 -13.81 36.59 8.95
N ARG D 275 -13.05 37.55 9.48
CA ARG D 275 -13.49 38.21 10.71
C ARG D 275 -14.87 38.82 10.53
N GLN D 276 -15.11 39.40 9.35
CA GLN D 276 -16.41 40.01 9.10
C GLN D 276 -17.49 38.95 8.91
N GLU D 277 -17.15 37.79 8.33
CA GLU D 277 -18.15 36.72 8.24
C GLU D 277 -18.48 36.16 9.62
N ARG D 278 -17.46 35.99 10.47
CA ARG D 278 -17.70 35.65 11.88
C ARG D 278 -18.63 36.68 12.53
N GLU D 279 -18.44 37.95 12.18
CA GLU D 279 -19.29 39.00 12.76
C GLU D 279 -20.75 38.84 12.30
N SER D 280 -20.97 38.71 10.99
CA SER D 280 -22.33 38.48 10.49
C SER D 280 -22.96 37.27 11.17
N GLU D 281 -22.25 36.15 11.16
CA GLU D 281 -22.77 34.93 11.78
C GLU D 281 -23.08 35.14 13.25
N GLN D 282 -22.20 35.85 13.97
CA GLN D 282 -22.47 36.14 15.38
C GLN D 282 -23.71 37.01 15.54
N GLU D 283 -23.92 37.94 14.61
CA GLU D 283 -25.06 38.85 14.65
C GLU D 283 -26.36 38.11 14.32
N ARG D 284 -26.36 37.33 13.25
CA ARG D 284 -27.51 36.50 12.91
C ARG D 284 -27.91 35.62 14.09
N GLU D 285 -26.93 35.09 14.81
CA GLU D 285 -27.22 34.15 15.89
C GLU D 285 -27.87 34.85 17.07
N ARG D 286 -27.42 36.06 17.44
CA ARG D 286 -28.13 36.80 18.50
C ARG D 286 -29.49 37.27 18.03
N GLN D 287 -29.69 37.43 16.73
CA GLN D 287 -31.00 37.76 16.19
C GLN D 287 -31.95 36.56 16.27
N ARG D 288 -31.41 35.33 16.23
CA ARG D 288 -32.23 34.14 16.48
C ARG D 288 -32.63 34.12 17.95
N ARG D 289 -33.51 35.04 18.35
CA ARG D 289 -34.03 35.13 19.71
C ARG D 289 -35.16 36.15 19.80
N GLY D 299 5.84 19.67 -10.92
CA GLY D 299 6.59 18.50 -10.50
C GLY D 299 6.30 18.09 -9.06
N PHE D 300 7.20 17.29 -8.49
CA PHE D 300 7.00 16.80 -7.13
C PHE D 300 6.95 17.92 -6.10
N GLU D 301 7.32 19.16 -6.47
CA GLU D 301 7.09 20.28 -5.57
CA GLU D 301 7.08 20.29 -5.59
C GLU D 301 5.60 20.44 -5.28
N GLU D 302 4.73 20.10 -6.24
CA GLU D 302 3.30 20.18 -6.00
C GLU D 302 2.80 19.06 -5.09
N THR D 303 3.53 17.96 -4.98
CA THR D 303 3.07 16.80 -4.23
C THR D 303 3.77 16.68 -2.87
N ILE D 304 4.82 15.86 -2.77
CA ILE D 304 5.43 15.60 -1.46
C ILE D 304 5.91 16.88 -0.81
N CYS D 305 6.58 17.73 -1.57
CA CYS D 305 7.14 18.92 -0.96
C CYS D 305 6.07 19.92 -0.55
N SER D 306 4.81 19.75 -0.99
CA SER D 306 3.69 20.59 -0.59
C SER D 306 2.84 19.96 0.51
N LEU D 307 3.17 18.74 0.92
CA LEU D 307 2.54 18.01 2.01
C LEU D 307 1.91 18.94 3.04
N ARG D 308 0.64 18.70 3.42
CA ARG D 308 0.04 19.52 4.45
C ARG D 308 0.49 19.03 5.82
N LEU D 309 0.79 19.98 6.71
CA LEU D 309 1.26 19.68 8.04
C LEU D 309 0.37 20.26 9.14
N ARG D 310 -0.59 21.13 8.80
CA ARG D 310 -1.43 21.74 9.80
C ARG D 310 -2.90 21.47 9.53
N GLU D 311 -3.69 21.45 10.61
CA GLU D 311 -5.14 21.36 10.50
C GLU D 311 -5.74 22.09 11.69
N ASN D 312 -6.76 22.91 11.45
CA ASN D 312 -7.36 23.65 12.56
C ASN D 312 -8.41 22.78 13.25
N ILE D 313 -8.04 22.18 14.38
CA ILE D 313 -8.98 21.34 15.12
C ILE D 313 -9.82 22.14 16.08
N GLY D 314 -9.53 23.43 16.26
CA GLY D 314 -10.30 24.25 17.18
C GLY D 314 -11.41 25.08 16.55
N THR D 315 -11.40 25.23 15.21
CA THR D 315 -12.45 25.93 14.47
C THR D 315 -13.80 25.80 15.17
N ARG D 316 -14.32 26.92 15.67
CA ARG D 316 -15.59 26.99 16.39
C ARG D 316 -16.68 26.18 15.70
N SER D 317 -16.73 26.24 14.38
CA SER D 317 -17.85 25.71 13.61
C SER D 317 -17.69 24.25 13.23
N ARG D 318 -16.53 23.63 13.45
CA ARG D 318 -16.33 22.24 13.09
CA ARG D 318 -16.31 22.24 13.10
C ARG D 318 -16.60 21.32 14.28
N ALA D 319 -17.19 20.17 13.99
CA ALA D 319 -17.37 19.13 15.00
C ALA D 319 -17.38 17.78 14.31
N ASP D 320 -16.72 16.80 14.92
CA ASP D 320 -16.91 15.40 14.59
C ASP D 320 -18.06 14.79 15.37
N ILE D 321 -18.18 15.15 16.66
CA ILE D 321 -19.31 14.77 17.50
C ILE D 321 -19.83 16.04 18.14
N TYR D 322 -21.14 16.18 18.22
CA TYR D 322 -21.70 17.45 18.70
C TYR D 322 -23.03 17.19 19.39
N THR D 323 -23.16 17.61 20.64
CA THR D 323 -24.46 17.64 21.28
C THR D 323 -24.78 19.08 21.60
N GLU D 324 -25.83 19.60 20.98
CA GLU D 324 -26.19 20.99 21.18
C GLU D 324 -26.35 21.29 22.66
N GLN D 325 -25.83 22.43 23.08
CA GLN D 325 -25.86 22.92 24.47
C GLN D 325 -24.98 22.10 25.41
N VAL D 326 -24.22 21.14 24.89
CA VAL D 326 -23.55 20.18 25.78
C VAL D 326 -22.06 20.12 25.48
N GLY D 327 -21.69 19.86 24.22
CA GLY D 327 -20.28 19.69 23.93
C GLY D 327 -20.01 19.34 22.47
N ARG D 328 -18.73 19.30 22.14
CA ARG D 328 -18.31 18.88 20.81
C ARG D 328 -16.93 18.26 20.91
N ILE D 329 -16.63 17.35 19.98
CA ILE D 329 -15.28 16.80 19.82
C ILE D 329 -14.90 16.93 18.36
N ASN D 330 -13.73 17.50 18.10
CA ASN D 330 -13.08 17.48 16.79
C ASN D 330 -11.82 16.65 16.86
N THR D 331 -11.59 15.84 15.82
CA THR D 331 -10.45 14.96 15.77
C THR D 331 -9.67 15.17 14.49
N VAL D 332 -8.36 14.99 14.59
CA VAL D 332 -7.50 14.97 13.43
C VAL D 332 -6.78 13.65 13.44
N ASN D 333 -6.75 12.99 12.28
CA ASN D 333 -6.08 11.70 12.17
C ASN D 333 -5.69 11.53 10.72
N SER D 334 -5.22 10.33 10.35
CA SER D 334 -4.70 10.17 8.99
C SER D 334 -5.78 10.27 7.93
N ASN D 335 -7.05 10.12 8.30
CA ASN D 335 -8.14 10.37 7.35
C ASN D 335 -8.39 11.84 7.09
N THR D 336 -7.78 12.73 7.88
CA THR D 336 -7.95 14.14 7.64
C THR D 336 -6.62 14.83 7.32
N LEU D 337 -5.52 14.39 7.94
CA LEU D 337 -4.20 14.99 7.73
C LEU D 337 -3.25 13.87 7.32
N PRO D 338 -2.96 13.71 6.03
CA PRO D 338 -2.28 12.48 5.56
C PRO D 338 -0.94 12.18 6.23
N VAL D 339 -0.18 13.20 6.63
CA VAL D 339 1.14 12.98 7.21
C VAL D 339 1.06 12.19 8.52
N LEU D 340 -0.07 12.22 9.22
CA LEU D 340 -0.19 11.46 10.45
C LEU D 340 -0.07 9.96 10.20
N ARG D 341 -0.31 9.49 8.98
CA ARG D 341 -0.08 8.08 8.69
CA ARG D 341 -0.07 8.08 8.66
C ARG D 341 1.36 7.69 9.00
N TRP D 342 2.31 8.58 8.71
CA TRP D 342 3.72 8.34 8.97
C TRP D 342 4.12 8.70 10.39
N LEU D 343 3.46 9.69 11.00
CA LEU D 343 3.76 10.01 12.39
C LEU D 343 3.19 8.98 13.36
N GLN D 344 2.10 8.28 13.00
CA GLN D 344 1.41 7.35 13.91
C GLN D 344 0.86 8.07 15.14
N LEU D 345 0.26 9.23 14.92
CA LEU D 345 -0.27 10.04 16.01
C LEU D 345 -1.57 10.66 15.58
N SER D 346 -2.37 11.11 16.55
CA SER D 346 -3.59 11.83 16.24
C SER D 346 -3.95 12.73 17.40
N ALA D 347 -5.02 13.49 17.25
CA ALA D 347 -5.37 14.43 18.31
C ALA D 347 -6.86 14.64 18.31
N GLU D 348 -7.36 15.07 19.46
CA GLU D 348 -8.76 15.43 19.59
C GLU D 348 -8.84 16.73 20.36
N ARG D 349 -9.85 17.50 20.04
CA ARG D 349 -10.10 18.77 20.70
C ARG D 349 -11.51 18.70 21.23
N GLY D 350 -11.66 18.89 22.53
CA GLY D 350 -12.95 18.71 23.20
C GLY D 350 -13.34 19.97 23.94
N ASP D 351 -14.64 20.28 23.92
CA ASP D 351 -15.24 21.42 24.62
C ASP D 351 -16.50 20.88 25.26
N LEU D 352 -16.64 21.09 26.56
CA LEU D 352 -17.84 20.69 27.28
C LEU D 352 -18.43 21.92 27.94
N GLN D 353 -19.76 22.09 27.82
CA GLN D 353 -20.48 23.13 28.53
C GLN D 353 -20.70 22.71 29.99
N ARG D 354 -21.30 23.63 30.77
CA ARG D 354 -21.75 23.29 32.10
C ARG D 354 -22.62 22.03 32.05
N GLU D 355 -22.36 21.10 32.96
CA GLU D 355 -23.02 19.79 33.06
C GLU D 355 -22.70 18.86 31.90
N GLY D 356 -21.83 19.23 30.97
CA GLY D 356 -21.51 18.34 29.87
C GLY D 356 -20.70 17.15 30.34
N LEU D 357 -21.07 15.96 29.86
CA LEU D 357 -20.46 14.70 30.27
C LEU D 357 -19.95 13.95 29.04
N TYR D 358 -18.65 13.68 29.02
CA TYR D 358 -18.03 12.70 28.10
C TYR D 358 -18.17 11.36 28.77
N VAL D 359 -19.08 10.52 28.27
CA VAL D 359 -19.46 9.29 28.98
C VAL D 359 -18.26 8.35 29.14
N PRO D 360 -18.34 7.41 30.08
CA PRO D 360 -17.32 6.38 30.20
C PRO D 360 -17.00 5.76 28.84
N HIS D 361 -15.70 5.67 28.54
CA HIS D 361 -15.24 5.14 27.27
C HIS D 361 -13.83 4.64 27.48
N TRP D 362 -13.30 3.91 26.50
CA TRP D 362 -11.90 3.51 26.51
C TRP D 362 -11.33 3.71 25.11
N ASN D 363 -10.02 3.95 25.08
CA ASN D 363 -9.24 4.07 23.85
C ASN D 363 -8.72 2.68 23.55
N LEU D 364 -9.13 2.14 22.40
CA LEU D 364 -8.79 0.76 22.06
C LEU D 364 -7.32 0.62 21.71
N ASN D 365 -6.74 1.62 21.03
CA ASN D 365 -5.47 1.42 20.35
C ASN D 365 -4.49 2.56 20.59
N ALA D 366 -4.62 3.28 21.70
CA ALA D 366 -3.83 4.50 21.91
C ALA D 366 -3.87 4.87 23.38
N HIS D 367 -2.77 5.45 23.87
CA HIS D 367 -2.86 6.29 25.04
C HIS D 367 -3.46 7.62 24.65
N SER D 368 -4.10 8.28 25.62
CA SER D 368 -4.64 9.61 25.42
C SER D 368 -3.97 10.54 26.42
N VAL D 369 -3.12 11.45 25.93
CA VAL D 369 -2.43 12.39 26.78
C VAL D 369 -3.25 13.67 26.75
N VAL D 370 -3.93 13.96 27.85
CA VAL D 370 -4.90 15.04 27.89
C VAL D 370 -4.25 16.30 28.45
N TYR D 371 -4.42 17.41 27.74
CA TYR D 371 -3.97 18.72 28.20
C TYR D 371 -5.18 19.62 28.43
N ALA D 372 -5.37 20.06 29.67
CA ALA D 372 -6.52 20.92 29.98
C ALA D 372 -6.23 22.36 29.55
N ILE D 373 -7.02 22.87 28.61
CA ILE D 373 -6.81 24.22 28.08
C ILE D 373 -7.44 25.26 29.00
N ARG D 374 -8.69 25.04 29.43
CA ARG D 374 -9.35 25.99 30.31
C ARG D 374 -10.50 25.29 31.02
N GLY D 375 -10.97 25.93 32.08
CA GLY D 375 -12.09 25.37 32.81
C GLY D 375 -11.65 24.24 33.71
N ARG D 376 -12.59 23.33 34.00
CA ARG D 376 -12.38 22.25 34.95
C ARG D 376 -13.31 21.11 34.59
N ALA D 377 -12.85 19.89 34.79
CA ALA D 377 -13.69 18.71 34.64
C ALA D 377 -13.36 17.72 35.76
N ARG D 378 -14.39 17.12 36.35
CA ARG D 378 -14.18 15.92 37.15
C ARG D 378 -13.94 14.74 36.21
N VAL D 379 -12.78 14.10 36.36
CA VAL D 379 -12.34 13.01 35.51
C VAL D 379 -12.22 11.78 36.40
N GLN D 380 -12.74 10.65 35.92
CA GLN D 380 -12.59 9.38 36.61
C GLN D 380 -11.93 8.43 35.63
N VAL D 381 -10.88 7.74 36.09
CA VAL D 381 -10.20 6.72 35.31
C VAL D 381 -10.17 5.42 36.10
N VAL D 382 -10.41 4.30 35.40
CA VAL D 382 -10.56 2.98 36.01
C VAL D 382 -9.69 1.99 35.23
N ASP D 383 -8.95 1.15 35.95
CA ASP D 383 -8.04 0.22 35.33
C ASP D 383 -8.72 -1.16 35.21
N ASP D 384 -7.94 -2.19 34.89
CA ASP D 384 -8.54 -3.50 34.61
C ASP D 384 -9.07 -4.21 35.85
N ASN D 385 -8.77 -3.72 37.05
CA ASN D 385 -9.28 -4.33 38.28
C ASN D 385 -10.50 -3.60 38.83
N GLY D 386 -11.08 -2.68 38.06
CA GLY D 386 -12.12 -1.82 38.57
C GLY D 386 -11.66 -0.83 39.63
N ASN D 387 -10.36 -0.59 39.72
CA ASN D 387 -9.83 0.42 40.63
C ASN D 387 -10.00 1.79 40.01
N THR D 388 -10.44 2.76 40.79
CA THR D 388 -10.42 4.14 40.32
C THR D 388 -8.99 4.65 40.45
N VAL D 389 -8.28 4.80 39.33
CA VAL D 389 -6.90 5.24 39.45
C VAL D 389 -6.78 6.76 39.37
N PHE D 390 -7.84 7.45 38.97
CA PHE D 390 -7.89 8.90 39.05
C PHE D 390 -9.32 9.30 39.32
N ASP D 391 -9.49 10.21 40.27
CA ASP D 391 -10.81 10.74 40.58
C ASP D 391 -10.61 12.13 41.16
N ASP D 392 -10.52 13.14 40.30
CA ASP D 392 -10.19 14.48 40.74
C ASP D 392 -10.54 15.45 39.63
N GLU D 393 -10.47 16.74 39.96
CA GLU D 393 -10.71 17.76 38.96
C GLU D 393 -9.42 18.02 38.18
N LEU D 394 -9.52 17.99 36.86
CA LEU D 394 -8.40 18.35 36.00
C LEU D 394 -8.48 19.84 35.73
N ARG D 395 -7.36 20.54 35.90
CA ARG D 395 -7.33 21.99 35.93
C ARG D 395 -6.48 22.52 34.78
N GLN D 396 -6.74 23.77 34.39
CA GLN D 396 -6.08 24.33 33.23
C GLN D 396 -4.56 24.23 33.37
N GLY D 397 -3.90 23.85 32.29
CA GLY D 397 -2.46 23.71 32.29
C GLY D 397 -1.95 22.34 32.70
N GLN D 398 -2.82 21.46 33.18
CA GLN D 398 -2.35 20.17 33.67
C GLN D 398 -2.46 19.11 32.58
N VAL D 399 -1.65 18.08 32.70
CA VAL D 399 -1.68 16.96 31.75
C VAL D 399 -2.12 15.71 32.51
N LEU D 400 -3.04 14.97 31.93
CA LEU D 400 -3.39 13.66 32.45
C LEU D 400 -3.19 12.65 31.35
N THR D 401 -2.38 11.62 31.62
CA THR D 401 -2.17 10.54 30.67
CA THR D 401 -2.18 10.55 30.66
C THR D 401 -3.15 9.42 30.97
N ILE D 402 -4.01 9.10 30.01
CA ILE D 402 -4.96 8.00 30.14
C ILE D 402 -4.36 6.80 29.41
N PRO D 403 -3.94 5.75 30.12
CA PRO D 403 -3.32 4.60 29.43
C PRO D 403 -4.29 3.87 28.51
N GLN D 404 -3.74 3.30 27.44
CA GLN D 404 -4.56 2.55 26.51
C GLN D 404 -5.48 1.60 27.27
N ASN D 405 -6.73 1.50 26.80
CA ASN D 405 -7.77 0.60 27.32
C ASN D 405 -8.34 0.93 28.70
N PHE D 406 -7.75 1.86 29.45
CA PHE D 406 -8.35 2.26 30.71
C PHE D 406 -9.65 3.02 30.40
N ALA D 407 -10.67 2.84 31.25
CA ALA D 407 -11.93 3.53 31.05
C ALA D 407 -11.86 4.92 31.69
N VAL D 408 -12.49 5.90 31.05
CA VAL D 408 -12.40 7.29 31.51
C VAL D 408 -13.72 7.99 31.22
N ALA D 409 -14.11 8.86 32.15
CA ALA D 409 -15.24 9.75 31.93
C ALA D 409 -14.84 11.13 32.44
N LYS D 410 -15.39 12.17 31.82
CA LYS D 410 -15.10 13.56 32.21
C LYS D 410 -16.39 14.37 32.33
N ARG D 411 -16.56 15.07 33.44
CA ARG D 411 -17.75 15.89 33.68
C ARG D 411 -17.32 17.31 33.97
N ALA D 412 -17.66 18.23 33.07
CA ALA D 412 -17.26 19.62 33.25
C ALA D 412 -17.86 20.23 34.51
N GLU D 413 -17.11 21.14 35.11
CA GLU D 413 -17.64 21.96 36.17
C GLU D 413 -18.53 23.05 35.57
N SER D 414 -19.07 23.93 36.43
CA SER D 414 -20.06 24.89 35.98
CA SER D 414 -20.07 24.87 35.96
C SER D 414 -19.51 25.85 34.93
N GLU D 415 -18.20 26.09 34.94
CA GLU D 415 -17.65 27.04 33.96
C GLU D 415 -17.33 26.39 32.63
N GLY D 416 -17.51 25.08 32.48
CA GLY D 416 -17.13 24.40 31.27
C GLY D 416 -15.71 23.90 31.30
N PHE D 417 -15.34 23.19 30.22
CA PHE D 417 -14.03 22.55 30.12
C PHE D 417 -13.59 22.47 28.66
N GLU D 418 -12.33 22.79 28.41
CA GLU D 418 -11.76 22.56 27.08
C GLU D 418 -10.46 21.80 27.23
N TRP D 419 -10.20 20.89 26.29
CA TRP D 419 -8.97 20.13 26.33
C TRP D 419 -8.52 19.79 24.92
N VAL D 420 -7.26 19.45 24.81
CA VAL D 420 -6.73 18.77 23.64
C VAL D 420 -6.10 17.49 24.14
N ALA D 421 -6.30 16.42 23.40
CA ALA D 421 -5.72 15.14 23.77
C ALA D 421 -4.92 14.66 22.58
N PHE D 422 -3.66 14.31 22.83
CA PHE D 422 -2.81 13.70 21.80
C PHE D 422 -2.88 12.19 21.97
N LYS D 423 -3.10 11.46 20.88
CA LYS D 423 -3.26 10.03 20.99
C LYS D 423 -2.14 9.32 20.24
N THR D 424 -1.55 8.31 20.88
CA THR D 424 -0.38 7.64 20.29
C THR D 424 -0.74 6.61 19.23
N ASN D 425 -1.64 6.95 18.32
CA ASN D 425 -1.91 6.10 17.17
C ASN D 425 -2.40 6.97 16.04
N ASP D 426 -2.29 6.43 14.84
CA ASP D 426 -2.54 7.15 13.60
C ASP D 426 -4.02 7.48 13.45
N ASN D 427 -4.89 6.64 14.00
CA ASN D 427 -6.32 6.72 13.84
C ASN D 427 -6.89 6.12 15.13
N ALA D 428 -6.77 6.87 16.22
CA ALA D 428 -7.11 6.34 17.53
C ALA D 428 -8.62 6.10 17.60
N GLN D 429 -8.98 4.94 18.17
CA GLN D 429 -10.36 4.47 18.25
C GLN D 429 -10.84 4.48 19.70
N ILE D 430 -12.07 4.94 19.93
CA ILE D 430 -12.64 4.85 21.27
C ILE D 430 -13.94 4.06 21.20
N SER D 431 -14.26 3.42 22.30
CA SER D 431 -15.52 2.70 22.44
CA SER D 431 -15.52 2.70 22.45
C SER D 431 -16.29 3.28 23.61
N PRO D 432 -17.41 3.96 23.39
CA PRO D 432 -18.22 4.40 24.53
C PRO D 432 -18.85 3.18 25.20
N LEU D 433 -18.98 3.25 26.52
CA LEU D 433 -19.66 2.22 27.29
C LEU D 433 -21.16 2.45 27.38
N ALA D 434 -21.61 3.70 27.29
CA ALA D 434 -23.02 4.03 27.42
C ALA D 434 -23.43 4.90 26.25
N GLY D 435 -24.73 4.88 25.94
CA GLY D 435 -25.28 5.73 24.92
C GLY D 435 -25.36 5.05 23.57
N ARG D 436 -25.80 5.84 22.58
CA ARG D 436 -25.84 5.34 21.22
C ARG D 436 -24.43 4.96 20.76
N THR D 437 -24.34 3.85 20.02
CA THR D 437 -23.08 3.31 19.51
C THR D 437 -22.21 2.68 20.59
N SER D 438 -22.76 2.43 21.77
CA SER D 438 -21.94 1.96 22.88
C SER D 438 -21.73 0.44 22.83
N ALA D 439 -20.76 -0.04 23.63
CA ALA D 439 -20.54 -1.48 23.73
C ALA D 439 -21.75 -2.17 24.36
N ILE D 440 -22.39 -1.54 25.34
CA ILE D 440 -23.57 -2.14 25.97
C ILE D 440 -24.67 -2.35 24.94
N ARG D 441 -24.84 -1.38 24.04
CA ARG D 441 -25.93 -1.50 23.07
C ARG D 441 -25.69 -2.62 22.06
N ALA D 442 -24.42 -2.97 21.82
CA ALA D 442 -24.11 -4.06 20.90
C ALA D 442 -24.37 -5.43 21.50
N LEU D 443 -24.65 -5.50 22.75
CA LEU D 443 -24.84 -6.79 23.40
C LEU D 443 -26.29 -7.26 23.28
N PRO D 444 -26.53 -8.56 23.13
CA PRO D 444 -27.92 -9.05 23.18
C PRO D 444 -28.55 -8.76 24.53
N ASP D 445 -29.85 -8.45 24.51
CA ASP D 445 -30.61 -8.20 25.75
C ASP D 445 -30.27 -9.21 26.83
N ASP D 446 -30.26 -10.50 26.46
CA ASP D 446 -30.13 -11.61 27.41
C ASP D 446 -28.70 -11.83 27.86
N VAL D 447 -27.71 -11.40 27.07
CA VAL D 447 -26.34 -11.35 27.59
C VAL D 447 -26.24 -10.30 28.69
N LEU D 448 -26.75 -9.10 28.44
CA LEU D 448 -26.82 -8.09 29.51
C LEU D 448 -27.54 -8.64 30.73
N ALA D 449 -28.69 -9.29 30.50
CA ALA D 449 -29.53 -9.71 31.61
C ALA D 449 -28.80 -10.67 32.53
N ASN D 450 -28.17 -11.71 31.95
CA ASN D 450 -27.45 -12.69 32.75
C ASN D 450 -26.14 -12.16 33.29
N ALA D 451 -25.50 -11.24 32.55
CA ALA D 451 -24.23 -10.67 32.99
C ALA D 451 -24.39 -9.80 34.23
N PHE D 452 -25.49 -9.05 34.33
CA PHE D 452 -25.73 -8.18 35.48
C PHE D 452 -26.84 -8.67 36.40
N GLN D 453 -27.39 -9.86 36.16
CA GLN D 453 -28.52 -10.37 36.94
C GLN D 453 -29.65 -9.34 37.01
N ILE D 454 -30.09 -8.89 35.84
CA ILE D 454 -31.23 -8.01 35.70
C ILE D 454 -32.20 -8.63 34.69
N SER D 455 -33.40 -8.06 34.64
CA SER D 455 -34.39 -8.49 33.68
C SER D 455 -34.05 -7.98 32.28
N ARG D 456 -34.68 -8.57 31.27
CA ARG D 456 -34.43 -8.07 29.91
C ARG D 456 -34.99 -6.67 29.73
N SER D 457 -36.02 -6.33 30.48
CA SER D 457 -36.56 -4.97 30.39
C SER D 457 -35.59 -3.96 30.97
N GLU D 458 -34.97 -4.28 32.11
CA GLU D 458 -33.94 -3.40 32.64
C GLU D 458 -32.75 -3.31 31.68
N ALA D 459 -32.39 -4.43 31.05
CA ALA D 459 -31.30 -4.42 30.10
C ALA D 459 -31.59 -3.49 28.93
N ARG D 460 -32.84 -3.44 28.48
CA ARG D 460 -33.14 -2.53 27.38
C ARG D 460 -33.12 -1.07 27.84
N ARG D 461 -33.41 -0.79 29.11
CA ARG D 461 -33.21 0.56 29.63
C ARG D 461 -31.74 0.96 29.57
N LEU D 462 -30.86 0.07 30.02
CA LEU D 462 -29.43 0.39 29.96
C LEU D 462 -28.99 0.66 28.53
N LYS D 463 -29.66 0.05 27.57
CA LYS D 463 -29.23 0.14 26.18
C LYS D 463 -29.78 1.38 25.48
N TYR D 464 -31.04 1.72 25.75
CA TYR D 464 -31.72 2.73 24.97
C TYR D 464 -32.12 3.99 25.71
N ASN D 465 -32.05 4.04 27.05
CA ASN D 465 -32.54 5.23 27.73
C ASN D 465 -31.75 6.47 27.33
N ARG D 466 -30.44 6.34 27.13
CA ARG D 466 -29.58 7.44 26.69
C ARG D 466 -29.54 7.47 25.17
N GLN D 467 -30.15 8.49 24.54
CA GLN D 467 -30.23 8.45 23.08
C GLN D 467 -29.11 9.21 22.36
N GLU D 468 -28.33 10.02 23.07
CA GLU D 468 -27.14 10.64 22.48
C GLU D 468 -26.00 9.63 22.41
N THR D 469 -25.07 9.88 21.49
CA THR D 469 -23.77 9.21 21.47
C THR D 469 -22.72 10.12 22.12
N THR D 470 -21.94 9.55 23.04
CA THR D 470 -20.66 10.09 23.48
C THR D 470 -20.79 11.29 24.41
N LEU D 471 -21.56 12.32 24.05
CA LEU D 471 -21.65 13.52 24.87
C LEU D 471 -23.09 13.76 25.28
N VAL D 472 -23.32 14.02 26.57
CA VAL D 472 -24.66 14.22 27.09
C VAL D 472 -24.64 15.08 28.34
N ARG D 473 -25.80 15.69 28.63
CA ARG D 473 -26.00 16.50 29.81
C ARG D 473 -26.15 15.63 31.06
N SER D 474 -25.38 15.95 32.09
CA SER D 474 -25.39 15.23 33.35
C SER D 474 -25.94 16.18 34.43
N SER D 475 -27.12 15.86 34.95
CA SER D 475 -27.74 16.66 36.00
C SER D 475 -27.50 16.12 37.40
N ARG D 476 -27.35 14.81 37.55
CA ARG D 476 -27.14 14.22 38.88
C ARG D 476 -25.76 14.61 39.42
N SER D 477 -24.70 14.17 38.76
CA SER D 477 -23.33 14.50 39.13
C SER D 477 -23.09 16.02 39.17
N GLN E 10 8.98 -2.91 15.25
CA GLN E 10 7.56 -3.26 15.36
C GLN E 10 7.27 -3.96 16.69
N ARG E 11 7.65 -5.25 16.78
CA ARG E 11 7.48 -5.99 18.02
C ARG E 11 8.36 -5.39 19.11
N HIS E 12 7.94 -5.58 20.36
CA HIS E 12 8.74 -5.22 21.52
C HIS E 12 9.67 -6.38 21.88
N PHE E 13 10.87 -6.03 22.36
CA PHE E 13 11.96 -6.98 22.53
C PHE E 13 11.79 -7.81 23.82
N GLY E 14 12.44 -8.98 23.82
CA GLY E 14 12.52 -9.81 25.01
C GLY E 14 13.95 -10.27 25.24
N GLU E 15 14.16 -11.21 26.17
CA GLU E 15 15.46 -11.82 26.41
C GLU E 15 15.40 -13.29 26.05
N CYS E 16 16.10 -13.69 24.98
CA CYS E 16 16.02 -15.03 24.43
C CYS E 16 17.32 -15.81 24.63
N ASN E 17 17.95 -15.64 25.78
CA ASN E 17 19.10 -16.46 26.16
C ASN E 17 18.59 -17.72 26.86
N LEU E 18 18.29 -18.76 26.08
CA LEU E 18 17.69 -19.98 26.61
C LEU E 18 18.68 -21.13 26.59
N ASP E 19 18.77 -21.83 27.72
CA ASP E 19 19.58 -23.04 27.84
C ASP E 19 18.77 -24.32 27.84
N ARG E 20 17.58 -24.32 28.43
CA ARG E 20 16.74 -25.51 28.46
C ARG E 20 15.28 -25.11 28.31
N LEU E 21 14.63 -25.58 27.26
CA LEU E 21 13.19 -25.45 27.18
C LEU E 21 12.53 -26.57 27.98
N ASN E 22 11.35 -26.29 28.52
CA ASN E 22 10.55 -27.29 29.21
C ASN E 22 9.14 -27.28 28.63
N ALA E 23 8.51 -28.46 28.65
CA ALA E 23 7.12 -28.58 28.25
C ALA E 23 6.23 -27.99 29.35
N LEU E 24 5.41 -27.02 29.00
CA LEU E 24 4.75 -26.20 29.99
C LEU E 24 3.28 -26.56 30.11
N GLU E 25 2.80 -26.64 31.36
CA GLU E 25 1.40 -26.80 31.71
C GLU E 25 0.91 -25.58 32.49
N PRO E 26 -0.41 -25.40 32.60
CA PRO E 26 -0.94 -24.29 33.38
C PRO E 26 -0.38 -24.32 34.80
N THR E 27 -0.06 -23.14 35.33
CA THR E 27 0.41 -23.04 36.71
C THR E 27 -0.61 -22.36 37.62
N ASN E 28 -1.60 -21.68 37.07
CA ASN E 28 -2.66 -21.05 37.83
C ASN E 28 -4.01 -21.41 37.21
N ARG E 29 -5.01 -21.56 38.08
CA ARG E 29 -6.33 -22.06 37.73
C ARG E 29 -7.37 -21.29 38.53
N LYS E 30 -8.25 -20.57 37.85
CA LYS E 30 -9.24 -19.72 38.50
C LYS E 30 -10.63 -20.28 38.24
N GLU E 31 -11.30 -20.71 39.31
CA GLU E 31 -12.58 -21.39 39.18
C GLU E 31 -13.73 -20.39 39.21
N SER E 32 -14.64 -20.50 38.24
CA SER E 32 -15.84 -19.68 38.15
C SER E 32 -17.07 -20.57 38.34
N GLU E 33 -18.22 -19.94 38.53
CA GLU E 33 -19.45 -20.70 38.71
C GLU E 33 -19.61 -21.76 37.63
N ALA E 34 -19.40 -21.38 36.36
CA ALA E 34 -19.70 -22.25 35.23
C ALA E 34 -18.48 -22.58 34.39
N GLY E 35 -17.27 -22.52 34.95
CA GLY E 35 -16.09 -22.91 34.21
C GLY E 35 -14.83 -22.69 35.01
N THR E 36 -13.69 -22.83 34.33
CA THR E 36 -12.37 -22.62 34.92
C THR E 36 -11.50 -21.89 33.91
N VAL E 37 -10.66 -20.98 34.39
CA VAL E 37 -9.64 -20.32 33.55
C VAL E 37 -8.26 -20.75 34.03
N GLU E 38 -7.46 -21.28 33.12
CA GLU E 38 -6.14 -21.82 33.41
C GLU E 38 -5.10 -20.91 32.76
N LYS E 39 -4.07 -20.54 33.52
CA LYS E 39 -3.04 -19.63 33.02
C LYS E 39 -1.70 -20.37 32.98
N TRP E 40 -1.06 -20.39 31.81
CA TRP E 40 0.34 -20.76 31.79
C TRP E 40 1.15 -19.63 32.40
N ASP E 41 2.37 -19.93 32.81
CA ASP E 41 3.19 -18.95 33.53
C ASP E 41 3.80 -17.97 32.54
N LYS E 42 3.17 -16.80 32.37
CA LYS E 42 3.68 -15.78 31.46
C LYS E 42 5.09 -15.31 31.83
N ASN E 43 5.54 -15.61 33.05
CA ASN E 43 6.84 -15.19 33.55
C ASN E 43 7.95 -16.14 33.13
N ASP E 44 7.59 -17.35 32.71
CA ASP E 44 8.59 -18.30 32.25
C ASP E 44 9.42 -17.69 31.13
N GLN E 45 10.72 -18.05 31.10
CA GLN E 45 11.62 -17.42 30.12
C GLN E 45 11.24 -17.78 28.70
N GLN E 46 10.65 -18.96 28.50
CA GLN E 46 10.23 -19.34 27.16
CA GLN E 46 10.24 -19.34 27.16
C GLN E 46 9.11 -18.43 26.68
N PHE E 47 8.17 -18.08 27.57
CA PHE E 47 7.09 -17.20 27.14
C PHE E 47 7.52 -15.74 27.06
N GLN E 48 8.49 -15.33 27.89
CA GLN E 48 9.04 -13.97 27.82
C GLN E 48 9.84 -13.76 26.54
N CYS E 49 10.58 -14.79 26.12
CA CYS E 49 11.29 -14.73 24.83
C CYS E 49 10.31 -14.56 23.68
N ALA E 50 9.27 -15.38 23.64
CA ALA E 50 8.28 -15.25 22.57
C ALA E 50 7.44 -13.99 22.71
N GLY E 51 7.29 -13.46 23.92
CA GLY E 51 6.50 -12.26 24.12
C GLY E 51 5.00 -12.53 24.09
N VAL E 52 4.56 -13.60 24.75
CA VAL E 52 3.17 -14.06 24.65
C VAL E 52 2.76 -14.60 26.01
N ALA E 53 1.46 -14.73 26.19
CA ALA E 53 0.91 -15.52 27.27
C ALA E 53 -0.08 -16.51 26.68
N LEU E 54 -0.36 -17.56 27.44
CA LEU E 54 -1.26 -18.61 26.97
C LEU E 54 -2.33 -18.84 28.03
N ILE E 55 -3.59 -18.96 27.59
CA ILE E 55 -4.73 -19.11 28.48
C ILE E 55 -5.61 -20.25 27.97
N ARG E 56 -6.18 -21.02 28.90
CA ARG E 56 -7.19 -22.01 28.53
C ARG E 56 -8.46 -21.76 29.33
N HIS E 57 -9.62 -21.72 28.64
CA HIS E 57 -10.94 -21.63 29.26
C HIS E 57 -11.70 -22.93 29.08
N PHE E 58 -12.29 -23.43 30.18
CA PHE E 58 -13.25 -24.53 30.21
C PHE E 58 -14.61 -23.93 30.53
N ILE E 59 -15.55 -24.00 29.59
CA ILE E 59 -16.86 -23.36 29.76
C ILE E 59 -17.91 -24.47 29.83
N GLU E 60 -18.59 -24.57 30.97
CA GLU E 60 -19.58 -25.62 31.17
C GLU E 60 -20.81 -25.40 30.30
N ARG E 61 -21.64 -26.43 30.19
CA ARG E 61 -22.89 -26.31 29.46
CA ARG E 61 -22.90 -26.32 29.48
C ARG E 61 -23.72 -25.17 30.03
N ARG E 62 -24.33 -24.38 29.14
CA ARG E 62 -25.09 -23.18 29.51
C ARG E 62 -24.20 -22.05 30.05
N GLY E 63 -22.89 -22.13 29.85
CA GLY E 63 -21.97 -21.18 30.46
C GLY E 63 -21.68 -20.01 29.54
N LEU E 64 -21.52 -18.84 30.15
CA LEU E 64 -21.32 -17.57 29.45
C LEU E 64 -20.04 -16.92 29.95
N LEU E 65 -19.04 -16.82 29.08
CA LEU E 65 -17.83 -16.05 29.35
C LEU E 65 -18.19 -14.57 29.19
N LEU E 66 -18.24 -13.84 30.31
CA LEU E 66 -18.76 -12.49 30.34
C LEU E 66 -17.91 -11.56 29.46
N PRO E 67 -18.50 -10.44 29.00
CA PRO E 67 -17.81 -9.56 28.03
C PRO E 67 -16.57 -8.93 28.64
N SER E 68 -15.47 -8.96 27.88
CA SER E 68 -14.22 -8.35 28.33
C SER E 68 -13.41 -7.99 27.10
N PHE E 69 -12.39 -7.16 27.30
CA PHE E 69 -11.39 -6.88 26.28
C PHE E 69 -10.01 -6.88 26.92
N SER E 70 -8.99 -6.99 26.09
CA SER E 70 -7.62 -7.01 26.56
C SER E 70 -6.78 -6.04 25.73
N ASN E 71 -5.70 -5.57 26.33
CA ASN E 71 -4.68 -4.77 25.66
C ASN E 71 -3.77 -5.59 24.77
N ALA E 72 -3.86 -6.90 24.85
CA ALA E 72 -3.07 -7.69 23.93
C ALA E 72 -3.97 -8.25 22.85
N PRO E 73 -3.59 -8.22 21.57
CA PRO E 73 -4.32 -8.99 20.57
C PRO E 73 -4.24 -10.47 20.93
N GLU E 74 -5.28 -11.21 20.54
CA GLU E 74 -5.30 -12.64 20.82
C GLU E 74 -5.81 -13.42 19.63
N LEU E 75 -5.30 -14.65 19.51
CA LEU E 75 -5.87 -15.72 18.71
C LEU E 75 -6.45 -16.74 19.66
N ILE E 76 -7.72 -17.10 19.44
CA ILE E 76 -8.40 -18.08 20.28
C ILE E 76 -8.70 -19.30 19.43
N TYR E 77 -8.18 -20.45 19.84
CA TYR E 77 -8.44 -21.69 19.16
C TYR E 77 -9.51 -22.47 19.92
N VAL E 78 -10.53 -22.95 19.22
CA VAL E 78 -11.60 -23.73 19.83
C VAL E 78 -11.16 -25.19 19.85
N ILE E 79 -10.84 -25.71 21.03
CA ILE E 79 -10.30 -27.06 21.03
C ILE E 79 -11.43 -28.08 20.89
N LYS E 80 -12.52 -27.87 21.62
CA LYS E 80 -13.65 -28.77 21.61
C LYS E 80 -14.92 -27.97 21.87
N GLY E 81 -16.03 -28.47 21.34
CA GLY E 81 -17.32 -27.89 21.65
C GLY E 81 -17.82 -26.94 20.59
N ARG E 82 -18.85 -26.18 20.96
CA ARG E 82 -19.46 -25.26 20.03
C ARG E 82 -20.28 -24.22 20.81
N GLY E 83 -20.42 -23.06 20.22
CA GLY E 83 -21.18 -22.03 20.89
C GLY E 83 -21.26 -20.78 20.06
N PHE E 84 -21.34 -19.63 20.73
CA PHE E 84 -21.54 -18.36 20.06
C PHE E 84 -20.52 -17.37 20.57
N GLN E 85 -19.99 -16.56 19.66
CA GLN E 85 -19.17 -15.41 19.99
C GLN E 85 -19.82 -14.14 19.51
N GLY E 86 -19.80 -13.12 20.36
CA GLY E 86 -20.15 -11.79 19.95
C GLY E 86 -18.95 -10.88 20.14
N ALA E 87 -18.40 -10.37 19.04
CA ALA E 87 -17.37 -9.34 19.08
C ALA E 87 -18.02 -7.98 18.90
N VAL E 88 -17.63 -7.02 19.75
CA VAL E 88 -18.20 -5.67 19.72
C VAL E 88 -17.25 -4.78 18.92
N ILE E 89 -17.68 -4.38 17.73
CA ILE E 89 -16.87 -3.53 16.86
C ILE E 89 -17.22 -2.09 17.20
N PRO E 90 -16.24 -1.28 17.64
CA PRO E 90 -16.54 0.11 18.02
C PRO E 90 -17.05 0.90 16.83
N GLY E 91 -18.23 1.49 16.99
CA GLY E 91 -18.79 2.35 15.96
C GLY E 91 -19.60 1.66 14.88
N CYS E 92 -19.81 0.36 14.98
CA CYS E 92 -20.55 -0.29 13.93
C CYS E 92 -22.02 -0.45 14.29
N PRO E 93 -22.93 -0.36 13.33
CA PRO E 93 -24.36 -0.48 13.63
C PRO E 93 -24.71 -1.91 14.05
N GLU E 94 -25.84 -2.02 14.74
CA GLU E 94 -26.41 -3.30 15.12
C GLU E 94 -27.25 -3.84 13.95
N THR E 95 -26.83 -4.98 13.40
CA THR E 95 -27.47 -5.52 12.21
C THR E 95 -28.24 -6.82 12.47
N PHE E 96 -28.30 -7.30 13.70
CA PHE E 96 -29.17 -8.40 14.08
C PHE E 96 -30.31 -7.79 14.88
N GLU E 97 -31.55 -8.16 14.56
CA GLU E 97 -32.68 -7.50 15.22
C GLU E 97 -33.93 -8.37 15.12
N SER E 98 -34.86 -8.10 16.04
CA SER E 98 -36.16 -8.75 16.04
C SER E 98 -37.03 -8.19 14.93
N ASN E 99 -38.06 -8.96 14.62
CA ASN E 99 -39.18 -8.52 13.78
C ASN E 99 -40.03 -7.55 14.58
N SER E 100 -39.87 -6.25 14.31
CA SER E 100 -40.48 -5.20 15.14
C SER E 100 -42.00 -5.31 15.25
N ASN E 101 -42.67 -5.98 14.32
CA ASN E 101 -44.11 -6.12 14.41
C ASN E 101 -44.54 -7.40 15.15
N ARG E 102 -43.65 -8.00 15.93
CA ARG E 102 -43.98 -9.17 16.73
C ARG E 102 -43.91 -8.82 18.22
N GLN E 119 -38.09 -6.13 19.73
CA GLN E 119 -37.51 -6.35 21.04
C GLN E 119 -35.97 -6.31 20.98
N ASP E 120 -35.36 -7.43 20.66
CA ASP E 120 -33.91 -7.58 20.73
C ASP E 120 -33.23 -6.93 19.52
N GLN E 121 -32.00 -6.47 19.73
CA GLN E 121 -31.21 -5.77 18.71
C GLN E 121 -29.77 -5.82 19.18
N HIS E 122 -28.85 -6.32 18.35
CA HIS E 122 -27.47 -6.40 18.78
C HIS E 122 -26.57 -6.62 17.57
N GLN E 123 -25.26 -6.53 17.81
CA GLN E 123 -24.31 -6.72 16.73
C GLN E 123 -24.25 -8.20 16.34
N LYS E 124 -23.72 -8.45 15.15
CA LYS E 124 -23.74 -9.81 14.63
C LYS E 124 -23.06 -10.79 15.58
N VAL E 125 -23.61 -12.02 15.66
CA VAL E 125 -23.00 -13.11 16.42
C VAL E 125 -22.66 -14.24 15.47
N ARG E 126 -21.64 -15.00 15.83
CA ARG E 126 -21.03 -16.03 15.00
C ARG E 126 -21.09 -17.34 15.76
N GLN E 127 -21.54 -18.40 15.08
CA GLN E 127 -21.34 -19.74 15.60
C GLN E 127 -19.84 -20.08 15.58
N ILE E 128 -19.35 -20.66 16.67
CA ILE E 128 -17.97 -21.12 16.73
C ILE E 128 -17.98 -22.60 17.05
N ARG E 129 -16.94 -23.31 16.64
CA ARG E 129 -16.92 -24.76 16.82
C ARG E 129 -15.48 -25.27 16.80
N GLU E 130 -15.31 -26.53 17.17
CA GLU E 130 -13.98 -27.15 17.16
C GLU E 130 -13.22 -26.82 15.88
N GLY E 131 -11.96 -26.41 16.04
CA GLY E 131 -11.08 -26.07 14.94
C GLY E 131 -11.06 -24.60 14.57
N ASP E 132 -12.01 -23.81 15.06
CA ASP E 132 -12.08 -22.40 14.70
C ASP E 132 -10.93 -21.64 15.36
N ILE E 133 -10.29 -20.75 14.61
CA ILE E 133 -9.45 -19.70 15.16
C ILE E 133 -10.28 -18.42 15.20
N LEU E 134 -10.28 -17.73 16.34
CA LEU E 134 -10.93 -16.44 16.47
C LEU E 134 -9.86 -15.38 16.71
N ALA E 135 -9.86 -14.34 15.89
CA ALA E 135 -8.87 -13.27 16.01
C ALA E 135 -9.52 -12.05 16.63
N LEU E 136 -8.91 -11.50 17.67
CA LEU E 136 -9.46 -10.36 18.39
C LEU E 136 -8.45 -9.23 18.52
N PRO E 137 -8.64 -8.12 17.83
CA PRO E 137 -7.74 -6.97 17.97
C PRO E 137 -7.63 -6.49 19.41
N ALA E 138 -6.52 -5.84 19.73
CA ALA E 138 -6.38 -5.22 21.03
C ALA E 138 -7.54 -4.27 21.26
N GLY E 139 -8.10 -4.34 22.47
CA GLY E 139 -9.13 -3.42 22.91
C GLY E 139 -10.55 -3.76 22.50
N GLN E 140 -10.76 -4.86 21.79
CA GLN E 140 -12.11 -5.19 21.33
C GLN E 140 -12.80 -6.09 22.34
N ALA E 141 -14.00 -5.70 22.76
CA ALA E 141 -14.74 -6.54 23.69
C ALA E 141 -15.33 -7.76 22.98
N HIS E 142 -15.44 -8.86 23.70
CA HIS E 142 -16.15 -10.02 23.19
C HIS E 142 -16.65 -10.83 24.36
N TRP E 143 -17.69 -11.63 24.10
CA TRP E 143 -18.24 -12.60 25.03
C TRP E 143 -18.41 -13.91 24.26
N ILE E 144 -18.46 -15.02 25.00
CA ILE E 144 -18.65 -16.34 24.42
C ILE E 144 -19.66 -17.13 25.24
N TYR E 145 -20.56 -17.83 24.55
CA TYR E 145 -21.57 -18.65 25.18
C TYR E 145 -21.48 -20.09 24.68
N ASN E 146 -21.49 -21.04 25.62
CA ASN E 146 -21.46 -22.46 25.27
C ASN E 146 -22.88 -22.92 24.94
N ASP E 147 -23.12 -23.23 23.66
CA ASP E 147 -24.45 -23.62 23.17
C ASP E 147 -24.60 -25.12 23.03
N GLY E 148 -23.55 -25.88 23.31
CA GLY E 148 -23.55 -27.30 23.08
C GLY E 148 -23.98 -28.07 24.29
N ASP E 149 -23.70 -29.38 24.25
CA ASP E 149 -24.12 -30.35 25.23
C ASP E 149 -23.09 -30.56 26.32
N SER E 150 -21.81 -30.35 26.00
CA SER E 150 -20.73 -30.61 26.92
C SER E 150 -19.76 -29.43 26.88
N GLN E 151 -18.58 -29.64 27.43
CA GLN E 151 -17.60 -28.57 27.61
C GLN E 151 -17.25 -27.88 26.30
N LEU E 152 -17.12 -26.56 26.36
CA LEU E 152 -16.48 -25.77 25.30
C LEU E 152 -15.10 -25.37 25.83
N VAL E 153 -14.05 -25.77 25.12
CA VAL E 153 -12.68 -25.54 25.56
C VAL E 153 -12.01 -24.58 24.58
N ASN E 154 -11.47 -23.48 25.10
CA ASN E 154 -10.75 -22.47 24.33
C ASN E 154 -9.28 -22.44 24.75
N VAL E 155 -8.38 -22.28 23.80
CA VAL E 155 -6.99 -21.96 24.13
C VAL E 155 -6.65 -20.67 23.41
N THR E 156 -6.24 -19.66 24.20
CA THR E 156 -5.99 -18.31 23.72
C THR E 156 -4.52 -17.94 23.83
N LEU E 157 -4.00 -17.36 22.77
CA LEU E 157 -2.67 -16.79 22.73
C LEU E 157 -2.83 -15.29 22.88
N LEU E 158 -2.27 -14.74 23.95
CA LEU E 158 -2.29 -13.30 24.18
C LEU E 158 -0.94 -12.75 23.78
N ASP E 159 -0.90 -11.97 22.70
CA ASP E 159 0.37 -11.48 22.15
C ASP E 159 0.75 -10.15 22.82
N THR E 160 1.44 -10.26 23.95
CA THR E 160 1.73 -9.08 24.75
C THR E 160 2.86 -8.25 24.17
N SER E 161 3.69 -8.82 23.30
CA SER E 161 4.73 -8.05 22.65
C SER E 161 4.27 -7.47 21.31
N ASN E 162 3.01 -7.64 20.96
CA ASN E 162 2.47 -7.07 19.73
C ASN E 162 2.56 -5.54 19.76
N ALA E 163 2.77 -4.95 18.57
CA ALA E 163 2.85 -3.48 18.47
C ALA E 163 1.56 -2.83 18.94
N ALA E 164 0.44 -3.53 18.83
CA ALA E 164 -0.85 -2.96 19.22
C ALA E 164 -1.02 -2.88 20.73
N ASN E 165 -0.18 -3.56 21.50
CA ASN E 165 -0.20 -3.48 22.96
C ASN E 165 0.75 -2.38 23.40
N GLN E 166 0.21 -1.22 23.75
CA GLN E 166 1.04 -0.10 24.14
C GLN E 166 1.24 0.00 25.63
N LEU E 167 0.70 -0.95 26.39
CA LEU E 167 0.88 -0.95 27.83
C LEU E 167 2.21 -1.61 28.19
N ASP E 168 2.19 -2.82 28.73
CA ASP E 168 3.43 -3.54 29.07
C ASP E 168 3.17 -5.05 28.91
N GLU E 169 4.05 -5.87 29.46
CA GLU E 169 3.98 -7.31 29.21
C GLU E 169 2.77 -7.97 29.85
N ASN E 170 2.04 -7.26 30.71
CA ASN E 170 0.90 -7.84 31.42
C ASN E 170 -0.32 -7.90 30.52
N PRO E 171 -0.87 -9.09 30.26
CA PRO E 171 -2.11 -9.15 29.47
C PRO E 171 -3.33 -8.92 30.35
N ARG E 172 -3.87 -7.71 30.34
CA ARG E 172 -4.95 -7.38 31.23
C ARG E 172 -6.29 -7.77 30.63
N LYS E 173 -7.23 -8.10 31.51
CA LYS E 173 -8.61 -8.39 31.14
CA LYS E 173 -8.61 -8.38 31.13
C LYS E 173 -9.51 -7.32 31.76
N PHE E 174 -10.16 -6.50 30.93
CA PHE E 174 -11.09 -5.47 31.37
C PHE E 174 -12.51 -6.00 31.18
N TYR E 175 -13.18 -6.28 32.29
CA TYR E 175 -14.49 -6.91 32.25
C TYR E 175 -15.59 -5.86 32.28
N LEU E 176 -16.50 -5.93 31.31
CA LEU E 176 -17.68 -5.06 31.30
C LEU E 176 -18.76 -5.51 32.27
N ALA E 177 -18.66 -6.72 32.82
CA ALA E 177 -19.71 -7.24 33.69
C ALA E 177 -19.12 -8.21 34.70
N GLY E 178 -19.94 -8.55 35.70
CA GLY E 178 -19.56 -9.53 36.71
C GLY E 178 -18.51 -9.01 37.68
N ASN E 179 -17.92 -9.95 38.41
CA ASN E 179 -16.95 -9.65 39.47
C ASN E 179 -15.84 -10.68 39.34
N PRO E 180 -14.97 -10.52 38.34
CA PRO E 180 -13.95 -11.55 38.10
C PRO E 180 -13.04 -11.83 39.29
N ASP E 181 -12.84 -10.86 40.18
CA ASP E 181 -11.83 -11.02 41.22
C ASP E 181 -12.27 -11.94 42.35
N ASP E 182 -13.54 -12.31 42.47
CA ASP E 182 -13.92 -13.22 43.53
C ASP E 182 -13.75 -14.68 43.08
N GLY E 215 -16.34 -4.05 43.99
CA GLY E 215 -16.45 -4.68 42.69
C GLY E 215 -15.14 -4.70 41.92
N THR E 216 -15.15 -5.33 40.74
CA THR E 216 -13.92 -5.41 39.95
C THR E 216 -14.12 -5.37 38.43
N ASN E 217 -15.31 -5.02 37.93
CA ASN E 217 -15.46 -4.73 36.52
C ASN E 217 -15.20 -3.24 36.29
N ILE E 218 -15.17 -2.83 35.01
CA ILE E 218 -14.87 -1.45 34.67
CA ILE E 218 -14.82 -1.45 34.75
C ILE E 218 -15.88 -0.48 35.28
N PHE E 219 -17.13 -0.93 35.45
CA PHE E 219 -18.12 -0.03 36.02
C PHE E 219 -17.94 0.16 37.52
N SER E 220 -17.27 -0.77 38.19
CA SER E 220 -17.06 -0.67 39.63
C SER E 220 -16.32 0.59 40.01
N GLY E 221 -15.42 1.05 39.15
CA GLY E 221 -14.58 2.20 39.46
C GLY E 221 -15.21 3.54 39.26
N PHE E 222 -16.40 3.62 38.65
CA PHE E 222 -17.08 4.88 38.43
C PHE E 222 -18.07 5.17 39.55
N ASP E 223 -18.32 6.47 39.78
CA ASP E 223 -19.37 6.85 40.72
C ASP E 223 -20.74 6.48 40.16
N GLN E 224 -21.63 5.97 41.02
CA GLN E 224 -22.95 5.56 40.56
C GLN E 224 -23.68 6.72 39.90
N GLU E 225 -23.39 7.96 40.34
CA GLU E 225 -24.07 9.12 39.79
C GLU E 225 -23.60 9.41 38.38
N THR E 226 -22.31 9.22 38.11
CA THR E 226 -21.85 9.32 36.72
C THR E 226 -22.49 8.22 35.87
N LEU E 227 -22.60 7.01 36.42
CA LEU E 227 -23.22 5.91 35.67
C LEU E 227 -24.69 6.20 35.40
N ALA E 228 -25.42 6.65 36.44
CA ALA E 228 -26.83 6.93 36.28
C ALA E 228 -27.05 7.97 35.19
N ASP E 229 -26.27 9.06 35.22
CA ASP E 229 -26.38 10.10 34.20
C ASP E 229 -25.97 9.58 32.84
N SER E 230 -24.89 8.81 32.77
CA SER E 230 -24.38 8.33 31.47
C SER E 230 -25.42 7.47 30.76
N PHE E 231 -26.02 6.52 31.47
CA PHE E 231 -27.01 5.65 30.87
C PHE E 231 -28.42 6.19 30.96
N ASN E 232 -28.64 7.23 31.77
CA ASN E 232 -29.95 7.84 31.91
C ASN E 232 -30.95 6.89 32.57
N VAL E 233 -30.54 6.30 33.69
CA VAL E 233 -31.34 5.29 34.36
C VAL E 233 -31.38 5.59 35.85
N ASP E 234 -32.29 4.93 36.56
CA ASP E 234 -32.43 5.14 37.98
C ASP E 234 -31.17 4.67 38.71
N VAL E 235 -30.89 5.31 39.86
CA VAL E 235 -29.63 5.07 40.55
C VAL E 235 -29.49 3.61 40.96
N ASP E 236 -30.60 2.97 41.35
CA ASP E 236 -30.51 1.56 41.74
C ASP E 236 -30.13 0.68 40.57
N LEU E 237 -30.62 1.00 39.37
CA LEU E 237 -30.21 0.25 38.19
C LEU E 237 -28.75 0.52 37.84
N ALA E 238 -28.27 1.75 38.06
CA ALA E 238 -26.87 2.06 37.77
C ALA E 238 -25.93 1.34 38.73
N ARG E 239 -26.37 1.13 39.98
CA ARG E 239 -25.57 0.37 40.94
C ARG E 239 -25.36 -1.07 40.49
N ARG E 240 -26.39 -1.70 39.90
CA ARG E 240 -26.24 -3.07 39.44
CA ARG E 240 -26.25 -3.07 39.44
C ARG E 240 -25.11 -3.25 38.44
N LEU E 241 -24.70 -2.18 37.74
CA LEU E 241 -23.61 -2.29 36.78
C LEU E 241 -22.29 -2.66 37.47
N GLN E 242 -22.15 -2.28 38.74
CA GLN E 242 -20.88 -2.50 39.43
C GLN E 242 -20.74 -3.91 39.96
N SER E 243 -21.81 -4.72 39.92
CA SER E 243 -21.72 -6.16 40.20
C SER E 243 -21.10 -6.43 41.56
N ASN E 244 -21.37 -5.56 42.53
CA ASN E 244 -20.62 -5.59 43.78
C ASN E 244 -20.87 -6.88 44.54
N GLN E 245 -22.09 -7.42 44.46
CA GLN E 245 -22.42 -8.62 45.20
C GLN E 245 -22.46 -9.87 44.32
N ASP E 246 -22.08 -9.75 43.05
CA ASP E 246 -21.94 -10.92 42.17
C ASP E 246 -20.75 -11.76 42.60
N LYS E 247 -20.99 -13.04 42.92
CA LYS E 247 -19.94 -13.94 43.38
C LYS E 247 -19.66 -15.08 42.38
N ARG E 248 -20.06 -14.93 41.12
CA ARG E 248 -20.05 -16.03 40.17
C ARG E 248 -18.78 -16.10 39.32
N GLY E 249 -17.95 -15.03 39.32
CA GLY E 249 -16.73 -15.05 38.54
C GLY E 249 -16.93 -14.68 37.08
N LYS E 250 -15.94 -15.05 36.27
CA LYS E 250 -15.88 -14.61 34.87
C LYS E 250 -16.81 -15.41 33.97
N ILE E 251 -17.13 -16.65 34.35
CA ILE E 251 -17.97 -17.56 33.56
C ILE E 251 -19.16 -17.97 34.42
N VAL E 252 -20.38 -17.69 33.94
CA VAL E 252 -21.59 -17.86 34.73
C VAL E 252 -22.59 -18.73 33.97
N LYS E 253 -23.47 -19.40 34.74
CA LYS E 253 -24.55 -20.16 34.14
CA LYS E 253 -24.58 -20.16 34.16
C LYS E 253 -25.69 -19.22 33.73
N VAL E 254 -26.15 -19.35 32.48
CA VAL E 254 -27.27 -18.54 32.06
C VAL E 254 -28.56 -19.08 32.68
N GLU E 255 -29.57 -18.23 32.74
CA GLU E 255 -30.90 -18.70 33.10
C GLU E 255 -31.50 -19.51 31.95
N GLN E 256 -31.83 -20.77 32.20
CA GLN E 256 -32.53 -21.55 31.19
C GLN E 256 -31.62 -21.77 29.99
N ARG E 257 -31.93 -21.10 28.87
CA ARG E 257 -31.07 -21.07 27.71
C ARG E 257 -30.80 -19.61 27.36
N LEU E 258 -29.68 -19.34 26.70
CA LEU E 258 -29.37 -17.97 26.31
C LEU E 258 -30.22 -17.55 25.11
N GLN E 259 -30.92 -16.43 25.24
CA GLN E 259 -31.73 -15.92 24.16
C GLN E 259 -30.86 -14.98 23.32
N ILE E 260 -30.83 -15.23 22.00
CA ILE E 260 -29.82 -14.67 21.10
C ILE E 260 -30.49 -14.59 19.74
N LEU E 261 -30.12 -13.58 18.96
CA LEU E 261 -30.59 -13.50 17.58
C LEU E 261 -29.56 -14.17 16.67
N ILE E 262 -29.97 -15.24 16.01
CA ILE E 262 -29.12 -15.85 14.98
C ILE E 262 -30.00 -16.67 14.03
N PRO E 263 -29.68 -16.73 12.74
CA PRO E 263 -30.50 -17.52 11.82
C PRO E 263 -30.43 -19.02 12.13
N GLU E 264 -31.58 -19.69 12.01
CA GLU E 264 -31.65 -21.16 12.03
C GLU E 264 -32.42 -21.69 10.83
N PHE E 300 -7.28 -2.93 11.64
CA PHE E 300 -7.29 -1.48 11.49
C PHE E 300 -8.70 -0.96 11.21
N GLU E 301 -8.93 0.31 11.58
CA GLU E 301 -10.20 0.99 11.30
C GLU E 301 -10.59 0.89 9.83
N GLU E 302 -9.65 0.55 8.94
CA GLU E 302 -9.97 0.47 7.51
C GLU E 302 -11.02 -0.61 7.24
N THR E 303 -11.10 -1.62 8.11
CA THR E 303 -12.13 -2.65 7.98
C THR E 303 -13.31 -2.25 8.86
N ILE E 304 -14.15 -1.36 8.32
CA ILE E 304 -15.35 -0.95 9.02
C ILE E 304 -16.36 -2.08 9.04
N CYS E 305 -16.41 -2.83 10.15
CA CYS E 305 -17.63 -3.56 10.48
C CYS E 305 -17.80 -4.85 9.67
N SER E 306 -17.07 -5.01 8.58
CA SER E 306 -17.31 -6.10 7.65
C SER E 306 -16.23 -7.19 7.67
N LEU E 307 -15.28 -7.15 8.60
CA LEU E 307 -14.16 -8.09 8.54
C LEU E 307 -14.47 -9.42 9.19
N ARG E 308 -14.03 -10.50 8.54
CA ARG E 308 -14.08 -11.83 9.13
C ARG E 308 -13.11 -11.92 10.29
N LEU E 309 -13.61 -12.46 11.40
CA LEU E 309 -12.80 -12.66 12.61
C LEU E 309 -12.52 -14.13 12.89
N MET E 310 -13.11 -15.05 12.11
CA MET E 310 -12.96 -16.46 12.40
C MET E 310 -12.67 -17.25 11.13
N GLU E 311 -11.97 -18.37 11.30
CA GLU E 311 -11.76 -19.32 10.22
C GLU E 311 -11.35 -20.65 10.84
N ASN E 312 -11.83 -21.75 10.25
CA ASN E 312 -11.60 -23.07 10.81
C ASN E 312 -10.34 -23.66 10.22
N ILE E 313 -9.39 -24.04 11.08
CA ILE E 313 -8.10 -24.57 10.63
C ILE E 313 -8.00 -26.06 10.82
N ALA E 314 -9.01 -26.69 11.42
CA ALA E 314 -8.98 -28.13 11.59
C ALA E 314 -9.70 -28.87 10.48
N ASN E 315 -10.64 -28.22 9.81
CA ASN E 315 -11.39 -28.81 8.71
C ASN E 315 -10.41 -29.45 7.71
N PRO E 316 -10.48 -30.76 7.47
CA PRO E 316 -9.52 -31.38 6.53
C PRO E 316 -9.73 -30.97 5.09
N ARG E 317 -10.85 -30.35 4.75
CA ARG E 317 -11.03 -29.85 3.41
C ARG E 317 -10.17 -28.63 3.12
N ASN E 318 -9.53 -28.08 4.16
CA ASN E 318 -8.72 -26.87 4.07
C ASN E 318 -7.24 -27.16 4.06
N ALA E 319 -6.85 -28.44 4.09
CA ALA E 319 -5.44 -28.79 4.27
C ALA E 319 -4.59 -28.17 3.19
N ASP E 320 -3.42 -27.66 3.59
CA ASP E 320 -2.42 -27.11 2.66
C ASP E 320 -1.40 -28.16 2.26
N ILE E 321 -1.14 -29.12 3.14
CA ILE E 321 -0.18 -30.20 2.94
C ILE E 321 -0.86 -31.48 3.37
N TYR E 322 -0.78 -32.54 2.55
CA TYR E 322 -1.41 -33.80 2.89
C TYR E 322 -0.60 -34.97 2.34
N ASN E 323 -0.30 -35.93 3.22
CA ASN E 323 0.35 -37.19 2.87
C ASN E 323 -0.37 -38.31 3.62
N PRO E 324 -1.03 -39.23 2.92
CA PRO E 324 -1.88 -40.24 3.59
C PRO E 324 -1.19 -41.04 4.70
N GLN E 325 0.14 -41.10 4.69
CA GLN E 325 0.86 -41.83 5.73
C GLN E 325 1.78 -40.89 6.52
N GLY E 326 1.62 -39.58 6.35
CA GLY E 326 2.38 -38.61 7.11
C GLY E 326 1.49 -37.73 7.98
N GLY E 327 0.50 -37.09 7.38
CA GLY E 327 -0.42 -36.24 8.13
C GLY E 327 -0.87 -35.06 7.28
N ARG E 328 -1.25 -33.98 7.95
CA ARG E 328 -1.70 -32.81 7.21
C ARG E 328 -1.40 -31.56 8.01
N ILE E 329 -1.15 -30.48 7.31
CA ILE E 329 -0.90 -29.19 7.93
CA ILE E 329 -0.90 -29.19 7.93
C ILE E 329 -1.79 -28.17 7.26
N SER E 330 -2.28 -27.21 8.04
N SER E 330 -2.28 -27.23 8.05
CA SER E 330 -3.06 -26.11 7.51
CA SER E 330 -3.06 -26.10 7.57
C SER E 330 -2.58 -24.84 8.19
C SER E 330 -2.50 -24.85 8.21
N THR E 331 -2.17 -23.85 7.40
CA THR E 331 -1.70 -22.57 7.91
C THR E 331 -2.78 -21.49 7.80
N LEU E 332 -2.75 -20.56 8.75
CA LEU E 332 -3.68 -19.45 8.79
C LEU E 332 -2.87 -18.17 8.85
N ASN E 333 -2.98 -17.35 7.82
CA ASN E 333 -2.21 -16.10 7.71
C ASN E 333 -3.07 -15.10 6.94
N SER E 334 -2.52 -13.91 6.69
CA SER E 334 -3.33 -12.85 6.10
C SER E 334 -3.80 -13.18 4.68
N ASN E 335 -3.24 -14.20 4.05
CA ASN E 335 -3.68 -14.64 2.74
C ASN E 335 -4.94 -15.50 2.82
N ILE E 336 -5.36 -15.81 4.05
CA ILE E 336 -6.58 -16.54 4.31
C ILE E 336 -7.58 -15.69 5.08
N LEU E 337 -7.09 -14.89 6.03
CA LEU E 337 -7.96 -14.15 6.95
C LEU E 337 -7.40 -12.73 7.01
N PRO E 338 -8.01 -11.78 6.32
CA PRO E 338 -7.38 -10.45 6.15
C PRO E 338 -6.98 -9.74 7.44
N VAL E 339 -7.73 -9.92 8.54
CA VAL E 339 -7.45 -9.17 9.76
C VAL E 339 -6.08 -9.50 10.31
N LEU E 340 -5.53 -10.67 9.97
CA LEU E 340 -4.24 -11.07 10.51
C LEU E 340 -3.09 -10.20 10.00
N ARG E 341 -3.30 -9.49 8.89
CA ARG E 341 -2.25 -8.57 8.47
C ARG E 341 -2.12 -7.39 9.43
N TYR E 342 -3.22 -7.04 10.11
CA TYR E 342 -3.13 -5.99 11.11
C TYR E 342 -2.66 -6.49 12.48
N LEU E 343 -3.06 -7.71 12.87
CA LEU E 343 -2.62 -8.30 14.14
C LEU E 343 -1.19 -8.84 14.10
N GLN E 344 -0.62 -9.06 12.91
CA GLN E 344 0.73 -9.59 12.80
C GLN E 344 0.86 -10.95 13.48
N LEU E 345 -0.14 -11.81 13.27
CA LEU E 345 -0.13 -13.16 13.86
C LEU E 345 -0.51 -14.18 12.80
N SER E 346 -0.01 -15.41 12.99
CA SER E 346 -0.32 -16.55 12.15
C SER E 346 -0.65 -17.74 13.06
N ALA E 347 -1.23 -18.78 12.46
CA ALA E 347 -1.49 -20.03 13.17
C ALA E 347 -1.23 -21.19 12.22
N GLU E 348 -0.87 -22.35 12.77
CA GLU E 348 -0.80 -23.57 11.99
C GLU E 348 -1.49 -24.71 12.72
N ARG E 349 -2.20 -25.55 11.98
CA ARG E 349 -2.85 -26.72 12.57
C ARG E 349 -2.19 -27.95 11.99
N GLY E 350 -1.64 -28.81 12.85
CA GLY E 350 -0.90 -29.98 12.40
C GLY E 350 -1.51 -31.28 12.87
N THR E 351 -1.51 -32.28 11.99
CA THR E 351 -1.79 -33.67 12.34
C THR E 351 -0.69 -34.53 11.75
N LEU E 352 0.01 -35.25 12.62
CA LEU E 352 0.96 -36.28 12.17
C LEU E 352 0.29 -37.62 12.42
N TYR E 353 0.37 -38.52 11.45
CA TYR E 353 -0.11 -39.87 11.62
C TYR E 353 0.94 -40.68 12.39
N ARG E 354 0.62 -41.94 12.65
CA ARG E 354 1.46 -42.71 13.56
C ARG E 354 2.88 -42.85 13.02
N GLU E 355 3.86 -42.58 13.88
CA GLU E 355 5.30 -42.63 13.59
C GLU E 355 5.75 -41.65 12.53
N ALA E 356 4.94 -40.67 12.16
CA ALA E 356 5.35 -39.77 11.09
C ALA E 356 6.23 -38.65 11.64
N ILE E 357 6.96 -38.00 10.73
CA ILE E 357 7.95 -36.99 11.07
C ILE E 357 7.52 -35.65 10.45
N GLN E 358 7.60 -34.56 11.22
CA GLN E 358 7.57 -33.24 10.61
C GLN E 358 9.01 -32.83 10.33
N ALA E 359 9.30 -32.52 9.08
CA ALA E 359 10.66 -32.34 8.65
C ALA E 359 11.40 -31.39 9.59
N PRO E 360 12.67 -31.63 9.89
CA PRO E 360 13.45 -30.60 10.58
C PRO E 360 13.37 -29.28 9.81
N HIS E 361 13.17 -28.20 10.57
CA HIS E 361 12.97 -26.91 9.95
C HIS E 361 13.27 -25.84 10.98
N TYR E 362 13.28 -24.60 10.52
CA TYR E 362 13.20 -23.48 11.44
C TYR E 362 12.21 -22.48 10.91
N ASN E 363 11.70 -21.67 11.83
CA ASN E 363 10.76 -20.60 11.51
C ASN E 363 11.57 -19.35 11.19
N LEU E 364 11.38 -18.85 9.99
CA LEU E 364 12.29 -17.85 9.47
C LEU E 364 12.04 -16.49 10.11
N ASN E 365 10.78 -16.15 10.36
CA ASN E 365 10.40 -14.79 10.70
C ASN E 365 9.48 -14.72 11.91
N SER E 366 9.48 -15.73 12.77
CA SER E 366 8.57 -15.70 13.92
C SER E 366 8.98 -16.74 14.96
N HIS E 367 8.52 -16.51 16.19
CA HIS E 367 8.47 -17.55 17.21
C HIS E 367 7.26 -18.45 16.94
N SER E 368 7.34 -19.70 17.38
CA SER E 368 6.19 -20.58 17.27
C SER E 368 5.84 -21.14 18.64
N VAL E 369 4.59 -21.00 19.05
CA VAL E 369 4.11 -21.50 20.34
C VAL E 369 3.24 -22.73 20.06
N ILE E 370 3.75 -23.93 20.40
CA ILE E 370 3.07 -25.20 20.12
C ILE E 370 2.19 -25.59 21.30
N PHE E 371 0.93 -25.92 21.02
CA PHE E 371 0.02 -26.46 22.02
C PHE E 371 -0.46 -27.82 21.56
N ALA E 372 -0.20 -28.86 22.36
CA ALA E 372 -0.54 -30.22 21.96
C ALA E 372 -2.02 -30.50 22.23
N ILE E 373 -2.74 -30.83 21.17
CA ILE E 373 -4.18 -31.08 21.26
C ILE E 373 -4.44 -32.51 21.70
N ARG E 374 -3.85 -33.47 20.99
CA ARG E 374 -4.01 -34.88 21.29
C ARG E 374 -2.78 -35.65 20.85
N GLY E 375 -2.70 -36.89 21.33
CA GLY E 375 -1.60 -37.78 21.02
C GLY E 375 -0.29 -37.39 21.71
N ASN E 376 0.82 -37.77 21.08
CA ASN E 376 2.09 -37.38 21.67
C ASN E 376 3.18 -37.42 20.61
N GLY E 377 4.20 -36.62 20.82
CA GLY E 377 5.24 -36.51 19.83
C GLY E 377 6.58 -36.20 20.47
N ARG E 378 7.62 -36.85 20.00
CA ARG E 378 8.97 -36.51 20.38
C ARG E 378 9.40 -35.27 19.62
N ILE E 379 9.90 -34.26 20.31
CA ILE E 379 10.33 -33.03 19.67
C ILE E 379 11.77 -32.74 20.06
N GLN E 380 12.53 -32.18 19.13
CA GLN E 380 13.91 -31.79 19.41
C GLN E 380 14.07 -30.35 18.95
N VAL E 381 14.70 -29.52 19.79
CA VAL E 381 15.00 -28.13 19.43
C VAL E 381 16.47 -27.83 19.67
N VAL E 382 17.07 -27.08 18.75
CA VAL E 382 18.50 -26.80 18.70
C VAL E 382 18.70 -25.29 18.53
N LYS E 383 19.57 -24.70 19.37
CA LYS E 383 19.80 -23.26 19.38
C LYS E 383 21.01 -22.88 18.51
N ASP E 384 21.33 -21.57 18.49
CA ASP E 384 22.25 -21.03 17.49
C ASP E 384 23.59 -21.74 17.47
N ASN E 385 24.09 -22.17 18.62
CA ASN E 385 25.42 -22.77 18.66
C ASN E 385 25.40 -24.27 18.46
N GLY E 386 24.26 -24.82 18.04
CA GLY E 386 24.17 -26.25 17.83
C GLY E 386 23.81 -27.07 19.06
N GLN E 387 23.58 -26.41 20.20
CA GLN E 387 23.20 -27.13 21.40
C GLN E 387 21.72 -27.53 21.38
N ASN E 388 21.44 -28.80 21.67
CA ASN E 388 20.07 -29.23 21.91
C ASN E 388 19.57 -28.60 23.21
N ILE E 389 18.44 -27.92 23.16
CA ILE E 389 17.82 -27.33 24.34
C ILE E 389 16.49 -27.98 24.69
N PHE E 390 16.03 -28.96 23.91
CA PHE E 390 14.87 -29.76 24.29
C PHE E 390 14.98 -31.09 23.56
N ASP E 391 14.84 -32.18 24.30
CA ASP E 391 14.87 -33.54 23.73
C ASP E 391 13.88 -34.35 24.54
N GLY E 392 12.60 -34.17 24.26
CA GLY E 392 11.59 -34.87 25.01
C GLY E 392 10.28 -35.00 24.27
N GLU E 393 9.21 -35.18 25.06
CA GLU E 393 7.89 -35.50 24.58
C GLU E 393 6.95 -34.33 24.83
N LEU E 394 6.00 -34.15 23.92
CA LEU E 394 4.88 -33.25 24.13
C LEU E 394 3.59 -34.08 24.15
N ARG E 395 2.77 -33.89 25.17
CA ARG E 395 1.54 -34.66 25.36
C ARG E 395 0.37 -33.69 25.47
N GLN E 396 -0.84 -34.25 25.33
CA GLN E 396 -2.09 -33.49 25.44
C GLN E 396 -2.00 -32.43 26.53
N GLY E 397 -2.37 -31.20 26.18
CA GLY E 397 -2.49 -30.12 27.13
C GLY E 397 -1.21 -29.42 27.50
N GLN E 398 -0.09 -29.74 26.85
CA GLN E 398 1.20 -29.14 27.12
C GLN E 398 1.57 -28.18 26.00
N ALA E 399 2.41 -27.20 26.33
CA ALA E 399 2.83 -26.16 25.39
C ALA E 399 4.35 -26.13 25.29
N LEU E 400 4.86 -25.76 24.11
CA LEU E 400 6.29 -25.63 23.86
C LEU E 400 6.54 -24.46 22.92
N THR E 401 7.49 -23.59 23.28
CA THR E 401 7.83 -22.43 22.49
CA THR E 401 7.84 -22.42 22.48
C THR E 401 9.09 -22.70 21.67
N ILE E 402 9.05 -22.40 20.37
CA ILE E 402 10.20 -22.56 19.51
C ILE E 402 10.64 -21.15 19.09
N PRO E 403 11.73 -20.62 19.64
CA PRO E 403 12.15 -19.27 19.28
C PRO E 403 12.50 -19.18 17.80
N GLN E 404 12.40 -17.97 17.29
CA GLN E 404 12.69 -17.71 15.88
C GLN E 404 14.05 -18.30 15.48
N ASN E 405 14.08 -19.01 14.35
CA ASN E 405 15.31 -19.55 13.78
C ASN E 405 15.89 -20.74 14.54
N PHE E 406 15.37 -21.09 15.71
CA PHE E 406 15.83 -22.32 16.33
C PHE E 406 15.34 -23.48 15.46
N ALA E 407 16.18 -24.51 15.34
CA ALA E 407 15.84 -25.68 14.53
C ALA E 407 15.03 -26.70 15.33
N VAL E 408 14.05 -27.33 14.68
CA VAL E 408 13.11 -28.22 15.36
C VAL E 408 12.74 -29.39 14.44
N ILE E 409 12.48 -30.52 15.06
CA ILE E 409 12.02 -31.72 14.38
C ILE E 409 10.98 -32.37 15.30
N LYS E 410 9.96 -33.00 14.71
CA LYS E 410 8.97 -33.71 15.51
C LYS E 410 8.74 -35.07 14.90
N ARG E 411 8.55 -36.08 15.73
CA ARG E 411 8.09 -37.36 15.22
C ARG E 411 6.98 -37.88 16.13
N ALA E 412 5.82 -38.14 15.54
CA ALA E 412 4.66 -38.65 16.27
C ALA E 412 4.97 -39.97 16.95
N GLY E 413 4.28 -40.23 18.06
CA GLY E 413 4.24 -41.56 18.62
C GLY E 413 3.35 -42.48 17.81
N SER E 414 3.10 -43.66 18.39
CA SER E 414 2.41 -44.72 17.67
C SER E 414 0.93 -44.46 17.48
N GLU E 415 0.38 -43.41 18.07
CA GLU E 415 -1.01 -43.01 17.84
C GLU E 415 -1.11 -41.67 17.12
N GLY E 416 0.00 -41.07 16.75
CA GLY E 416 -0.02 -39.81 16.05
C GLY E 416 0.02 -38.65 17.01
N PHE E 417 -0.07 -37.45 16.46
CA PHE E 417 0.16 -36.26 17.25
C PHE E 417 -0.54 -35.10 16.57
N GLU E 418 -1.31 -34.31 17.34
CA GLU E 418 -2.00 -33.15 16.80
C GLU E 418 -1.70 -31.93 17.65
N TRP E 419 -1.48 -30.81 16.98
CA TRP E 419 -1.15 -29.56 17.66
C TRP E 419 -1.76 -28.38 16.90
N VAL E 420 -1.87 -27.26 17.61
CA VAL E 420 -1.99 -25.95 16.97
C VAL E 420 -0.75 -25.16 17.39
N ALA E 421 -0.19 -24.41 16.46
CA ALA E 421 0.94 -23.52 16.75
C ALA E 421 0.52 -22.09 16.43
N PHE E 422 0.75 -21.19 17.39
CA PHE E 422 0.57 -19.76 17.16
C PHE E 422 1.91 -19.13 16.83
N LYS E 423 1.95 -18.26 15.82
CA LYS E 423 3.21 -17.72 15.32
C LYS E 423 3.18 -16.20 15.35
N THR E 424 4.25 -15.60 15.87
CA THR E 424 4.29 -14.17 16.17
C THR E 424 4.64 -13.32 14.96
N ASN E 425 4.02 -13.60 13.82
CA ASN E 425 4.13 -12.66 12.71
C ASN E 425 3.02 -12.96 11.74
N ASP E 426 2.72 -11.98 10.90
CA ASP E 426 1.91 -12.27 9.75
C ASP E 426 2.74 -13.07 8.74
N ASN E 427 2.06 -13.97 8.02
CA ASN E 427 2.72 -14.79 7.01
C ASN E 427 4.00 -15.41 7.55
N ALA E 428 3.86 -16.18 8.62
CA ALA E 428 4.97 -16.98 9.12
C ALA E 428 5.39 -18.00 8.07
N GLN E 429 6.69 -18.25 8.03
CA GLN E 429 7.34 -18.93 6.93
C GLN E 429 8.29 -19.94 7.56
N ARG E 430 8.22 -21.21 7.15
CA ARG E 430 9.18 -22.18 7.61
CA ARG E 430 9.15 -22.24 7.59
C ARG E 430 10.19 -22.51 6.52
N LEU E 431 11.42 -22.77 6.94
CA LEU E 431 12.45 -23.23 6.03
C LEU E 431 12.78 -24.66 6.39
N PRO E 432 12.26 -25.65 5.66
CA PRO E 432 12.63 -27.02 5.95
C PRO E 432 14.11 -27.23 5.66
N LEU E 433 14.70 -28.15 6.43
CA LEU E 433 16.10 -28.50 6.27
C LEU E 433 16.29 -29.85 5.58
N ALA E 434 15.24 -30.65 5.45
CA ALA E 434 15.32 -31.94 4.77
C ALA E 434 14.13 -32.08 3.81
N GLY E 435 14.31 -32.86 2.75
CA GLY E 435 13.21 -33.14 1.85
C GLY E 435 13.03 -32.09 0.75
N ARG E 436 11.94 -32.26 -0.02
CA ARG E 436 11.68 -31.32 -1.10
C ARG E 436 11.49 -29.92 -0.53
N ASN E 437 11.89 -28.93 -1.32
CA ASN E 437 11.78 -27.52 -0.98
C ASN E 437 12.70 -27.11 0.17
N SER E 438 13.65 -27.96 0.55
CA SER E 438 14.47 -27.69 1.73
C SER E 438 15.68 -26.85 1.36
N ALA E 439 16.35 -26.36 2.40
CA ALA E 439 17.59 -25.62 2.20
C ALA E 439 18.70 -26.52 1.69
N ILE E 440 18.74 -27.78 2.16
CA ILE E 440 19.78 -28.70 1.69
C ILE E 440 19.61 -28.97 0.21
N ARG E 441 18.36 -29.09 -0.25
CA ARG E 441 18.13 -29.38 -1.66
C ARG E 441 18.50 -28.19 -2.55
N ALA E 442 18.49 -26.98 -1.99
CA ALA E 442 18.75 -25.78 -2.77
C ALA E 442 20.24 -25.49 -2.89
N ILE E 443 21.07 -26.12 -2.08
CA ILE E 443 22.52 -25.93 -2.12
C ILE E 443 23.18 -26.88 -3.12
N PRO E 444 24.13 -26.43 -3.95
CA PRO E 444 24.78 -27.34 -4.91
C PRO E 444 25.46 -28.51 -4.21
N GLU E 445 25.44 -29.67 -4.89
CA GLU E 445 26.17 -30.83 -4.38
C GLU E 445 27.60 -30.47 -4.05
N ASP E 446 28.26 -29.72 -4.95
CA ASP E 446 29.68 -29.42 -4.78
C ASP E 446 29.94 -28.67 -3.49
N VAL E 447 29.03 -27.78 -3.10
CA VAL E 447 29.16 -27.08 -1.82
C VAL E 447 28.97 -28.05 -0.67
N LEU E 448 27.95 -28.93 -0.75
CA LEU E 448 27.75 -29.90 0.33
C LEU E 448 28.94 -30.85 0.42
N ILE E 449 29.51 -31.23 -0.72
CA ILE E 449 30.67 -32.12 -0.71
C ILE E 449 31.80 -31.52 0.12
N ASN E 450 32.10 -30.25 -0.10
CA ASN E 450 33.14 -29.62 0.70
C ASN E 450 32.69 -29.29 2.12
N SER E 451 31.40 -28.99 2.36
CA SER E 451 30.96 -28.63 3.71
C SER E 451 31.08 -29.81 4.67
N TYR E 452 30.68 -31.00 4.25
CA TYR E 452 30.62 -32.18 5.10
C TYR E 452 31.71 -33.19 4.80
N ARG E 453 32.52 -32.96 3.77
CA ARG E 453 33.58 -33.89 3.36
C ARG E 453 32.98 -35.26 3.03
N ILE E 454 31.96 -35.21 2.19
CA ILE E 454 31.32 -36.39 1.67
C ILE E 454 31.60 -36.44 0.18
N SER E 455 31.44 -37.63 -0.41
CA SER E 455 31.59 -37.79 -1.85
C SER E 455 30.30 -37.40 -2.55
N ARG E 456 30.33 -37.35 -3.89
CA ARG E 456 29.16 -36.87 -4.61
C ARG E 456 27.99 -37.83 -4.46
N SER E 457 28.26 -39.13 -4.41
CA SER E 457 27.16 -40.08 -4.22
C SER E 457 26.48 -39.87 -2.88
N GLU E 458 27.24 -39.50 -1.85
CA GLU E 458 26.61 -39.22 -0.57
C GLU E 458 25.83 -37.91 -0.59
N ALA E 459 26.33 -36.89 -1.29
CA ALA E 459 25.62 -35.62 -1.38
C ALA E 459 24.32 -35.77 -2.17
N ARG E 460 24.35 -36.57 -3.23
CA ARG E 460 23.13 -36.90 -3.96
C ARG E 460 22.07 -37.53 -3.05
N ARG E 461 22.48 -38.53 -2.25
CA ARG E 461 21.58 -39.17 -1.30
C ARG E 461 21.04 -38.18 -0.28
N LEU E 462 21.94 -37.36 0.28
CA LEU E 462 21.52 -36.35 1.24
C LEU E 462 20.46 -35.42 0.64
N LYS E 463 20.72 -34.94 -0.58
CA LYS E 463 19.78 -33.98 -1.17
C LYS E 463 18.45 -34.63 -1.53
N PHE E 464 18.50 -35.82 -2.15
CA PHE E 464 17.35 -36.29 -2.92
C PHE E 464 16.69 -37.55 -2.41
N ILE E 465 17.18 -38.17 -1.32
CA ILE E 465 16.58 -39.46 -0.98
C ILE E 465 15.20 -39.32 -0.32
N ARG E 466 14.96 -38.24 0.43
CA ARG E 466 13.62 -37.98 0.96
C ARG E 466 12.89 -37.10 -0.05
N ASN E 467 11.97 -37.70 -0.80
CA ASN E 467 11.26 -36.96 -1.83
C ASN E 467 9.90 -36.44 -1.35
N GLU E 468 9.67 -36.40 -0.06
CA GLU E 468 8.46 -35.78 0.46
C GLU E 468 8.76 -34.35 0.92
N THR E 469 7.70 -33.58 1.11
CA THR E 469 7.83 -32.21 1.59
C THR E 469 7.18 -32.09 2.96
N THR E 470 7.91 -31.51 3.91
CA THR E 470 7.38 -31.02 5.18
C THR E 470 6.90 -32.13 6.10
N ILE E 471 5.94 -32.93 5.66
CA ILE E 471 5.45 -34.07 6.44
C ILE E 471 6.03 -35.32 5.80
N PHE E 472 6.71 -36.15 6.60
CA PHE E 472 7.39 -37.35 6.10
C PHE E 472 6.63 -38.60 6.56
N SER E 473 6.36 -39.52 5.63
CA SER E 473 5.70 -40.76 6.01
C SER E 473 6.64 -41.63 6.84
N SER E 474 6.03 -42.44 7.71
CA SER E 474 6.76 -43.35 8.57
C SER E 474 7.36 -44.45 7.72
N ARG F 11 23.44 0.47 28.17
CA ARG F 11 22.65 1.40 28.97
C ARG F 11 22.72 2.82 28.39
N HIS F 12 23.78 3.56 28.72
CA HIS F 12 23.99 4.89 28.16
C HIS F 12 24.41 4.82 26.69
N PHE F 13 25.26 3.84 26.34
CA PHE F 13 25.64 3.64 24.94
C PHE F 13 24.44 3.21 24.11
N GLY F 14 23.61 2.33 24.66
CA GLY F 14 22.40 1.93 23.97
C GLY F 14 21.53 3.12 23.59
N GLU F 15 21.43 4.12 24.46
CA GLU F 15 20.66 5.30 24.16
C GLU F 15 21.50 6.39 23.48
N CYS F 16 22.67 6.03 22.97
CA CYS F 16 23.50 6.95 22.18
C CYS F 16 23.83 8.21 22.97
N ASN F 17 24.00 8.04 24.29
CA ASN F 17 24.49 9.08 25.18
C ASN F 17 26.00 9.01 25.21
N LEU F 18 26.61 9.34 24.08
CA LEU F 18 28.06 9.23 23.97
C LEU F 18 28.63 10.60 23.63
N ASP F 19 29.55 11.07 24.47
CA ASP F 19 30.28 12.29 24.18
C ASP F 19 31.57 12.05 23.41
N ARG F 20 31.87 10.79 23.07
CA ARG F 20 33.14 10.42 22.46
C ARG F 20 32.90 9.13 21.66
N LEU F 21 32.83 9.26 20.33
CA LEU F 21 32.85 8.12 19.43
C LEU F 21 34.28 7.84 18.99
N ASN F 22 34.55 6.59 18.66
CA ASN F 22 35.85 6.10 18.20
C ASN F 22 35.67 5.27 16.95
N VAL F 23 36.74 5.14 16.16
CA VAL F 23 36.76 4.09 15.15
C VAL F 23 36.68 2.74 15.86
N VAL F 24 35.86 1.83 15.34
CA VAL F 24 35.58 0.56 15.99
C VAL F 24 36.50 -0.50 15.39
N GLU F 25 37.24 -1.16 16.26
CA GLU F 25 38.21 -2.20 15.94
C GLU F 25 37.55 -3.57 16.04
N PRO F 26 37.93 -4.50 15.17
CA PRO F 26 37.37 -5.85 15.24
C PRO F 26 37.57 -6.42 16.63
N THR F 27 36.52 -7.03 17.16
CA THR F 27 36.62 -7.57 18.51
C THR F 27 37.37 -8.90 18.54
N ASN F 28 37.09 -9.81 17.62
CA ASN F 28 37.86 -11.05 17.59
C ASN F 28 38.09 -11.51 16.15
N ARG F 29 39.13 -12.34 16.01
CA ARG F 29 39.61 -12.88 14.74
C ARG F 29 39.60 -14.40 14.81
N ILE F 30 38.83 -15.03 13.92
CA ILE F 30 38.76 -16.49 13.82
C ILE F 30 39.54 -16.91 12.58
N THR F 31 40.59 -17.71 12.75
CA THR F 31 41.40 -18.18 11.63
C THR F 31 40.91 -19.56 11.21
N SER F 32 40.31 -19.64 10.03
CA SER F 32 39.77 -20.87 9.50
C SER F 32 40.69 -21.44 8.44
N GLU F 33 40.44 -22.69 8.06
CA GLU F 33 41.30 -23.32 7.05
C GLU F 33 41.27 -22.54 5.75
N GLY F 34 40.10 -22.00 5.39
CA GLY F 34 39.91 -21.29 4.13
C GLY F 34 39.93 -19.78 4.21
N GLY F 35 40.26 -19.19 5.35
CA GLY F 35 40.32 -17.74 5.43
C GLY F 35 40.23 -17.28 6.87
N THR F 36 39.85 -16.02 7.00
CA THR F 36 39.79 -15.36 8.30
C THR F 36 38.48 -14.62 8.40
N VAL F 37 37.88 -14.67 9.57
CA VAL F 37 36.65 -13.94 9.87
CA VAL F 37 36.65 -13.95 9.87
C VAL F 37 36.93 -13.00 11.04
N GLU F 38 36.64 -11.72 10.84
CA GLU F 38 36.77 -10.70 11.88
C GLU F 38 35.40 -10.19 12.26
N LYS F 39 35.14 -10.09 13.55
CA LYS F 39 33.82 -9.70 14.02
C LYS F 39 33.93 -8.42 14.85
N TRP F 40 33.08 -7.44 14.51
CA TRP F 40 32.82 -6.27 15.34
C TRP F 40 31.56 -6.58 16.13
N ASP F 41 31.72 -6.86 17.42
CA ASP F 41 30.59 -7.36 18.19
C ASP F 41 29.61 -6.24 18.56
N THR F 42 28.37 -6.63 18.86
CA THR F 42 27.27 -5.72 19.18
C THR F 42 27.44 -5.01 20.52
N ASN F 43 28.50 -5.29 21.27
CA ASN F 43 28.74 -4.65 22.57
C ASN F 43 29.66 -3.43 22.51
N GLN F 44 30.39 -3.22 21.41
CA GLN F 44 31.06 -1.94 21.21
C GLN F 44 30.05 -0.80 21.38
N GLN F 45 30.42 0.21 22.16
CA GLN F 45 29.45 1.26 22.50
C GLN F 45 28.84 1.90 21.26
N GLN F 46 29.65 2.15 20.24
CA GLN F 46 29.11 2.74 19.03
C GLN F 46 28.10 1.82 18.37
N PHE F 47 28.31 0.52 18.49
CA PHE F 47 27.45 -0.45 17.84
C PHE F 47 26.18 -0.70 18.64
N GLN F 48 26.27 -0.64 19.97
CA GLN F 48 25.06 -0.60 20.80
C GLN F 48 24.16 0.57 20.38
N CYS F 49 24.76 1.74 20.17
CA CYS F 49 23.97 2.91 19.79
C CYS F 49 23.25 2.68 18.47
N ALA F 50 23.97 2.18 17.47
CA ALA F 50 23.44 2.01 16.13
C ALA F 50 22.64 0.72 15.96
N GLY F 51 22.78 -0.24 16.87
CA GLY F 51 22.01 -1.47 16.83
C GLY F 51 22.49 -2.42 15.75
N VAL F 52 23.81 -2.56 15.60
CA VAL F 52 24.42 -3.23 14.44
C VAL F 52 25.56 -4.11 14.93
N ALA F 53 25.90 -5.10 14.09
CA ALA F 53 27.14 -5.86 14.19
C ALA F 53 27.80 -5.87 12.81
N ALA F 54 29.09 -6.20 12.76
CA ALA F 54 29.77 -6.28 11.47
C ALA F 54 30.69 -7.49 11.42
N ILE F 55 30.94 -7.96 10.21
CA ILE F 55 31.78 -9.12 9.97
C ILE F 55 32.64 -8.83 8.75
N ARG F 56 33.94 -9.08 8.86
CA ARG F 56 34.79 -9.02 7.67
C ARG F 56 35.33 -10.42 7.44
N ARG F 57 35.07 -10.96 6.25
CA ARG F 57 35.50 -12.30 5.88
C ARG F 57 36.50 -12.20 4.75
N THR F 58 37.66 -12.82 4.93
CA THR F 58 38.67 -12.92 3.89
C THR F 58 38.74 -14.40 3.49
N ILE F 59 38.34 -14.69 2.27
CA ILE F 59 38.17 -16.07 1.79
C ILE F 59 39.32 -16.36 0.82
N GLU F 60 40.11 -17.38 1.14
CA GLU F 60 41.26 -17.69 0.30
C GLU F 60 40.78 -18.21 -1.05
N PRO F 61 41.63 -18.12 -2.08
CA PRO F 61 41.28 -18.75 -3.36
C PRO F 61 40.86 -20.20 -3.17
N ASN F 62 39.89 -20.64 -3.99
CA ASN F 62 39.36 -22.01 -3.93
C ASN F 62 38.89 -22.41 -2.54
N SER F 63 38.21 -21.50 -1.88
CA SER F 63 37.64 -21.78 -0.57
C SER F 63 36.18 -21.34 -0.58
N GLU F 64 35.43 -21.88 0.37
CA GLU F 64 34.02 -21.55 0.48
C GLU F 64 33.70 -21.28 1.94
N VAL F 65 32.65 -20.50 2.15
CA VAL F 65 32.12 -20.33 3.49
C VAL F 65 31.10 -21.44 3.76
N GLN F 66 30.94 -21.80 5.02
CA GLN F 66 29.97 -22.84 5.36
C GLN F 66 28.57 -22.23 5.42
N PRO F 67 27.57 -22.83 4.77
CA PRO F 67 26.24 -22.22 4.73
C PRO F 67 25.70 -21.93 6.13
N ASN F 68 25.07 -20.76 6.27
CA ASN F 68 24.63 -20.32 7.58
C ASN F 68 23.43 -19.38 7.42
N TYR F 69 22.71 -19.16 8.50
CA TYR F 69 21.63 -18.17 8.49
C TYR F 69 21.59 -17.45 9.84
N GLN F 70 20.81 -16.38 9.90
CA GLN F 70 20.73 -15.59 11.13
C GLN F 70 19.46 -14.79 11.10
N PRO F 71 18.89 -14.43 12.27
CA PRO F 71 17.55 -13.81 12.26
C PRO F 71 17.54 -12.31 12.08
N ALA F 72 18.64 -11.71 11.60
CA ALA F 72 18.62 -10.29 11.28
C ALA F 72 19.17 -10.08 9.88
N PRO F 73 18.68 -9.08 9.16
CA PRO F 73 19.13 -8.87 7.78
C PRO F 73 20.52 -8.24 7.77
N MET F 74 21.21 -8.41 6.64
CA MET F 74 22.53 -7.80 6.53
C MET F 74 22.79 -7.39 5.08
N LEU F 75 23.69 -6.43 4.93
CA LEU F 75 24.18 -6.02 3.63
C LEU F 75 25.68 -6.26 3.62
N ILE F 76 26.18 -6.82 2.51
CA ILE F 76 27.55 -7.27 2.37
C ILE F 76 28.18 -6.49 1.22
N TYR F 77 29.29 -5.84 1.50
CA TYR F 77 30.04 -5.15 0.47
C TYR F 77 31.25 -6.01 0.11
N ILE F 78 31.39 -6.33 -1.18
CA ILE F 78 32.54 -7.04 -1.69
C ILE F 78 33.66 -6.04 -1.93
N GLU F 79 34.65 -6.03 -1.04
CA GLU F 79 35.74 -5.08 -1.17
C GLU F 79 36.79 -5.54 -2.19
N LYS F 80 36.91 -6.85 -2.44
CA LYS F 80 38.02 -7.38 -3.21
C LYS F 80 37.67 -8.76 -3.72
N GLY F 81 38.13 -9.08 -4.93
CA GLY F 81 38.01 -10.43 -5.46
C GLY F 81 36.74 -10.62 -6.27
N ARG F 82 36.46 -11.90 -6.51
CA ARG F 82 35.28 -12.32 -7.25
C ARG F 82 34.94 -13.74 -6.79
N GLY F 83 33.68 -14.10 -6.93
CA GLY F 83 33.26 -15.41 -6.48
C GLY F 83 31.80 -15.62 -6.79
N LEU F 84 31.22 -16.58 -6.07
CA LEU F 84 29.87 -17.05 -6.27
C LEU F 84 29.14 -17.00 -4.94
N LEU F 85 27.91 -16.54 -4.97
CA LEU F 85 27.09 -16.44 -3.77
C LEU F 85 25.83 -17.29 -3.96
N GLY F 86 25.50 -18.07 -2.94
CA GLY F 86 24.23 -18.79 -2.89
C GLY F 86 23.38 -18.19 -1.79
N VAL F 87 22.09 -17.98 -2.10
CA VAL F 87 21.09 -17.61 -1.10
C VAL F 87 19.85 -18.46 -1.38
N VAL F 88 19.31 -19.08 -0.37
CA VAL F 88 18.16 -19.96 -0.57
C VAL F 88 16.90 -19.20 -0.17
N ILE F 89 15.79 -19.51 -0.85
CA ILE F 89 14.56 -18.76 -0.67
C ILE F 89 13.50 -19.83 -0.50
N PRO F 90 13.02 -20.10 0.72
CA PRO F 90 12.21 -21.30 0.96
C PRO F 90 10.99 -21.32 0.06
N GLY F 91 10.65 -22.52 -0.44
CA GLY F 91 9.51 -22.67 -1.31
C GLY F 91 9.78 -22.43 -2.79
N CYS F 92 10.90 -21.79 -3.14
CA CYS F 92 11.19 -21.53 -4.55
C CYS F 92 11.74 -22.77 -5.24
N ALA F 93 11.23 -23.03 -6.44
CA ALA F 93 11.72 -24.13 -7.25
C ALA F 93 13.21 -23.99 -7.52
N GLU F 94 13.90 -25.12 -7.68
CA GLU F 94 15.32 -25.10 -8.04
C GLU F 94 15.41 -24.99 -9.56
N THR F 95 15.71 -23.80 -10.06
CA THR F 95 15.68 -23.51 -11.49
C THR F 95 17.07 -23.52 -12.10
N TYR F 96 18.10 -23.91 -11.34
CA TYR F 96 19.46 -24.09 -11.84
C TYR F 96 19.72 -25.60 -11.90
N GLU F 97 19.88 -26.14 -13.11
CA GLU F 97 19.97 -27.59 -13.17
C GLU F 97 20.80 -28.03 -14.37
N SER F 98 21.26 -29.27 -14.31
CA SER F 98 22.16 -29.79 -15.33
C SER F 98 21.65 -31.11 -15.90
N GLN F 99 20.33 -31.27 -15.98
CA GLN F 99 19.73 -32.41 -16.67
C GLN F 99 20.37 -32.59 -18.05
N SER F 100 20.69 -33.84 -18.37
CA SER F 100 21.43 -34.15 -19.60
C SER F 100 20.53 -34.86 -20.60
N HIS F 101 20.99 -34.87 -21.86
CA HIS F 101 20.31 -35.65 -22.88
C HIS F 101 20.18 -37.11 -22.46
N GLN F 102 21.20 -37.63 -21.77
CA GLN F 102 21.18 -39.05 -21.45
C GLN F 102 20.17 -39.39 -20.37
N GLN F 103 19.93 -38.49 -19.39
CA GLN F 103 18.80 -38.77 -18.48
C GLN F 103 17.46 -38.58 -19.16
N ASN F 104 17.33 -37.57 -20.03
CA ASN F 104 16.13 -37.43 -20.86
C ASN F 104 15.83 -38.73 -21.60
N LYS F 105 16.83 -39.24 -22.32
CA LYS F 105 16.65 -40.43 -23.14
C LYS F 105 16.42 -41.67 -22.27
N GLY F 106 17.20 -41.80 -21.19
CA GLY F 106 16.96 -42.87 -20.24
C GLY F 106 15.53 -42.87 -19.73
N GLN F 107 15.01 -41.69 -19.38
CA GLN F 107 13.65 -41.58 -18.87
C GLN F 107 12.64 -42.05 -19.90
N ARG F 108 12.66 -41.46 -21.11
CA ARG F 108 11.64 -41.80 -22.10
C ARG F 108 11.73 -43.25 -22.54
N ALA F 109 12.95 -43.80 -22.64
CA ALA F 109 13.09 -45.23 -22.96
C ALA F 109 12.49 -46.15 -21.86
N SER F 110 11.83 -45.59 -20.85
CA SER F 110 11.21 -46.34 -19.76
C SER F 110 12.28 -46.99 -18.88
N GLN F 113 9.05 -44.31 -15.95
CA GLN F 113 9.31 -42.88 -15.79
C GLN F 113 8.08 -42.18 -15.20
N SER F 114 8.16 -41.83 -13.91
CA SER F 114 7.01 -41.27 -13.22
C SER F 114 7.38 -40.71 -11.86
N GLN F 115 6.64 -41.09 -10.82
CA GLN F 115 7.00 -40.68 -9.46
C GLN F 115 7.88 -41.70 -8.75
N ARG F 116 7.46 -42.97 -8.67
CA ARG F 116 8.36 -43.96 -8.11
C ARG F 116 9.66 -44.07 -8.90
N GLU F 117 9.65 -43.66 -10.17
CA GLU F 117 10.83 -43.69 -11.04
C GLU F 117 11.55 -45.05 -11.00
N GLN F 119 21.94 -34.12 -13.60
CA GLN F 119 22.63 -34.71 -12.46
C GLN F 119 22.61 -33.85 -11.18
N ASP F 120 22.47 -32.52 -11.25
CA ASP F 120 22.19 -31.76 -10.03
C ASP F 120 21.13 -30.71 -10.34
N GLN F 121 20.49 -30.22 -9.28
CA GLN F 121 19.59 -29.07 -9.37
C GLN F 121 19.71 -28.29 -8.09
N HIS F 122 19.69 -26.96 -8.20
CA HIS F 122 19.86 -26.14 -7.01
C HIS F 122 19.27 -24.78 -7.29
N GLN F 123 19.23 -23.94 -6.26
CA GLN F 123 18.66 -22.62 -6.46
C GLN F 123 19.72 -21.71 -7.09
N ARG F 124 19.29 -20.53 -7.50
CA ARG F 124 20.17 -19.75 -8.35
C ARG F 124 21.40 -19.26 -7.58
N VAL F 125 22.51 -19.17 -8.30
CA VAL F 125 23.80 -18.72 -7.79
CA VAL F 125 23.78 -18.71 -7.77
C VAL F 125 24.16 -17.43 -8.51
N HIS F 126 24.71 -16.48 -7.77
CA HIS F 126 25.02 -15.15 -8.29
C HIS F 126 26.52 -14.96 -8.37
N ARG F 127 27.01 -14.53 -9.54
CA ARG F 127 28.39 -14.08 -9.65
C ARG F 127 28.52 -12.76 -8.92
N ILE F 128 29.45 -12.68 -7.98
CA ILE F 128 29.71 -11.47 -7.21
C ILE F 128 31.13 -10.99 -7.50
N ARG F 129 31.34 -9.68 -7.38
CA ARG F 129 32.65 -9.09 -7.67
C ARG F 129 32.85 -7.82 -6.86
N GLU F 130 34.11 -7.36 -6.81
CA GLU F 130 34.46 -6.06 -6.25
C GLU F 130 33.40 -5.00 -6.50
N GLY F 131 32.99 -4.31 -5.44
CA GLY F 131 32.05 -3.22 -5.58
C GLY F 131 30.60 -3.61 -5.43
N ASP F 132 30.28 -4.91 -5.48
CA ASP F 132 28.89 -5.30 -5.29
C ASP F 132 28.45 -5.09 -3.85
N ILE F 133 27.17 -4.75 -3.69
CA ILE F 133 26.48 -4.83 -2.41
C ILE F 133 25.54 -6.03 -2.52
N LEU F 134 25.45 -6.83 -1.46
CA LEU F 134 24.60 -8.02 -1.45
C LEU F 134 23.59 -7.88 -0.32
N ALA F 135 22.32 -8.22 -0.61
CA ALA F 135 21.26 -8.12 0.37
C ALA F 135 20.90 -9.53 0.82
N ILE F 136 21.13 -9.82 2.10
CA ILE F 136 20.77 -11.13 2.64
C ILE F 136 19.59 -10.95 3.59
N PRO F 137 18.36 -11.31 3.21
CA PRO F 137 17.24 -11.16 4.15
C PRO F 137 17.48 -11.93 5.43
N ALA F 138 16.82 -11.50 6.50
CA ALA F 138 16.87 -12.25 7.75
C ALA F 138 16.37 -13.67 7.54
N GLY F 139 17.06 -14.63 8.15
CA GLY F 139 16.70 -16.02 8.10
C GLY F 139 17.05 -16.76 6.82
N VAL F 140 17.67 -16.12 5.86
CA VAL F 140 17.94 -16.86 4.63
C VAL F 140 19.32 -17.49 4.73
N VAL F 141 19.42 -18.72 4.22
CA VAL F 141 20.69 -19.45 4.22
C VAL F 141 21.56 -18.88 3.11
N HIS F 142 22.85 -18.73 3.39
CA HIS F 142 23.70 -18.19 2.34
C HIS F 142 25.07 -18.84 2.46
N TRP F 143 25.77 -18.89 1.33
CA TRP F 143 27.13 -19.41 1.26
C TRP F 143 27.83 -18.67 0.14
N ILE F 144 29.16 -18.67 0.20
CA ILE F 144 30.01 -17.96 -0.75
C ILE F 144 31.12 -18.90 -1.19
N TYR F 145 31.53 -18.78 -2.45
CA TYR F 145 32.64 -19.57 -2.98
C TYR F 145 33.59 -18.64 -3.70
N ASN F 146 34.86 -18.62 -3.27
CA ASN F 146 35.87 -17.81 -3.95
C ASN F 146 36.52 -18.67 -5.03
N ASP F 147 36.05 -18.53 -6.27
CA ASP F 147 36.61 -19.27 -7.39
C ASP F 147 37.64 -18.46 -8.15
N GLY F 148 38.13 -17.37 -7.56
CA GLY F 148 39.17 -16.56 -8.17
C GLY F 148 40.57 -16.94 -7.70
N ASP F 149 41.55 -16.22 -8.25
CA ASP F 149 42.96 -16.44 -7.91
C ASP F 149 43.45 -15.47 -6.84
N GLN F 150 42.64 -14.50 -6.45
CA GLN F 150 42.97 -13.59 -5.38
C GLN F 150 42.00 -13.80 -4.22
N GLN F 151 42.37 -13.25 -3.07
CA GLN F 151 41.55 -13.28 -1.88
C GLN F 151 40.22 -12.54 -2.12
N LEU F 152 39.13 -13.07 -1.56
CA LEU F 152 37.82 -12.44 -1.61
C LEU F 152 37.54 -11.84 -0.25
N VAL F 153 37.27 -10.54 -0.20
CA VAL F 153 37.08 -9.82 1.07
C VAL F 153 35.65 -9.27 1.09
N ALA F 154 34.87 -9.70 2.07
CA ALA F 154 33.48 -9.28 2.22
C ALA F 154 33.31 -8.54 3.55
N PHE F 155 32.70 -7.36 3.51
CA PHE F 155 32.41 -6.58 4.73
C PHE F 155 30.90 -6.48 4.89
N ALA F 156 30.37 -7.09 5.95
CA ALA F 156 28.94 -7.18 6.18
C ALA F 156 28.56 -6.42 7.43
N VAL F 157 27.41 -5.75 7.37
CA VAL F 157 26.82 -5.07 8.51
C VAL F 157 25.43 -5.66 8.74
N VAL F 158 25.18 -6.11 9.96
CA VAL F 158 23.90 -6.71 10.36
C VAL F 158 23.08 -5.70 11.15
N ASN F 159 21.80 -5.55 10.80
CA ASN F 159 20.93 -4.64 11.56
C ASN F 159 20.24 -5.44 12.65
N GLN F 160 20.91 -5.50 13.81
CA GLN F 160 20.40 -6.29 14.93
C GLN F 160 19.09 -5.73 15.49
N ASN F 161 18.80 -4.45 15.24
CA ASN F 161 17.56 -3.83 15.74
C ASN F 161 16.46 -3.85 14.68
N ASN F 162 16.66 -4.57 13.59
CA ASN F 162 15.65 -4.62 12.54
C ASN F 162 14.39 -5.29 13.06
N LYS F 163 13.24 -4.83 12.55
CA LYS F 163 11.97 -5.46 12.91
C LYS F 163 12.01 -6.97 12.68
N ALA F 164 12.81 -7.43 11.71
CA ALA F 164 12.81 -8.86 11.40
C ALA F 164 13.37 -9.71 12.54
N ASN F 165 14.23 -9.15 13.37
CA ASN F 165 14.90 -9.89 14.44
C ASN F 165 14.01 -9.88 15.67
N GLN F 166 13.29 -10.97 15.90
CA GLN F 166 12.44 -11.11 17.09
C GLN F 166 13.17 -11.79 18.24
N LEU F 167 14.48 -12.02 18.11
CA LEU F 167 15.25 -12.56 19.23
C LEU F 167 15.74 -11.38 20.09
N ASP F 168 17.04 -11.07 20.06
CA ASP F 168 17.58 -9.94 20.83
C ASP F 168 18.86 -9.47 20.13
N GLU F 169 19.58 -8.53 20.76
CA GLU F 169 20.73 -7.89 20.12
C GLU F 169 21.97 -8.76 20.10
N GLU F 170 21.91 -9.99 20.60
CA GLU F 170 23.03 -10.93 20.49
C GLU F 170 23.18 -11.39 19.05
N TYR F 171 24.35 -11.18 18.46
CA TYR F 171 24.55 -11.62 17.08
C TYR F 171 24.58 -13.15 17.03
N ARG F 172 23.63 -13.75 16.34
CA ARG F 172 23.27 -15.16 16.54
C ARG F 172 23.26 -15.92 15.23
N PRO F 173 24.42 -16.32 14.72
CA PRO F 173 24.44 -17.09 13.47
C PRO F 173 24.25 -18.58 13.72
N PHE F 174 23.47 -19.21 12.85
CA PHE F 174 23.20 -20.65 12.87
C PHE F 174 23.91 -21.28 11.69
N LEU F 175 24.74 -22.29 11.93
CA LEU F 175 25.52 -22.92 10.85
C LEU F 175 24.86 -24.22 10.41
N LEU F 176 24.76 -24.42 9.10
CA LEU F 176 24.36 -25.75 8.62
C LEU F 176 25.52 -26.72 8.61
N ALA F 177 26.74 -26.21 8.56
CA ALA F 177 27.95 -27.02 8.48
C ALA F 177 29.05 -26.31 9.24
N GLY F 178 30.05 -27.07 9.70
CA GLY F 178 31.23 -26.44 10.28
C GLY F 178 31.09 -26.11 11.76
N GLY F 179 31.94 -25.18 12.19
CA GLY F 179 31.96 -24.73 13.57
C GLY F 179 33.15 -23.82 13.81
N GLN F 180 33.34 -23.44 15.07
CA GLN F 180 34.47 -22.60 15.42
C GLN F 180 35.77 -23.33 15.09
N PRO F 181 36.78 -22.66 14.57
CA PRO F 181 38.00 -23.35 14.12
C PRO F 181 38.91 -23.72 15.28
N ASP F 182 39.77 -24.72 15.02
CA ASP F 182 40.79 -25.15 15.96
C ASP F 182 42.11 -25.32 15.20
N GLU F 183 42.96 -24.29 15.25
CA GLU F 183 44.33 -24.37 14.76
C GLU F 183 44.43 -24.38 13.23
N HIS F 184 43.83 -23.38 12.59
CA HIS F 184 43.68 -23.34 11.12
C HIS F 184 43.01 -24.61 10.58
N GLU F 214 32.14 -23.19 22.89
CA GLU F 214 32.17 -23.81 21.55
C GLU F 214 31.01 -23.36 20.67
N SER F 215 30.97 -23.92 19.46
CA SER F 215 30.04 -23.51 18.42
C SER F 215 30.06 -24.60 17.34
N GLN F 216 28.97 -25.36 17.20
CA GLN F 216 28.88 -26.42 16.21
C GLN F 216 27.63 -26.21 15.36
N ASN F 217 27.53 -26.96 14.27
CA ASN F 217 26.40 -26.73 13.38
C ASN F 217 25.11 -27.32 13.95
N ILE F 218 23.98 -26.86 13.44
CA ILE F 218 22.71 -27.19 14.08
C ILE F 218 22.43 -28.70 14.03
N PHE F 219 22.99 -29.39 13.03
CA PHE F 219 22.70 -30.81 12.96
C PHE F 219 23.29 -31.60 14.13
N SER F 220 24.29 -31.04 14.84
CA SER F 220 24.82 -31.75 15.98
C SER F 220 23.83 -31.87 17.12
N GLY F 221 22.83 -30.99 17.18
CA GLY F 221 21.90 -31.07 18.30
C GLY F 221 20.77 -32.08 18.12
N PHE F 222 20.65 -32.66 16.92
CA PHE F 222 19.60 -33.61 16.59
C PHE F 222 20.09 -35.04 16.78
N ASP F 223 19.17 -35.90 17.23
CA ASP F 223 19.45 -37.33 17.31
C ASP F 223 19.87 -37.87 15.94
N VAL F 224 20.97 -38.62 15.92
CA VAL F 224 21.55 -39.10 14.66
C VAL F 224 20.57 -39.98 13.90
N GLU F 225 19.95 -40.95 14.57
CA GLU F 225 19.14 -41.89 13.83
C GLU F 225 17.88 -41.23 13.32
N LEU F 226 17.33 -40.29 14.10
CA LEU F 226 16.12 -39.57 13.69
C LEU F 226 16.38 -38.73 12.44
N LEU F 227 17.53 -38.07 12.37
CA LEU F 227 17.90 -37.31 11.19
C LEU F 227 18.07 -38.21 9.97
N ALA F 228 18.78 -39.32 10.14
CA ALA F 228 18.94 -40.29 9.07
C ALA F 228 17.59 -40.75 8.54
N GLU F 229 16.70 -41.15 9.46
CA GLU F 229 15.36 -41.51 9.02
C GLU F 229 14.69 -40.36 8.30
N ALA F 230 14.82 -39.13 8.81
CA ALA F 230 14.18 -37.97 8.19
C ALA F 230 14.72 -37.73 6.78
N TYR F 231 16.04 -37.71 6.62
CA TYR F 231 16.61 -37.61 5.28
C TYR F 231 16.47 -38.90 4.47
N ASN F 232 16.13 -40.02 5.11
CA ASN F 232 16.08 -41.31 4.42
C ASN F 232 17.46 -41.71 3.87
N ILE F 233 18.48 -41.57 4.69
CA ILE F 233 19.85 -41.83 4.24
C ILE F 233 20.57 -42.68 5.27
N PRO F 234 21.69 -43.28 4.88
CA PRO F 234 22.46 -44.05 5.84
C PRO F 234 22.92 -43.16 6.98
N VAL F 235 23.02 -43.76 8.17
CA VAL F 235 23.51 -43.02 9.32
C VAL F 235 24.87 -42.39 9.07
N ASP F 236 25.74 -43.04 8.27
CA ASP F 236 27.11 -42.51 8.19
C ASP F 236 27.17 -41.15 7.51
N ILE F 237 26.22 -40.83 6.64
CA ILE F 237 26.18 -39.48 6.08
C ILE F 237 25.81 -38.47 7.17
N VAL F 238 24.87 -38.84 8.05
CA VAL F 238 24.56 -37.92 9.12
C VAL F 238 25.75 -37.82 10.08
N ARG F 239 26.42 -38.95 10.35
CA ARG F 239 27.60 -38.89 11.20
C ARG F 239 28.61 -37.88 10.66
N ARG F 240 28.79 -37.85 9.34
CA ARG F 240 29.71 -36.86 8.77
C ARG F 240 29.19 -35.44 8.93
N GLN F 241 27.88 -35.23 8.90
CA GLN F 241 27.35 -33.88 9.10
C GLN F 241 27.60 -33.39 10.51
N GLN F 242 27.48 -34.27 11.50
CA GLN F 242 27.60 -33.89 12.90
C GLN F 242 29.03 -33.92 13.42
N GLN F 243 29.97 -34.46 12.64
CA GLN F 243 31.38 -34.48 13.01
C GLN F 243 31.82 -33.12 13.53
N GLN F 244 32.60 -33.12 14.60
CA GLN F 244 33.34 -31.92 14.96
C GLN F 244 34.31 -31.57 13.84
N ASP F 245 34.12 -30.38 13.28
CA ASP F 245 34.86 -29.94 12.11
C ASP F 245 35.87 -28.89 12.56
N LYS F 246 37.12 -29.31 12.75
CA LYS F 246 38.13 -28.34 13.18
C LYS F 246 38.47 -27.32 12.11
N ARG F 247 37.92 -27.45 10.89
CA ARG F 247 38.33 -26.55 9.80
C ARG F 247 37.88 -25.12 10.05
N GLY F 248 36.68 -24.93 10.61
CA GLY F 248 36.20 -23.59 10.91
C GLY F 248 35.05 -23.13 10.05
N ASN F 249 34.94 -21.81 9.86
CA ASN F 249 33.82 -21.19 9.15
C ASN F 249 34.04 -21.13 7.64
N LEU F 250 35.28 -21.31 7.21
CA LEU F 250 35.65 -21.21 5.81
C LEU F 250 36.57 -22.39 5.54
N VAL F 251 36.36 -23.05 4.42
CA VAL F 251 37.07 -24.30 4.17
C VAL F 251 37.59 -24.32 2.76
N LYS F 252 38.74 -24.99 2.57
CA LYS F 252 39.31 -25.20 1.25
C LYS F 252 38.46 -26.16 0.45
N LEU F 253 38.22 -25.80 -0.82
CA LEU F 253 37.49 -26.70 -1.71
C LEU F 253 38.45 -27.71 -2.30
N GLU F 254 38.74 -28.74 -1.49
CA GLU F 254 39.60 -29.82 -1.97
CA GLU F 254 39.59 -29.84 -1.96
C GLU F 254 39.00 -30.48 -3.21
N GLN F 255 37.71 -30.82 -3.17
CA GLN F 255 37.02 -31.35 -4.33
C GLN F 255 36.65 -30.21 -5.27
N GLN F 256 36.78 -30.46 -6.57
CA GLN F 256 36.56 -29.43 -7.57
C GLN F 256 35.09 -29.00 -7.58
N GLN F 257 34.83 -27.80 -8.09
CA GLN F 257 33.48 -27.24 -8.00
C GLN F 257 32.95 -26.74 -9.33
N ILE F 258 33.26 -27.46 -10.41
CA ILE F 258 32.81 -27.07 -11.74
CA ILE F 258 32.79 -27.03 -11.73
C ILE F 258 31.45 -27.65 -12.11
N LYS F 259 30.84 -28.45 -11.24
CA LYS F 259 29.48 -28.93 -11.49
C LYS F 259 28.40 -28.08 -10.82
N ILE F 260 28.78 -26.99 -10.16
CA ILE F 260 27.81 -25.95 -9.81
C ILE F 260 27.30 -25.30 -11.09
N ILE F 261 25.99 -25.19 -11.23
CA ILE F 261 25.43 -24.57 -12.41
C ILE F 261 25.52 -23.06 -12.24
N ARG F 262 26.00 -22.37 -13.28
CA ARG F 262 26.28 -20.95 -13.23
C ARG F 262 25.81 -20.31 -14.51
N ALA F 263 25.33 -19.08 -14.41
CA ALA F 263 24.90 -18.32 -15.57
C ALA F 263 26.03 -18.00 -16.52
N GLU F 264 27.26 -17.90 -16.01
CA GLU F 264 28.39 -17.45 -16.81
C GLU F 264 29.36 -18.59 -17.15
N GLN F 265 28.88 -19.83 -17.12
CA GLN F 265 29.68 -20.98 -17.56
C GLN F 265 30.26 -20.72 -18.92
N GLU F 302 8.89 -15.74 -12.76
CA GLU F 302 8.66 -15.93 -11.33
C GLU F 302 8.68 -14.56 -10.63
N THR F 303 8.36 -14.53 -9.33
CA THR F 303 8.18 -13.26 -8.62
C THR F 303 9.16 -13.21 -7.46
N ILE F 304 8.73 -13.49 -6.23
CA ILE F 304 9.62 -13.40 -5.05
C ILE F 304 10.90 -14.18 -5.31
N CYS F 305 10.76 -15.36 -5.89
CA CYS F 305 11.94 -16.13 -6.27
C CYS F 305 12.82 -15.37 -7.26
N SER F 306 12.30 -14.35 -7.94
CA SER F 306 13.07 -13.61 -8.94
C SER F 306 13.67 -12.32 -8.37
N LEU F 307 13.69 -12.21 -7.05
CA LEU F 307 14.15 -11.01 -6.39
C LEU F 307 15.65 -10.82 -6.56
N ARG F 308 16.07 -9.63 -6.98
CA ARG F 308 17.49 -9.41 -7.22
C ARG F 308 18.17 -9.05 -5.90
N LEU F 309 19.36 -9.62 -5.69
CA LEU F 309 20.03 -9.61 -4.40
CA LEU F 309 19.98 -9.50 -4.38
C LEU F 309 21.38 -8.90 -4.41
N ARG F 310 21.90 -8.55 -5.58
CA ARG F 310 23.20 -7.90 -5.68
C ARG F 310 23.07 -6.67 -6.56
N GLU F 311 23.94 -5.70 -6.34
CA GLU F 311 23.94 -4.49 -7.15
C GLU F 311 25.36 -3.94 -7.12
N ASN F 312 25.86 -3.53 -8.27
CA ASN F 312 27.20 -2.96 -8.32
C ASN F 312 27.14 -1.49 -7.94
N MET F 313 27.96 -1.10 -6.99
CA MET F 313 27.88 0.25 -6.45
CA MET F 313 27.93 0.24 -6.41
C MET F 313 28.90 1.22 -7.06
N THR F 314 29.75 0.78 -7.97
CA THR F 314 30.77 1.71 -8.47
C THR F 314 30.13 3.01 -8.92
N THR F 315 30.65 4.11 -8.37
CA THR F 315 30.10 5.41 -8.72
C THR F 315 30.35 5.74 -10.18
N ARG F 316 31.33 5.07 -10.84
CA ARG F 316 31.61 5.40 -12.23
C ARG F 316 30.55 4.84 -13.19
N SER F 317 29.83 3.80 -12.81
CA SER F 317 28.76 3.30 -13.67
C SER F 317 27.43 3.97 -13.38
N GLN F 318 27.19 4.36 -12.12
CA GLN F 318 25.93 4.98 -11.70
C GLN F 318 26.19 5.91 -10.52
N SER F 319 25.69 7.14 -10.62
CA SER F 319 25.81 8.07 -9.50
C SER F 319 24.58 8.96 -9.49
N ASP F 320 24.12 9.30 -8.28
CA ASP F 320 23.05 10.27 -8.14
C ASP F 320 23.54 11.70 -8.10
N ILE F 321 24.70 11.93 -7.50
CA ILE F 321 25.35 13.25 -7.48
C ILE F 321 26.71 13.11 -8.13
N VAL F 322 27.00 14.00 -9.09
CA VAL F 322 28.30 14.05 -9.76
C VAL F 322 28.70 15.51 -9.83
N SER F 323 29.82 15.86 -9.20
CA SER F 323 30.45 17.16 -9.36
C SER F 323 31.73 16.96 -10.13
N ARG F 324 31.85 17.61 -11.29
CA ARG F 324 33.01 17.36 -12.14
C ARG F 324 34.32 17.46 -11.37
N GLN F 325 34.46 18.45 -10.49
CA GLN F 325 35.73 18.69 -9.82
C GLN F 325 35.72 18.27 -8.36
N ALA F 326 34.70 17.55 -7.91
CA ALA F 326 34.66 17.21 -6.49
C ALA F 326 34.44 15.72 -6.23
N GLY F 327 33.60 15.05 -7.00
CA GLY F 327 33.41 13.62 -6.80
C GLY F 327 31.99 13.18 -7.13
N ARG F 328 31.65 11.99 -6.61
CA ARG F 328 30.45 11.27 -6.99
C ARG F 328 29.89 10.53 -5.79
N ILE F 329 28.56 10.46 -5.70
CA ILE F 329 27.84 9.64 -4.72
C ILE F 329 26.79 8.79 -5.43
N ASN F 330 26.73 7.52 -5.04
CA ASN F 330 25.77 6.54 -5.56
C ASN F 330 24.94 5.98 -4.39
N ILE F 331 23.66 6.31 -4.35
CA ILE F 331 22.74 5.95 -3.27
C ILE F 331 21.99 4.70 -3.71
N VAL F 332 22.24 3.56 -3.08
CA VAL F 332 21.54 2.33 -3.45
C VAL F 332 20.46 2.09 -2.38
N ASN F 333 19.26 2.59 -2.65
CA ASN F 333 18.12 2.48 -1.75
C ASN F 333 17.08 1.56 -2.40
N GLN F 334 15.88 1.51 -1.82
CA GLN F 334 14.84 0.64 -2.34
C GLN F 334 14.34 1.08 -3.70
N GLN F 335 14.69 2.28 -4.14
CA GLN F 335 14.29 2.71 -5.48
C GLN F 335 15.33 2.33 -6.52
N LYS F 336 16.42 1.69 -6.09
CA LYS F 336 17.38 1.04 -6.97
C LYS F 336 17.36 -0.47 -6.85
N LEU F 337 17.20 -0.98 -5.63
CA LEU F 337 17.27 -2.42 -5.37
C LEU F 337 16.04 -2.78 -4.53
N PRO F 338 15.02 -3.38 -5.15
CA PRO F 338 13.68 -3.46 -4.51
C PRO F 338 13.66 -4.15 -3.16
N VAL F 339 14.47 -5.20 -2.97
CA VAL F 339 14.38 -5.97 -1.73
C VAL F 339 14.81 -5.16 -0.53
N LEU F 340 15.49 -4.03 -0.74
CA LEU F 340 15.86 -3.16 0.37
C LEU F 340 14.64 -2.58 1.06
N ARG F 341 13.49 -2.49 0.36
CA ARG F 341 12.24 -2.13 1.02
C ARG F 341 11.96 -3.03 2.21
N TYR F 342 12.23 -4.32 2.03
CA TYR F 342 11.92 -5.36 3.03
CA TYR F 342 11.88 -5.28 3.07
C TYR F 342 13.02 -5.49 4.08
N LEU F 343 14.28 -5.38 3.67
CA LEU F 343 15.35 -5.34 4.66
C LEU F 343 15.29 -4.07 5.51
N ASN F 344 14.75 -2.99 4.97
CA ASN F 344 14.83 -1.65 5.57
C ASN F 344 16.29 -1.28 5.87
N MET F 345 17.13 -1.46 4.85
CA MET F 345 18.57 -1.26 4.88
C MET F 345 18.96 -0.66 3.54
N SER F 346 20.02 0.14 3.49
CA SER F 346 20.46 0.65 2.20
C SER F 346 21.95 0.93 2.28
N ALA F 347 22.53 1.33 1.15
CA ALA F 347 23.95 1.56 1.15
C ALA F 347 24.26 2.73 0.22
N GLU F 348 25.34 3.40 0.52
CA GLU F 348 25.82 4.53 -0.27
C GLU F 348 27.30 4.30 -0.56
N ARG F 349 27.71 4.57 -1.79
CA ARG F 349 29.11 4.57 -2.18
C ARG F 349 29.53 5.96 -2.61
N GLY F 350 30.65 6.42 -2.07
CA GLY F 350 31.11 7.78 -2.31
C GLY F 350 32.55 7.85 -2.77
N HIS F 351 32.83 8.79 -3.68
CA HIS F 351 34.18 9.04 -4.16
C HIS F 351 34.46 10.54 -4.07
N LEU F 352 35.33 10.94 -3.15
CA LEU F 352 35.72 12.34 -2.98
C LEU F 352 37.10 12.55 -3.62
N PHE F 353 37.20 13.51 -4.53
CA PHE F 353 38.51 13.85 -5.09
C PHE F 353 39.35 14.56 -4.02
N PRO F 354 40.66 14.67 -4.23
CA PRO F 354 41.53 15.28 -3.20
C PRO F 354 40.95 16.57 -2.65
N ASP F 355 40.96 16.68 -1.32
CA ASP F 355 40.57 17.88 -0.58
C ASP F 355 39.09 18.23 -0.71
N ALA F 356 38.28 17.39 -1.35
CA ALA F 356 36.86 17.64 -1.47
C ALA F 356 36.17 17.34 -0.13
N LEU F 357 34.94 17.87 0.01
CA LEU F 357 34.18 17.71 1.23
C LEU F 357 32.85 17.02 0.97
N TYR F 358 32.35 16.34 1.99
CA TYR F 358 30.96 15.91 2.05
C TYR F 358 30.23 16.91 2.93
N VAL F 359 29.24 17.59 2.35
CA VAL F 359 28.62 18.76 2.97
C VAL F 359 28.10 18.40 4.36
N PRO F 360 28.21 19.32 5.34
CA PRO F 360 27.66 19.03 6.66
C PRO F 360 26.18 18.71 6.56
N HIS F 361 25.72 17.78 7.39
CA HIS F 361 24.43 17.12 7.14
C HIS F 361 24.07 16.26 8.34
N TRP F 362 22.80 15.85 8.39
CA TRP F 362 22.39 14.85 9.35
C TRP F 362 21.42 13.87 8.70
N ALA F 363 21.48 12.64 9.15
CA ALA F 363 20.60 11.61 8.62
C ALA F 363 19.32 11.64 9.43
N GLN F 364 18.19 11.63 8.74
CA GLN F 364 16.94 11.82 9.47
C GLN F 364 16.31 10.52 9.91
N ASN F 365 16.58 9.41 9.22
CA ASN F 365 15.83 8.20 9.54
C ASN F 365 16.71 6.95 9.60
N ASN F 366 18.01 7.11 9.84
CA ASN F 366 18.91 5.97 9.79
C ASN F 366 20.18 6.26 10.59
N HIS F 367 20.70 5.19 11.19
CA HIS F 367 22.08 5.08 11.61
C HIS F 367 22.94 4.69 10.42
N ARG F 368 24.25 4.93 10.55
CA ARG F 368 25.20 4.64 9.48
C ARG F 368 26.45 4.00 10.05
N VAL F 369 26.91 2.95 9.37
CA VAL F 369 28.23 2.37 9.57
C VAL F 369 29.02 2.72 8.32
N ILE F 370 30.16 3.38 8.47
CA ILE F 370 30.98 3.76 7.33
C ILE F 370 32.22 2.88 7.33
N TYR F 371 32.56 2.37 6.13
CA TYR F 371 33.74 1.55 5.91
C TYR F 371 34.61 2.24 4.86
N VAL F 372 35.83 2.60 5.22
CA VAL F 372 36.71 3.31 4.29
C VAL F 372 37.39 2.32 3.36
N ILE F 373 37.19 2.49 2.06
CA ILE F 373 37.75 1.57 1.06
C ILE F 373 38.98 2.10 0.35
N ARG F 374 39.25 3.40 0.39
CA ARG F 374 40.40 3.95 -0.31
CA ARG F 374 40.43 3.93 -0.28
C ARG F 374 40.73 5.33 0.24
N GLY F 375 42.01 5.63 0.38
CA GLY F 375 42.36 6.99 0.75
C GLY F 375 42.15 7.32 2.22
N ASN F 376 41.94 8.60 2.51
CA ASN F 376 41.79 9.04 3.90
C ASN F 376 40.96 10.31 3.95
N ALA F 377 40.52 10.65 5.16
CA ALA F 377 39.70 11.84 5.31
C ALA F 377 39.72 12.27 6.77
N GLN F 378 39.40 13.54 6.97
CA GLN F 378 39.12 14.15 8.27
C GLN F 378 37.60 14.14 8.45
N VAL F 379 37.10 13.52 9.51
CA VAL F 379 35.66 13.42 9.77
C VAL F 379 35.37 14.10 11.12
N GLN F 380 34.32 14.90 11.17
CA GLN F 380 33.87 15.46 12.44
C GLN F 380 32.38 15.20 12.60
N ILE F 381 31.97 14.91 13.84
CA ILE F 381 30.57 14.65 14.17
C ILE F 381 30.21 15.47 15.40
N SER F 382 29.00 16.04 15.39
CA SER F 382 28.52 16.87 16.48
C SER F 382 27.17 16.38 16.98
N ASP F 383 26.91 16.54 18.27
CA ASP F 383 25.66 16.03 18.83
C ASP F 383 24.66 17.17 19.06
N ASP F 384 23.61 16.90 19.84
CA ASP F 384 22.51 17.85 20.04
C ASP F 384 22.83 18.94 21.06
N ASN F 385 24.02 18.94 21.67
CA ASN F 385 24.38 20.01 22.60
C ASN F 385 25.61 20.77 22.11
N GLY F 386 25.91 20.69 20.82
CA GLY F 386 27.06 21.39 20.30
C GLY F 386 28.40 20.76 20.60
N ASN F 387 28.42 19.54 21.14
CA ASN F 387 29.70 18.89 21.46
C ASN F 387 30.26 18.22 20.23
N ASN F 388 31.56 18.39 20.00
CA ASN F 388 32.23 17.53 19.03
C ASN F 388 32.38 16.12 19.61
N VAL F 389 31.84 15.12 18.93
CA VAL F 389 31.91 13.76 19.43
C VAL F 389 32.86 12.91 18.61
N PHE F 390 33.39 13.43 17.52
CA PHE F 390 34.27 12.68 16.64
C PHE F 390 35.09 13.68 15.84
N ASP F 391 36.40 13.51 15.84
CA ASP F 391 37.31 14.42 15.18
C ASP F 391 38.56 13.63 14.82
N ARG F 392 38.52 12.91 13.70
CA ARG F 392 39.58 11.96 13.42
C ARG F 392 39.93 11.95 11.94
N GLU F 393 41.19 11.59 11.66
CA GLU F 393 41.58 11.14 10.34
C GLU F 393 41.31 9.64 10.26
N ILE F 394 40.50 9.23 9.30
CA ILE F 394 40.18 7.82 9.08
C ILE F 394 40.90 7.37 7.80
N ARG F 395 41.40 6.13 7.80
CA ARG F 395 42.15 5.57 6.68
CA ARG F 395 42.12 5.59 6.65
C ARG F 395 41.49 4.27 6.19
N GLN F 396 42.03 3.74 5.10
CA GLN F 396 41.49 2.53 4.49
C GLN F 396 41.33 1.43 5.53
N GLY F 397 40.16 0.80 5.54
CA GLY F 397 39.87 -0.27 6.45
C GLY F 397 39.25 0.14 7.76
N ASN F 398 39.18 1.45 8.04
CA ASN F 398 38.57 1.95 9.27
C ASN F 398 37.05 1.83 9.21
N VAL F 399 36.45 1.57 10.37
CA VAL F 399 35.01 1.49 10.56
C VAL F 399 34.61 2.52 11.61
N PHE F 400 33.59 3.33 11.31
CA PHE F 400 33.04 4.20 12.34
C PHE F 400 31.55 4.37 12.11
N THR F 401 30.88 4.87 13.14
CA THR F 401 29.43 5.01 13.17
C THR F 401 29.07 6.49 13.18
N ILE F 402 28.02 6.84 12.44
CA ILE F 402 27.37 8.13 12.57
C ILE F 402 25.94 7.91 13.05
N PRO F 403 25.60 8.33 14.27
CA PRO F 403 24.26 8.08 14.79
C PRO F 403 23.22 8.92 14.07
N GLN F 404 22.01 8.35 13.98
CA GLN F 404 20.85 9.08 13.47
C GLN F 404 20.75 10.43 14.17
N PHE F 405 20.44 11.47 13.40
CA PHE F 405 20.27 12.84 13.88
C PHE F 405 21.57 13.58 14.16
N PHE F 406 22.71 12.87 14.36
CA PHE F 406 23.95 13.60 14.59
C PHE F 406 24.41 14.27 13.31
N ALA F 407 25.06 15.43 13.44
CA ALA F 407 25.56 16.13 12.27
C ALA F 407 26.98 15.66 11.99
N ALA F 408 27.32 15.58 10.72
CA ALA F 408 28.65 15.09 10.35
C ALA F 408 29.16 15.91 9.18
N ILE F 409 30.48 15.94 9.02
CA ILE F 409 31.11 16.57 7.87
C ILE F 409 32.40 15.81 7.60
N SER F 410 32.82 15.79 6.33
CA SER F 410 34.00 15.04 5.94
CA SER F 410 34.00 15.03 5.93
C SER F 410 34.84 15.87 4.96
N ARG F 411 36.17 15.82 5.13
CA ARG F 411 37.09 16.46 4.19
CA ARG F 411 37.12 16.48 4.23
C ARG F 411 38.15 15.46 3.79
N ALA F 412 38.18 15.12 2.51
CA ALA F 412 39.14 14.14 2.02
C ALA F 412 40.55 14.69 2.04
N GLY F 413 41.51 13.78 2.23
CA GLY F 413 42.91 14.13 2.17
C GLY F 413 43.33 14.38 0.75
N SER F 414 44.63 14.62 0.58
CA SER F 414 45.13 14.97 -0.76
C SER F 414 45.21 13.76 -1.71
N GLU F 415 44.85 12.56 -1.27
CA GLU F 415 44.71 11.41 -2.16
C GLU F 415 43.27 11.07 -2.48
N GLY F 416 42.31 11.90 -2.09
CA GLY F 416 40.92 11.51 -2.24
C GLY F 416 40.49 10.53 -1.15
N PHE F 417 39.22 10.12 -1.25
CA PHE F 417 38.55 9.38 -0.20
C PHE F 417 37.46 8.53 -0.85
N GLU F 418 37.41 7.24 -0.53
CA GLU F 418 36.32 6.41 -1.00
C GLU F 418 35.79 5.60 0.17
N TYR F 419 34.47 5.39 0.18
CA TYR F 419 33.86 4.80 1.36
C TYR F 419 32.56 4.12 0.93
N VAL F 420 32.12 3.18 1.75
CA VAL F 420 30.77 2.63 1.64
CA VAL F 420 30.77 2.61 1.65
C VAL F 420 30.07 2.87 2.97
N SER F 421 28.83 3.33 2.89
CA SER F 421 28.02 3.61 4.08
C SER F 421 26.84 2.66 4.05
N ILE F 422 26.63 1.90 5.14
CA ILE F 422 25.51 0.98 5.24
C ILE F 422 24.57 1.53 6.31
N LYS F 423 23.30 1.74 5.93
CA LYS F 423 22.37 2.54 6.71
C LYS F 423 21.14 1.73 7.10
N THR F 424 20.54 2.11 8.23
CA THR F 424 19.42 1.35 8.77
C THR F 424 18.08 1.91 8.28
N ALA F 425 17.99 2.17 6.98
CA ALA F 425 16.70 2.49 6.37
C ALA F 425 16.74 2.10 4.92
N GLY F 426 15.62 1.59 4.40
CA GLY F 426 15.57 1.34 2.98
C GLY F 426 15.39 2.57 2.12
N ASN F 427 14.86 3.65 2.70
CA ASN F 427 14.68 4.92 2.01
C ASN F 427 15.35 5.97 2.88
N PRO F 428 16.69 6.04 2.87
CA PRO F 428 17.37 6.98 3.76
C PRO F 428 17.09 8.42 3.33
N ASN F 429 17.06 9.30 4.32
CA ASN F 429 16.81 10.72 4.08
C ASN F 429 17.80 11.51 4.90
N LYS F 430 18.48 12.46 4.27
CA LYS F 430 19.36 13.36 5.02
C LYS F 430 19.04 14.81 4.66
N SER F 431 19.32 15.71 5.61
CA SER F 431 19.27 17.15 5.38
C SER F 431 20.71 17.64 5.28
N THR F 432 21.02 18.39 4.23
CA THR F 432 22.33 19.03 4.15
C THR F 432 22.22 20.48 4.63
N LEU F 433 23.34 21.02 5.15
CA LEU F 433 23.38 22.39 5.67
C LEU F 433 24.08 23.37 4.75
N ALA F 434 24.95 22.90 3.85
CA ALA F 434 25.65 23.74 2.90
C ALA F 434 25.36 23.25 1.49
N GLY F 435 25.20 24.19 0.56
CA GLY F 435 25.10 23.82 -0.84
C GLY F 435 23.68 23.98 -1.39
N ARG F 436 23.57 23.54 -2.64
CA ARG F 436 22.43 23.90 -3.48
CA ARG F 436 22.43 23.91 -3.47
C ARG F 436 21.10 23.34 -3.00
N THR F 437 21.11 22.24 -2.23
CA THR F 437 19.85 21.69 -1.76
C THR F 437 19.73 21.74 -0.24
N SER F 438 20.44 22.67 0.39
CA SER F 438 20.56 22.65 1.84
C SER F 438 19.32 23.22 2.50
N VAL F 439 19.11 22.82 3.75
CA VAL F 439 18.06 23.48 4.52
C VAL F 439 18.40 24.94 4.82
N ILE F 440 19.67 25.34 4.76
CA ILE F 440 20.00 26.75 5.01
C ILE F 440 19.44 27.63 3.90
N ARG F 441 19.62 27.21 2.64
CA ARG F 441 19.00 27.92 1.52
C ARG F 441 17.50 27.96 1.61
N ALA F 442 16.88 27.03 2.34
CA ALA F 442 15.44 27.00 2.49
C ALA F 442 14.92 28.02 3.51
N ILE F 443 15.80 28.61 4.33
CA ILE F 443 15.43 29.55 5.38
C ILE F 443 15.50 30.98 4.86
N PRO F 444 14.53 31.85 5.18
CA PRO F 444 14.65 33.24 4.74
C PRO F 444 15.94 33.86 5.24
N ALA F 445 16.55 34.73 4.43
CA ALA F 445 17.83 35.31 4.83
C ALA F 445 17.70 36.06 6.14
N ASP F 446 16.57 36.75 6.34
CA ASP F 446 16.40 37.54 7.55
C ASP F 446 16.20 36.66 8.78
N VAL F 447 15.70 35.43 8.59
CA VAL F 447 15.68 34.50 9.72
C VAL F 447 17.10 34.07 10.06
N LEU F 448 17.92 33.81 9.04
CA LEU F 448 19.32 33.49 9.31
C LEU F 448 20.01 34.66 9.97
N ALA F 449 19.76 35.87 9.47
CA ALA F 449 20.43 37.05 10.03
C ALA F 449 20.15 37.17 11.53
N ASN F 450 18.88 37.05 11.93
CA ASN F 450 18.56 37.16 13.34
C ASN F 450 19.01 35.94 14.14
N SER F 451 19.06 34.76 13.50
CA SER F 451 19.39 33.55 14.25
C SER F 451 20.85 33.51 14.64
N PHE F 452 21.73 33.88 13.70
CA PHE F 452 23.18 33.87 13.88
C PHE F 452 23.77 35.22 14.26
N GLN F 453 22.95 36.27 14.31
CA GLN F 453 23.44 37.63 14.54
C GLN F 453 24.49 38.00 13.48
N ILE F 454 24.06 37.94 12.23
CA ILE F 454 24.87 38.33 11.09
C ILE F 454 24.02 39.25 10.22
N SER F 455 24.68 39.88 9.27
CA SER F 455 23.96 40.79 8.39
C SER F 455 23.19 39.99 7.36
N PRO F 456 22.15 40.57 6.77
CA PRO F 456 21.51 39.89 5.64
C PRO F 456 22.49 39.55 4.53
N GLU F 457 23.57 40.32 4.36
CA GLU F 457 24.50 40.06 3.26
C GLU F 457 25.35 38.84 3.57
N GLU F 458 25.79 38.71 4.82
CA GLU F 458 26.40 37.48 5.31
C GLU F 458 25.46 36.29 5.21
N ALA F 459 24.18 36.50 5.52
CA ALA F 459 23.22 35.42 5.35
C ALA F 459 23.11 35.00 3.89
N GLN F 460 23.10 35.98 2.98
CA GLN F 460 23.01 35.66 1.57
C GLN F 460 24.19 34.80 1.12
N ARG F 461 25.37 35.04 1.67
CA ARG F 461 26.53 34.24 1.24
C ARG F 461 26.49 32.83 1.83
N LEU F 462 26.00 32.68 3.07
CA LEU F 462 25.73 31.35 3.59
C LEU F 462 24.86 30.55 2.63
N LYS F 463 23.81 31.18 2.09
CA LYS F 463 22.91 30.45 1.21
C LYS F 463 23.53 30.18 -0.15
N HIS F 464 24.34 31.09 -0.67
CA HIS F 464 24.66 31.08 -2.09
C HIS F 464 26.13 30.90 -2.46
N ASN F 465 27.06 30.91 -1.51
CA ASN F 465 28.47 30.94 -1.92
C ASN F 465 28.92 29.61 -2.51
N ARG F 466 28.20 28.53 -2.27
CA ARG F 466 28.51 27.22 -2.84
C ARG F 466 27.91 27.00 -4.22
N GLY F 467 27.07 27.90 -4.70
CA GLY F 467 26.59 27.82 -6.06
C GLY F 467 25.83 26.52 -6.31
N LYS F 468 26.32 25.75 -7.28
CA LYS F 468 25.66 24.56 -7.84
C LYS F 468 25.88 23.29 -7.03
N GLN F 469 26.91 23.24 -6.19
CA GLN F 469 27.29 22.00 -5.52
C GLN F 469 26.39 21.75 -4.32
N THR F 470 26.04 20.48 -4.10
CA THR F 470 25.12 20.14 -3.03
C THR F 470 25.78 19.25 -1.98
N LEU F 471 25.95 17.97 -2.28
CA LEU F 471 26.46 17.04 -1.29
C LEU F 471 27.98 16.90 -1.32
N VAL F 472 28.59 16.88 -2.50
CA VAL F 472 30.04 16.76 -2.62
C VAL F 472 30.56 18.08 -3.11
N LEU F 473 31.52 18.64 -2.37
CA LEU F 473 31.92 20.03 -2.54
C LEU F 473 33.41 20.09 -2.88
N SER F 474 33.76 20.92 -3.87
CA SER F 474 35.17 21.17 -4.17
C SER F 474 35.85 21.89 -3.03
N SER F 475 37.15 21.63 -2.85
CA SER F 475 37.90 22.48 -1.93
C SER F 475 37.69 23.94 -2.31
N SER F 476 37.35 24.77 -1.33
CA SER F 476 37.38 26.22 -1.58
C SER F 476 38.76 26.80 -1.36
N ARG F 477 39.74 25.97 -1.04
CA ARG F 477 41.07 26.39 -0.63
C ARG F 477 42.17 25.94 -1.59
N ILE F 478 42.15 24.69 -2.03
CA ILE F 478 43.24 24.11 -2.82
C ILE F 478 42.69 23.85 -4.21
N SER F 479 43.19 24.59 -5.19
CA SER F 479 42.74 24.40 -6.56
C SER F 479 43.35 23.11 -7.12
N GLU F 480 42.55 22.41 -7.93
CA GLU F 480 42.94 21.17 -8.59
C GLU F 480 41.67 20.35 -8.79
#